data_7UZX
#
_entry.id   7UZX
#
_symmetry.space_group_name_H-M   'P 1'
#
loop_
_entity.id
_entity.type
_entity.pdbx_description
1 polymer 'CRISPR system Cms endoribonuclease Csm3'
2 polymer 'CRISPR system Cms protein Csm4'
3 polymer 'CRISPR system single-strand-specific deoxyribonuclease Cas10/Csm1 (subtype III-A)'
4 polymer 'Staphylococcus epidermidis RP62A CRISPR RNA: Repeat plus Spacer sequence 2'
5 polymer 'CRISPR non-self RNA target'
#
loop_
_entity_poly.entity_id
_entity_poly.type
_entity_poly.pdbx_seq_one_letter_code
_entity_poly.pdbx_strand_id
1 'polypeptide(L)'
;MYSKIKISGTIEVVTGLHIGGGGESSMIGAIDSPVVRDLQTKLPIIPGSSIKGKMRNLLAKHFGLKMKQESHNQDDERVL
RLFGSSEKGNIQRARLQISDAFFSEKTKEHFAQNDIAYTETKFENTINRLTAVANPRQIERVTRGSEFDFVFIYNVDEES
QVEDDFENIEKAIHLLENDYLGGGGTRGNGRIQFKDTNIETVVGEYDSTNLKIK
;
A,B,C,D,E
2 'polypeptide(L)'
;MTLATKVFKLSFKTPVHFGKKRLSDGEMTITADTLFSALFIETLQLGKDTDWLLNDLIISDTFPYENELYYLPKPLIKID
SKEEDNHKAFKKLKYVPVHHYNQYLNGELSAEDATDLNDIFNIGYFSLQTKVSLIAQETDSSADSEPYSVGTFTFEPEAG
LYFIAKGSEETLDHLNNIMTALQYSGLGGKRNAGYGQFEYEIINNQQLSKLLNQNGKHSILLSTAMAKKEEIESALKEAR
YILTKRSGFVQSTNYSEMLVKKSDFYSFSSGSVFKNIFNGDIFNVGHNGKHPVYRYAKPLWLEV
;
H
3 'polypeptide(L)'
;MNKKNILMYGSLLHDIGKIIYRSGDHTFSRGTHSKLGHQFLSQFSEFKDNEVLDNVAYHHYKELAKANLDNDNTAYITYI
ADNIASGIDRRDIIEEGDEEYEKQLFNFDKYTPLYSVFNIVNSEKLKQTNGKFKFSNESNIEYPKTENIQYSSGNYTTLM
KDMSHDLEHKLSIKEGTFPSLLQWTESLWQYVPSSTNKNQLIDISLYDHSRITCAIASCIFDYLNENNIHNYKDELFSKY
ENTKSFYQKEAFLLLSMDMSGIQDFIYNISGSKALKSLRSRSFYLELMLEVIVDQLLERLELARANLLYTGGGHAYLLVS
NTDKVKKKITQFNNELKKWFMSEFTTDLSLSMAFEKCSGDDLMNTSGNYRTIWRNVSSKLSDIKAHKYSAEDILKLNHFH
SYGDRECKECLRSDIDINDDGLCSICEGIINISNDLRDKSFFVLSETGKLKMPFNKFISVIDYEEAEMLVQNNNQVRIYS
KNKPYIGIGISTNLWMCDYDYASQNQDMREKGIGSYVDREEGVKRLGVVRADIDNLGATFISGIPEKYNSISRTATLSRQ
LSLFFKYELNHLLENYQITAIYSGGDDLFLIGAWDDIIEASIYINDKFKEFTLDKLTLSAGVGMFSGKYPVSKMAFETGR
LEEAAKTGEKNQISLWLQEKVYNWDEFKKNILEEKLLVLQQGFSQTDEHGKAFIYKMLALLRNNEAINIARLAYLLARSK
MNEDFTSKIFNWAQNDKDKNQLITALEYYIYQIREAD
;
F
4 'polyribonucleotide' ACGAGAACUAGUAAUAAUUGUCAUUUGCAUACGUUAC G
5 'polyribonucleotide' AGCCUGGUAACGUAUGCAAAUGACAAUUAUUACUAUCCAG L
#
# COMPACT_ATOMS: atom_id res chain seq x y z
N TYR A 2 -8.58 -39.50 -1.35
CA TYR A 2 -8.17 -38.14 -0.99
C TYR A 2 -7.87 -38.02 0.48
N SER A 3 -6.60 -37.79 0.81
CA SER A 3 -6.16 -37.77 2.19
C SER A 3 -5.26 -36.57 2.46
N LYS A 4 -5.28 -36.10 3.70
CA LYS A 4 -4.48 -34.99 4.17
C LYS A 4 -3.70 -35.40 5.39
N ILE A 5 -2.39 -35.13 5.35
CA ILE A 5 -1.41 -35.54 6.35
C ILE A 5 -0.92 -34.30 7.08
N LYS A 6 -0.84 -34.38 8.39
CA LYS A 6 -0.51 -33.24 9.24
C LYS A 6 0.87 -33.40 9.85
N ILE A 7 1.62 -32.30 9.95
CA ILE A 7 2.94 -32.30 10.55
C ILE A 7 3.03 -31.13 11.52
N SER A 8 3.32 -31.42 12.78
CA SER A 8 3.37 -30.39 13.81
C SER A 8 4.66 -30.50 14.59
N GLY A 9 5.13 -29.36 15.09
CA GLY A 9 6.38 -29.39 15.83
C GLY A 9 6.75 -28.03 16.36
N THR A 10 7.99 -27.92 16.83
CA THR A 10 8.47 -26.73 17.54
C THR A 10 9.69 -26.15 16.85
N ILE A 11 9.66 -24.85 16.60
CA ILE A 11 10.81 -24.09 16.12
C ILE A 11 11.47 -23.44 17.32
N GLU A 12 12.78 -23.61 17.45
CA GLU A 12 13.55 -23.04 18.54
C GLU A 12 14.57 -22.07 17.98
N VAL A 13 14.67 -20.89 18.59
CA VAL A 13 15.55 -19.82 18.16
C VAL A 13 16.92 -20.02 18.81
N VAL A 14 17.96 -20.07 17.99
CA VAL A 14 19.33 -20.26 18.47
C VAL A 14 20.04 -18.94 18.65
N THR A 15 20.25 -18.20 17.57
CA THR A 15 20.68 -16.81 17.67
C THR A 15 19.51 -15.91 17.31
N GLY A 16 19.63 -14.65 17.69
CA GLY A 16 18.55 -13.70 17.52
C GLY A 16 17.92 -13.70 16.15
N LEU A 17 16.62 -13.46 16.08
CA LEU A 17 15.86 -13.57 14.85
C LEU A 17 15.15 -12.26 14.55
N HIS A 18 15.18 -11.86 13.28
CA HIS A 18 14.59 -10.59 12.83
C HIS A 18 13.84 -10.83 11.53
N ILE A 19 12.58 -11.24 11.62
CA ILE A 19 11.74 -11.25 10.43
C ILE A 19 11.42 -9.83 10.00
N GLY A 20 11.16 -8.96 10.96
CA GLY A 20 11.20 -7.53 10.69
C GLY A 20 10.39 -7.08 9.49
N GLY A 21 9.18 -7.60 9.36
CA GLY A 21 8.38 -7.27 8.20
C GLY A 21 7.73 -5.91 8.23
N GLY A 22 7.90 -5.15 9.30
CA GLY A 22 7.29 -3.83 9.36
C GLY A 22 7.80 -2.92 8.27
N GLY A 23 9.10 -2.97 8.01
CA GLY A 23 9.70 -2.13 6.98
C GLY A 23 10.47 -2.92 5.94
N SER A 33 12.84 -0.08 13.10
CA SER A 33 12.99 -1.44 12.62
C SER A 33 12.32 -2.44 13.55
N PRO A 34 11.00 -2.55 13.47
CA PRO A 34 10.29 -3.46 14.37
C PRO A 34 10.21 -4.89 13.84
N VAL A 35 9.64 -5.76 14.65
CA VAL A 35 9.41 -7.16 14.31
C VAL A 35 7.91 -7.35 14.15
N VAL A 36 7.52 -8.31 13.32
CA VAL A 36 6.10 -8.54 13.09
C VAL A 36 5.44 -9.08 14.34
N ARG A 37 4.26 -8.54 14.65
CA ARG A 37 3.54 -8.89 15.86
C ARG A 37 2.09 -9.18 15.54
N ASP A 38 1.51 -10.14 16.27
CA ASP A 38 0.06 -10.25 16.33
C ASP A 38 -0.49 -9.10 17.15
N LEU A 39 -1.65 -8.58 16.75
CA LEU A 39 -2.19 -7.39 17.39
C LEU A 39 -3.39 -7.69 18.30
N GLN A 40 -3.62 -8.95 18.61
CA GLN A 40 -4.50 -9.32 19.71
C GLN A 40 -3.73 -9.69 20.98
N THR A 41 -2.49 -10.13 20.83
CA THR A 41 -1.67 -10.56 21.96
C THR A 41 -0.40 -9.73 22.12
N LYS A 42 0.10 -9.11 21.06
CA LYS A 42 1.35 -8.33 21.07
C LYS A 42 2.54 -9.21 21.43
N LEU A 43 2.78 -10.19 20.57
CA LEU A 43 3.90 -11.12 20.67
C LEU A 43 4.40 -11.39 19.26
N PRO A 44 5.64 -11.86 19.12
CA PRO A 44 6.17 -12.09 17.78
C PRO A 44 5.59 -13.35 17.14
N ILE A 45 5.61 -13.38 15.81
CA ILE A 45 5.18 -14.54 15.02
C ILE A 45 6.15 -14.74 13.86
N ILE A 46 6.15 -15.95 13.32
CA ILE A 46 6.95 -16.32 12.16
C ILE A 46 6.01 -16.52 10.98
N PRO A 47 6.00 -15.62 10.00
CA PRO A 47 5.10 -15.80 8.86
C PRO A 47 5.49 -17.01 8.02
N GLY A 48 4.47 -17.65 7.43
CA GLY A 48 4.70 -18.86 6.68
C GLY A 48 5.21 -18.64 5.28
N SER A 49 4.97 -17.47 4.71
CA SER A 49 5.51 -17.16 3.41
C SER A 49 7.03 -17.03 3.44
N SER A 50 7.58 -16.57 4.57
CA SER A 50 9.03 -16.62 4.75
C SER A 50 9.55 -18.03 4.59
N ILE A 51 8.94 -18.99 5.28
CA ILE A 51 9.43 -20.36 5.27
C ILE A 51 9.29 -20.95 3.87
N LYS A 52 8.16 -20.70 3.21
CA LYS A 52 7.97 -21.25 1.87
C LYS A 52 8.96 -20.66 0.89
N GLY A 53 9.21 -19.35 0.96
CA GLY A 53 10.15 -18.75 0.03
C GLY A 53 11.57 -19.25 0.22
N LYS A 54 12.00 -19.37 1.48
CA LYS A 54 13.34 -19.86 1.72
C LYS A 54 13.50 -21.30 1.26
N MET A 55 12.51 -22.15 1.50
CA MET A 55 12.62 -23.52 1.03
C MET A 55 12.60 -23.59 -0.48
N ARG A 56 11.78 -22.77 -1.13
CA ARG A 56 11.80 -22.70 -2.58
C ARG A 56 13.20 -22.41 -3.09
N ASN A 57 13.81 -21.33 -2.58
CA ASN A 57 15.13 -20.94 -3.08
C ASN A 57 16.16 -22.04 -2.81
N LEU A 58 16.21 -22.56 -1.59
CA LEU A 58 17.25 -23.50 -1.24
C LEU A 58 17.13 -24.78 -2.05
N LEU A 59 15.95 -25.39 -2.05
CA LEU A 59 15.80 -26.67 -2.72
C LEU A 59 15.90 -26.51 -4.22
N ALA A 60 15.53 -25.35 -4.76
CA ALA A 60 15.70 -25.12 -6.19
C ALA A 60 17.18 -25.06 -6.55
N LYS A 61 17.96 -24.29 -5.79
CA LYS A 61 19.39 -24.22 -6.07
C LYS A 61 20.06 -25.56 -5.88
N HIS A 62 19.51 -26.45 -5.06
CA HIS A 62 20.08 -27.78 -4.92
C HIS A 62 20.18 -28.48 -6.28
N PHE A 63 19.05 -28.69 -6.93
CA PHE A 63 19.06 -29.23 -8.28
C PHE A 63 19.51 -28.16 -9.27
N GLY A 64 19.63 -28.56 -10.52
CA GLY A 64 20.13 -27.66 -11.55
C GLY A 64 19.29 -26.40 -11.71
N LEU A 65 19.96 -25.25 -11.61
CA LEU A 65 19.34 -23.95 -11.83
C LEU A 65 20.06 -23.28 -12.99
N LYS A 66 19.35 -23.09 -14.10
CA LYS A 66 19.93 -22.64 -15.35
C LYS A 66 19.68 -21.15 -15.54
N MET A 67 20.45 -20.55 -16.46
CA MET A 67 20.27 -19.14 -16.78
C MET A 67 18.88 -18.88 -17.36
N LYS A 68 18.49 -19.69 -18.34
CA LYS A 68 17.13 -19.60 -18.87
C LYS A 68 16.11 -19.95 -17.79
N GLN A 69 16.44 -20.92 -16.93
CA GLN A 69 15.60 -21.20 -15.77
C GLN A 69 15.75 -20.14 -14.69
N GLU A 70 16.78 -19.29 -14.79
CA GLU A 70 16.85 -18.13 -13.90
C GLU A 70 15.91 -17.03 -14.37
N SER A 71 15.73 -16.89 -15.68
CA SER A 71 14.97 -15.76 -16.18
C SER A 71 13.49 -15.85 -15.78
N HIS A 72 12.87 -17.01 -16.03
CA HIS A 72 11.42 -17.12 -16.04
C HIS A 72 10.82 -17.55 -14.70
N ASN A 73 11.62 -17.71 -13.65
CA ASN A 73 11.16 -18.13 -12.34
C ASN A 73 10.52 -19.51 -12.34
N GLN A 74 10.79 -20.29 -13.39
CA GLN A 74 10.47 -21.72 -13.45
C GLN A 74 11.62 -22.51 -12.86
N ASP A 75 11.31 -23.73 -12.41
CA ASP A 75 12.29 -24.51 -11.69
C ASP A 75 12.15 -25.96 -12.12
N ASP A 76 12.83 -26.85 -11.40
CA ASP A 76 12.77 -28.27 -11.73
C ASP A 76 11.34 -28.78 -11.56
N GLU A 77 11.06 -29.91 -12.22
CA GLU A 77 9.71 -30.47 -12.18
C GLU A 77 9.32 -30.86 -10.75
N ARG A 78 10.27 -31.41 -10.00
CA ARG A 78 9.98 -31.81 -8.63
C ARG A 78 9.62 -30.61 -7.76
N VAL A 79 10.39 -29.53 -7.89
CA VAL A 79 10.12 -28.33 -7.10
C VAL A 79 8.76 -27.76 -7.44
N LEU A 80 8.42 -27.70 -8.74
CA LEU A 80 7.10 -27.22 -9.12
C LEU A 80 6.01 -28.12 -8.58
N ARG A 81 6.25 -29.42 -8.57
CA ARG A 81 5.26 -30.36 -8.08
C ARG A 81 4.95 -30.11 -6.61
N LEU A 82 5.98 -29.83 -5.81
CA LEU A 82 5.74 -29.74 -4.38
C LEU A 82 5.25 -28.36 -3.94
N PHE A 83 5.54 -27.30 -4.71
CA PHE A 83 5.14 -25.95 -4.34
C PHE A 83 4.19 -25.31 -5.32
N GLY A 84 3.99 -25.89 -6.50
CA GLY A 84 3.02 -25.38 -7.44
C GLY A 84 3.57 -24.40 -8.44
N SER A 85 3.14 -24.50 -9.70
CA SER A 85 3.51 -23.52 -10.72
C SER A 85 2.30 -22.75 -11.22
N SER A 86 1.30 -23.45 -11.77
CA SER A 86 -0.04 -22.91 -12.02
C SER A 86 -0.01 -21.55 -12.71
N GLU A 87 1.05 -21.26 -13.47
CA GLU A 87 1.13 -20.04 -14.25
C GLU A 87 1.65 -20.23 -15.66
N LYS A 88 2.22 -21.38 -15.99
CA LYS A 88 2.99 -21.56 -17.21
C LYS A 88 2.13 -21.94 -18.41
N GLY A 89 0.82 -21.72 -18.35
CA GLY A 89 -0.04 -22.36 -19.32
C GLY A 89 -0.15 -23.86 -19.13
N ASN A 90 0.44 -24.38 -18.06
CA ASN A 90 0.26 -25.77 -17.61
C ASN A 90 0.14 -25.72 -16.10
N ILE A 91 -1.09 -25.60 -15.62
CA ILE A 91 -1.33 -25.34 -14.20
C ILE A 91 -0.81 -26.48 -13.35
N GLN A 92 -0.25 -26.12 -12.19
CA GLN A 92 0.25 -27.10 -11.21
C GLN A 92 -0.30 -26.68 -9.84
N ARG A 93 -1.13 -27.53 -9.25
CA ARG A 93 -1.67 -27.26 -7.93
C ARG A 93 -0.69 -27.74 -6.87
N ALA A 94 -0.53 -26.93 -5.82
CA ALA A 94 0.41 -27.24 -4.76
C ALA A 94 -0.07 -28.43 -3.93
N ARG A 95 0.85 -28.95 -3.13
CA ARG A 95 0.55 -30.07 -2.25
C ARG A 95 0.91 -29.82 -0.80
N LEU A 96 1.73 -28.83 -0.50
CA LEU A 96 2.21 -28.59 0.84
C LEU A 96 1.81 -27.19 1.27
N GLN A 97 0.90 -27.10 2.24
CA GLN A 97 0.39 -25.85 2.74
C GLN A 97 1.09 -25.54 4.06
N ILE A 98 1.72 -24.36 4.10
CA ILE A 98 2.52 -23.91 5.22
C ILE A 98 1.74 -22.83 5.95
N SER A 99 1.39 -23.08 7.20
CA SER A 99 0.72 -22.10 8.03
C SER A 99 1.75 -21.35 8.86
N ASP A 100 1.31 -20.28 9.50
CA ASP A 100 2.18 -19.49 10.34
C ASP A 100 2.57 -20.27 11.60
N ALA A 101 3.40 -19.65 12.42
CA ALA A 101 3.78 -20.19 13.72
C ALA A 101 3.70 -19.07 14.75
N PHE A 102 3.26 -19.40 15.95
CA PHE A 102 2.97 -18.41 16.98
C PHE A 102 3.74 -18.70 18.25
N PHE A 103 3.85 -17.67 19.08
CA PHE A 103 4.58 -17.80 20.34
C PHE A 103 3.89 -18.80 21.24
N SER A 104 4.67 -19.68 21.84
CA SER A 104 4.11 -20.78 22.62
C SER A 104 3.75 -20.33 24.03
N GLU A 105 2.80 -21.05 24.64
CA GLU A 105 2.33 -20.69 25.98
C GLU A 105 3.34 -21.12 27.04
N LYS A 106 4.00 -22.25 26.85
CA LYS A 106 5.05 -22.66 27.76
C LYS A 106 6.10 -21.56 27.91
N THR A 107 6.52 -20.99 26.79
CA THR A 107 7.58 -20.00 26.84
C THR A 107 7.10 -18.70 27.47
N LYS A 108 5.86 -18.29 27.22
CA LYS A 108 5.38 -17.06 27.83
C LYS A 108 5.24 -17.23 29.34
N GLU A 109 4.81 -18.42 29.78
CA GLU A 109 4.82 -18.72 31.20
C GLU A 109 6.22 -18.59 31.79
N HIS A 110 7.19 -19.24 31.16
CA HIS A 110 8.56 -19.21 31.68
C HIS A 110 9.09 -17.78 31.75
N PHE A 111 8.87 -16.99 30.71
CA PHE A 111 9.42 -15.65 30.67
C PHE A 111 8.76 -14.75 31.69
N ALA A 112 7.44 -14.87 31.86
CA ALA A 112 6.77 -14.08 32.89
C ALA A 112 7.23 -14.47 34.28
N GLN A 113 7.50 -15.76 34.50
CA GLN A 113 7.96 -16.19 35.82
C GLN A 113 9.34 -15.65 36.13
N ASN A 114 10.29 -15.81 35.21
CA ASN A 114 11.66 -15.36 35.45
C ASN A 114 11.89 -13.91 35.05
N ASP A 115 10.87 -13.20 34.58
CA ASP A 115 10.92 -11.78 34.23
C ASP A 115 12.02 -11.57 33.18
N ILE A 116 11.75 -12.09 31.99
CA ILE A 116 12.63 -11.95 30.84
C ILE A 116 11.86 -11.22 29.75
N ALA A 117 12.38 -10.07 29.33
CA ALA A 117 11.74 -9.32 28.26
C ALA A 117 11.84 -10.09 26.95
N TYR A 118 10.82 -9.95 26.12
CA TYR A 118 10.69 -10.73 24.90
C TYR A 118 11.55 -10.22 23.76
N THR A 119 12.12 -9.03 23.86
CA THR A 119 12.77 -8.42 22.71
C THR A 119 14.06 -7.72 23.11
N GLU A 120 15.10 -7.93 22.32
CA GLU A 120 16.39 -7.28 22.48
C GLU A 120 16.49 -6.13 21.49
N THR A 121 17.27 -5.12 21.86
CA THR A 121 17.58 -4.01 20.97
C THR A 121 19.10 -3.91 20.87
N LYS A 122 19.67 -4.58 19.87
CA LYS A 122 21.12 -4.54 19.66
C LYS A 122 21.50 -3.22 18.99
N PHE A 123 22.56 -2.60 19.50
CA PHE A 123 23.08 -1.36 18.95
C PHE A 123 24.28 -1.67 18.07
N GLU A 124 24.33 -1.08 16.89
CA GLU A 124 25.33 -1.42 15.90
C GLU A 124 25.93 -0.16 15.31
N ASN A 125 27.08 -0.32 14.66
CA ASN A 125 27.90 0.79 14.21
C ASN A 125 28.49 0.49 12.84
N THR A 126 28.74 1.52 12.05
CA THR A 126 29.49 1.35 10.82
C THR A 126 30.60 2.39 10.71
N ILE A 127 31.77 1.91 10.26
CA ILE A 127 32.97 2.70 10.05
C ILE A 127 33.22 2.82 8.55
N ASN A 128 33.08 4.02 8.01
CA ASN A 128 33.32 4.23 6.58
C ASN A 128 34.80 4.45 6.32
N ARG A 129 35.17 4.29 5.06
CA ARG A 129 36.56 4.44 4.66
C ARG A 129 36.87 5.91 4.36
N LEU A 130 38.18 6.24 4.38
CA LEU A 130 38.69 7.63 4.08
C LEU A 130 38.41 8.60 5.24
N THR A 131 37.37 8.38 6.03
CA THR A 131 36.99 9.33 7.07
C THR A 131 36.84 8.73 8.46
N ALA A 132 36.61 7.43 8.57
CA ALA A 132 36.54 6.73 9.85
C ALA A 132 35.54 7.35 10.83
N VAL A 133 34.57 8.11 10.35
CA VAL A 133 33.49 8.63 11.19
C VAL A 133 32.40 7.58 11.23
N ALA A 134 32.12 7.11 12.43
CA ALA A 134 31.14 6.03 12.46
C ALA A 134 29.72 6.59 12.42
N ASN A 135 28.72 5.76 12.20
CA ASN A 135 27.30 6.06 12.38
C ASN A 135 26.58 4.87 12.98
N PRO A 136 25.76 5.09 14.01
CA PRO A 136 25.13 3.98 14.73
C PRO A 136 23.69 3.69 14.31
N ARG A 137 23.12 2.63 14.84
CA ARG A 137 21.79 2.20 14.48
C ARG A 137 21.29 1.19 15.51
N GLN A 138 19.99 0.91 15.47
CA GLN A 138 19.32 0.04 16.42
C GLN A 138 18.56 -1.06 15.68
N ILE A 139 18.66 -2.29 16.15
CA ILE A 139 17.95 -3.42 15.54
C ILE A 139 17.26 -4.22 16.63
N GLU A 140 15.95 -4.42 16.48
CA GLU A 140 15.20 -5.26 17.41
C GLU A 140 15.25 -6.71 16.97
N ARG A 141 15.15 -7.61 17.94
CA ARG A 141 15.37 -9.01 17.65
C ARG A 141 14.78 -9.89 18.74
N VAL A 142 14.26 -11.05 18.35
CA VAL A 142 13.67 -11.98 19.30
C VAL A 142 14.76 -12.61 20.16
N THR A 143 14.41 -12.91 21.41
CA THR A 143 15.36 -13.51 22.33
C THR A 143 15.57 -14.98 22.02
N ARG A 144 16.73 -15.48 22.41
CA ARG A 144 17.04 -16.88 22.20
C ARG A 144 16.45 -17.71 23.32
N GLY A 145 16.11 -18.94 23.02
CA GLY A 145 15.36 -19.78 23.93
C GLY A 145 13.86 -19.71 23.71
N SER A 146 13.41 -18.78 22.87
CA SER A 146 12.01 -18.72 22.52
C SER A 146 11.62 -19.95 21.71
N GLU A 147 10.32 -20.20 21.64
CA GLU A 147 9.78 -21.30 20.88
C GLU A 147 8.59 -20.82 20.07
N PHE A 148 8.32 -21.53 18.97
CA PHE A 148 7.13 -21.30 18.17
C PHE A 148 6.57 -22.65 17.76
N ASP A 149 5.27 -22.68 17.48
CA ASP A 149 4.57 -23.91 17.14
C ASP A 149 4.17 -23.88 15.68
N PHE A 150 4.62 -24.87 14.90
CA PHE A 150 4.40 -24.88 13.46
C PHE A 150 3.58 -26.08 13.02
N VAL A 151 2.80 -25.88 11.96
CA VAL A 151 1.91 -26.89 11.39
C VAL A 151 1.98 -26.85 9.87
N PHE A 152 2.09 -28.02 9.25
CA PHE A 152 2.12 -28.22 7.81
C PHE A 152 1.01 -29.20 7.43
N ILE A 153 0.42 -29.02 6.25
CA ILE A 153 -0.56 -29.96 5.72
C ILE A 153 -0.12 -30.39 4.34
N TYR A 154 -0.18 -31.69 4.05
CA TYR A 154 0.23 -32.19 2.74
C TYR A 154 -0.88 -33.06 2.17
N ASN A 155 -1.17 -32.85 0.88
CA ASN A 155 -2.29 -33.49 0.20
C ASN A 155 -1.82 -34.66 -0.64
N VAL A 156 -2.50 -35.80 -0.51
CA VAL A 156 -2.17 -36.98 -1.32
C VAL A 156 -3.02 -36.90 -2.58
N ASP A 157 -2.51 -36.15 -3.56
CA ASP A 157 -3.13 -36.15 -4.89
C ASP A 157 -2.78 -37.38 -5.70
N GLU A 158 -1.71 -38.08 -5.33
CA GLU A 158 -1.31 -39.30 -6.01
C GLU A 158 -0.61 -40.19 -4.99
N GLU A 159 -0.83 -41.49 -5.08
CA GLU A 159 -0.34 -42.40 -4.06
C GLU A 159 1.16 -42.65 -4.18
N SER A 160 1.68 -42.73 -5.41
CA SER A 160 3.03 -43.24 -5.63
C SER A 160 4.11 -42.18 -5.50
N GLN A 161 3.76 -40.93 -5.21
CA GLN A 161 4.76 -39.87 -5.09
C GLN A 161 5.03 -39.45 -3.65
N VAL A 162 4.39 -40.09 -2.68
CA VAL A 162 4.46 -39.60 -1.30
C VAL A 162 5.87 -39.76 -0.75
N GLU A 163 6.49 -40.91 -0.97
CA GLU A 163 7.81 -41.16 -0.38
C GLU A 163 8.84 -40.20 -0.93
N ASP A 164 8.83 -39.97 -2.24
CA ASP A 164 9.75 -39.03 -2.85
C ASP A 164 9.51 -37.61 -2.35
N ASP A 165 8.24 -37.20 -2.24
CA ASP A 165 7.95 -35.85 -1.77
C ASP A 165 8.48 -35.63 -0.36
N PHE A 166 8.26 -36.60 0.54
CA PHE A 166 8.80 -36.44 1.89
C PHE A 166 10.31 -36.51 1.94
N GLU A 167 10.96 -37.29 1.07
CA GLU A 167 12.41 -37.20 0.99
C GLU A 167 12.86 -35.78 0.65
N ASN A 168 12.20 -35.16 -0.31
CA ASN A 168 12.58 -33.81 -0.70
C ASN A 168 12.33 -32.81 0.41
N ILE A 169 11.24 -32.98 1.16
CA ILE A 169 10.98 -32.08 2.29
C ILE A 169 12.05 -32.25 3.37
N GLU A 170 12.53 -33.48 3.56
CA GLU A 170 13.62 -33.69 4.51
C GLU A 170 14.87 -32.97 4.06
N LYS A 171 15.18 -33.00 2.76
CA LYS A 171 16.33 -32.25 2.28
C LYS A 171 16.16 -30.76 2.53
N ALA A 172 14.96 -30.23 2.29
CA ALA A 172 14.73 -28.81 2.54
C ALA A 172 14.91 -28.47 4.02
N ILE A 173 14.44 -29.34 4.92
CA ILE A 173 14.63 -29.10 6.35
C ILE A 173 16.11 -29.07 6.72
N HIS A 174 16.88 -30.03 6.22
CA HIS A 174 18.31 -30.06 6.50
C HIS A 174 18.97 -28.76 6.04
N LEU A 175 18.71 -28.38 4.79
CA LEU A 175 19.30 -27.17 4.24
C LEU A 175 18.91 -25.94 5.03
N LEU A 176 17.64 -25.82 5.42
CA LEU A 176 17.22 -24.64 6.16
C LEU A 176 17.84 -24.62 7.55
N GLU A 177 18.03 -25.78 8.16
CA GLU A 177 18.61 -25.80 9.49
C GLU A 177 20.10 -25.49 9.46
N ASN A 178 20.75 -25.60 8.30
CA ASN A 178 22.10 -25.06 8.14
C ASN A 178 22.11 -23.75 7.35
N ASP A 179 21.15 -22.86 7.60
CA ASP A 179 21.01 -21.59 6.88
C ASP A 179 20.40 -20.60 7.86
N TYR A 180 19.80 -19.53 7.34
CA TYR A 180 19.15 -18.56 8.21
C TYR A 180 17.76 -18.19 7.71
N LEU A 181 16.91 -17.78 8.65
CA LEU A 181 15.63 -17.15 8.37
C LEU A 181 15.71 -15.69 8.76
N GLY A 182 15.01 -14.85 8.01
CA GLY A 182 15.08 -13.43 8.26
C GLY A 182 16.33 -12.83 7.62
N GLY A 183 16.67 -11.63 8.08
CA GLY A 183 17.77 -10.89 7.53
C GLY A 183 18.96 -10.78 8.46
N GLY A 184 20.04 -10.26 7.92
CA GLY A 184 21.29 -10.21 8.64
C GLY A 184 21.84 -11.58 8.95
N GLY A 185 21.63 -12.55 8.06
CA GLY A 185 22.06 -13.90 8.33
C GLY A 185 23.55 -14.09 8.27
N THR A 186 24.21 -13.38 7.34
CA THR A 186 25.66 -13.45 7.25
C THR A 186 26.36 -12.73 8.39
N ARG A 187 25.68 -11.78 9.02
CA ARG A 187 26.25 -11.03 10.13
C ARG A 187 25.88 -11.62 11.48
N GLY A 188 25.19 -12.76 11.51
CA GLY A 188 24.95 -13.47 12.74
C GLY A 188 23.52 -13.89 13.01
N ASN A 189 22.57 -13.04 12.66
CA ASN A 189 21.20 -13.21 13.13
C ASN A 189 20.56 -14.46 12.54
N GLY A 190 19.52 -14.93 13.20
CA GLY A 190 18.56 -15.82 12.60
C GLY A 190 18.97 -17.26 12.41
N ARG A 191 19.17 -18.02 13.47
CA ARG A 191 19.39 -19.44 13.32
C ARG A 191 18.37 -20.22 14.13
N ILE A 192 17.92 -21.35 13.58
CA ILE A 192 16.77 -22.06 14.11
C ILE A 192 17.09 -23.55 14.19
N GLN A 193 16.26 -24.27 14.97
CA GLN A 193 16.19 -25.72 14.90
C GLN A 193 14.74 -26.15 15.02
N PHE A 194 14.48 -27.37 14.57
CA PHE A 194 13.17 -27.99 14.69
C PHE A 194 13.25 -29.14 15.67
N LYS A 195 12.21 -29.32 16.48
CA LYS A 195 12.22 -30.45 17.40
C LYS A 195 10.80 -30.89 17.70
N ASP A 196 10.70 -32.08 18.28
CA ASP A 196 9.45 -32.64 18.77
C ASP A 196 8.39 -32.69 17.66
N THR A 197 8.70 -33.39 16.59
CA THR A 197 7.81 -33.47 15.45
C THR A 197 6.78 -34.58 15.64
N ASN A 198 5.85 -34.67 14.69
CA ASN A 198 4.77 -35.65 14.76
C ASN A 198 4.08 -35.71 13.42
N ILE A 199 3.81 -36.92 12.94
CA ILE A 199 3.14 -37.16 11.67
C ILE A 199 1.84 -37.89 11.94
N GLU A 200 0.75 -37.44 11.31
CA GLU A 200 -0.54 -38.10 11.47
C GLU A 200 -1.39 -37.88 10.23
N THR A 201 -2.14 -38.92 9.84
CA THR A 201 -3.08 -38.84 8.74
C THR A 201 -4.37 -38.25 9.29
N VAL A 202 -4.56 -36.96 9.10
CA VAL A 202 -5.69 -36.33 9.76
C VAL A 202 -6.98 -36.57 8.99
N VAL A 203 -6.92 -36.71 7.67
CA VAL A 203 -8.12 -37.05 6.90
C VAL A 203 -7.76 -38.14 5.89
N GLY A 204 -8.64 -39.11 5.74
CA GLY A 204 -8.48 -40.11 4.71
C GLY A 204 -8.06 -41.46 5.27
N GLU A 205 -7.60 -42.32 4.38
CA GLU A 205 -7.23 -43.69 4.72
C GLU A 205 -5.85 -44.02 4.14
N TYR A 206 -4.88 -43.13 4.31
CA TYR A 206 -3.50 -43.37 3.92
C TYR A 206 -2.62 -43.41 5.16
N ASP A 207 -2.06 -44.57 5.46
CA ASP A 207 -1.22 -44.71 6.63
C ASP A 207 0.09 -43.95 6.47
N SER A 208 0.60 -43.41 7.56
CA SER A 208 1.76 -42.54 7.56
C SER A 208 2.68 -42.87 8.73
N THR A 209 2.86 -44.16 8.99
CA THR A 209 3.65 -44.58 10.13
C THR A 209 5.14 -44.69 9.81
N ASN A 210 5.48 -45.01 8.57
CA ASN A 210 6.87 -45.14 8.16
C ASN A 210 7.51 -43.81 7.79
N LEU A 211 6.76 -42.72 7.84
CA LEU A 211 7.21 -41.43 7.39
C LEU A 211 7.91 -40.69 8.51
N LYS A 212 8.87 -39.84 8.14
CA LYS A 212 9.62 -39.09 9.15
C LYS A 212 10.28 -37.89 8.50
N ILE A 213 10.28 -36.79 9.24
CA ILE A 213 11.00 -35.57 8.88
C ILE A 213 11.86 -35.20 10.08
N LYS A 214 13.18 -35.25 9.91
CA LYS A 214 14.10 -35.04 11.02
C LYS A 214 14.27 -33.55 11.36
N TYR B 2 -43.99 -31.71 5.75
CA TYR B 2 -42.86 -31.01 5.15
C TYR B 2 -42.17 -30.15 6.19
N SER B 3 -40.87 -30.35 6.37
CA SER B 3 -40.15 -29.73 7.46
C SER B 3 -38.92 -28.98 6.96
N LYS B 4 -38.59 -27.91 7.67
CA LYS B 4 -37.36 -27.14 7.46
C LYS B 4 -36.55 -27.15 8.74
N ILE B 5 -35.24 -27.38 8.60
CA ILE B 5 -34.30 -27.52 9.71
C ILE B 5 -33.23 -26.45 9.59
N LYS B 6 -32.84 -25.88 10.74
CA LYS B 6 -31.88 -24.79 10.82
C LYS B 6 -30.67 -25.22 11.63
N ILE B 7 -29.48 -25.05 11.07
CA ILE B 7 -28.23 -25.37 11.75
C ILE B 7 -27.47 -24.07 11.98
N SER B 8 -27.28 -23.71 13.24
CA SER B 8 -26.72 -22.42 13.61
C SER B 8 -25.42 -22.61 14.39
N GLY B 9 -24.54 -21.62 14.31
CA GLY B 9 -23.29 -21.74 15.02
C GLY B 9 -22.40 -20.54 14.78
N THR B 10 -21.13 -20.69 15.15
CA THR B 10 -20.15 -19.64 14.97
C THR B 10 -18.89 -20.21 14.35
N ILE B 11 -18.18 -19.38 13.60
CA ILE B 11 -16.89 -19.72 13.00
C ILE B 11 -15.85 -18.73 13.50
N GLU B 12 -14.72 -19.26 13.94
CA GLU B 12 -13.63 -18.47 14.49
C GLU B 12 -12.45 -18.46 13.53
N VAL B 13 -11.78 -17.32 13.44
CA VAL B 13 -10.64 -17.17 12.55
C VAL B 13 -9.36 -17.49 13.31
N VAL B 14 -8.65 -18.52 12.85
CA VAL B 14 -7.44 -18.97 13.53
C VAL B 14 -6.20 -18.25 13.03
N THR B 15 -5.98 -18.22 11.72
CA THR B 15 -4.98 -17.37 11.11
C THR B 15 -5.69 -16.40 10.19
N GLY B 16 -5.04 -15.29 9.88
CA GLY B 16 -5.66 -14.23 9.11
C GLY B 16 -6.41 -14.69 7.89
N LEU B 17 -7.51 -14.01 7.59
CA LEU B 17 -8.42 -14.39 6.51
C LEU B 17 -8.37 -13.35 5.42
N HIS B 18 -8.52 -13.78 4.18
CA HIS B 18 -8.47 -12.86 3.04
C HIS B 18 -9.41 -13.37 1.95
N ILE B 19 -10.58 -12.75 1.82
CA ILE B 19 -11.50 -13.07 0.74
C ILE B 19 -11.29 -12.16 -0.45
N GLY B 20 -11.24 -10.86 -0.22
CA GLY B 20 -10.74 -9.94 -1.23
C GLY B 20 -11.48 -9.91 -2.55
N GLY B 21 -12.80 -9.80 -2.51
CA GLY B 21 -13.54 -9.69 -3.75
C GLY B 21 -13.22 -8.40 -4.50
N GLY B 22 -12.98 -7.31 -3.76
CA GLY B 22 -12.68 -6.05 -4.41
C GLY B 22 -11.38 -6.08 -5.20
N GLY B 23 -10.35 -6.71 -4.63
CA GLY B 23 -9.06 -6.80 -5.29
C GLY B 23 -9.04 -7.76 -6.47
N ASP B 32 -4.51 -7.44 -4.24
CA ASP B 32 -5.82 -8.06 -3.90
C ASP B 32 -6.24 -7.56 -2.51
N SER B 33 -5.44 -6.66 -1.90
CA SER B 33 -5.70 -6.21 -0.50
C SER B 33 -7.19 -5.98 -0.18
N PRO B 34 -7.96 -5.07 -0.83
CA PRO B 34 -9.35 -4.79 -0.42
C PRO B 34 -10.21 -6.01 -0.06
N VAL B 35 -10.49 -6.22 1.23
CA VAL B 35 -11.31 -7.35 1.66
C VAL B 35 -12.78 -6.96 1.54
N VAL B 36 -13.61 -7.95 1.21
CA VAL B 36 -15.05 -7.69 1.09
C VAL B 36 -15.61 -7.23 2.41
N ARG B 37 -16.47 -6.21 2.34
CA ARG B 37 -17.13 -5.65 3.51
C ARG B 37 -18.56 -5.32 3.12
N ASP B 38 -19.25 -4.64 4.02
CA ASP B 38 -20.41 -3.86 3.62
C ASP B 38 -19.96 -2.43 3.31
N LEU B 39 -20.65 -1.81 2.37
CA LEU B 39 -20.24 -0.47 1.94
C LEU B 39 -20.70 0.62 2.89
N GLN B 40 -21.50 0.28 3.90
CA GLN B 40 -21.93 1.25 4.90
C GLN B 40 -21.26 1.06 6.25
N THR B 41 -21.39 -0.12 6.85
CA THR B 41 -20.85 -0.39 8.17
C THR B 41 -19.39 -0.80 8.15
N LYS B 42 -18.83 -1.09 6.97
CA LYS B 42 -17.41 -1.37 6.80
C LYS B 42 -16.95 -2.50 7.71
N LEU B 43 -17.77 -3.53 7.84
CA LEU B 43 -17.40 -4.68 8.65
C LEU B 43 -17.20 -5.90 7.77
N PRO B 44 -16.11 -6.64 7.96
CA PRO B 44 -15.85 -7.80 7.10
C PRO B 44 -16.93 -8.86 7.23
N ILE B 45 -17.17 -9.57 6.12
CA ILE B 45 -18.14 -10.65 6.08
C ILE B 45 -17.59 -11.75 5.18
N ILE B 46 -18.16 -12.93 5.32
CA ILE B 46 -17.83 -14.09 4.49
C ILE B 46 -19.04 -14.38 3.61
N PRO B 47 -18.96 -14.13 2.30
CA PRO B 47 -20.10 -14.43 1.43
C PRO B 47 -20.39 -15.91 1.38
N GLY B 48 -21.68 -16.25 1.21
CA GLY B 48 -22.10 -17.64 1.20
C GLY B 48 -21.70 -18.38 -0.06
N SER B 49 -21.48 -17.66 -1.15
CA SER B 49 -20.97 -18.32 -2.35
C SER B 49 -19.58 -18.88 -2.12
N SER B 50 -18.76 -18.17 -1.35
CA SER B 50 -17.43 -18.66 -1.01
C SER B 50 -17.50 -20.02 -0.32
N ILE B 51 -18.30 -20.10 0.74
CA ILE B 51 -18.42 -21.35 1.47
C ILE B 51 -19.01 -22.43 0.59
N LYS B 52 -20.04 -22.09 -0.18
CA LYS B 52 -20.70 -23.09 -1.02
C LYS B 52 -19.72 -23.67 -2.03
N GLY B 53 -18.95 -22.81 -2.68
CA GLY B 53 -18.00 -23.29 -3.66
C GLY B 53 -16.87 -24.11 -3.07
N LYS B 54 -16.32 -23.67 -1.94
CA LYS B 54 -15.24 -24.43 -1.33
C LYS B 54 -15.71 -25.79 -0.85
N MET B 55 -16.89 -25.84 -0.24
CA MET B 55 -17.44 -27.12 0.19
C MET B 55 -17.73 -28.02 -0.99
N ARG B 56 -18.26 -27.46 -2.07
CA ARG B 56 -18.52 -28.27 -3.27
C ARG B 56 -17.23 -28.87 -3.81
N ASN B 57 -16.18 -28.06 -3.92
CA ASN B 57 -14.92 -28.56 -4.44
C ASN B 57 -14.36 -29.66 -3.57
N LEU B 58 -14.35 -29.45 -2.25
CA LEU B 58 -13.78 -30.47 -1.36
C LEU B 58 -14.56 -31.77 -1.44
N LEU B 59 -15.89 -31.68 -1.34
CA LEU B 59 -16.70 -32.89 -1.31
C LEU B 59 -16.65 -33.63 -2.63
N ALA B 60 -16.60 -32.90 -3.75
CA ALA B 60 -16.41 -33.55 -5.04
C ALA B 60 -15.07 -34.26 -5.11
N LYS B 61 -14.00 -33.63 -4.61
CA LYS B 61 -12.71 -34.30 -4.59
C LYS B 61 -12.75 -35.56 -3.75
N HIS B 62 -13.56 -35.57 -2.68
CA HIS B 62 -13.68 -36.77 -1.86
C HIS B 62 -14.22 -37.93 -2.68
N PHE B 63 -15.23 -37.70 -3.51
CA PHE B 63 -15.85 -38.74 -4.29
C PHE B 63 -15.06 -38.99 -5.57
N ASP B 76 -21.29 -36.55 -8.87
CA ASP B 76 -22.08 -37.68 -8.39
C ASP B 76 -23.45 -37.20 -7.94
N GLU B 77 -24.34 -38.16 -7.67
CA GLU B 77 -25.72 -37.81 -7.37
C GLU B 77 -25.84 -37.11 -6.02
N ARG B 78 -24.87 -37.29 -5.13
CA ARG B 78 -24.96 -36.65 -3.81
C ARG B 78 -24.75 -35.14 -3.92
N VAL B 79 -23.70 -34.73 -4.62
CA VAL B 79 -23.47 -33.30 -4.83
C VAL B 79 -24.62 -32.70 -5.61
N LEU B 80 -25.17 -33.46 -6.55
CA LEU B 80 -26.26 -32.96 -7.36
C LEU B 80 -27.56 -32.84 -6.57
N ARG B 81 -27.82 -33.74 -5.62
CA ARG B 81 -29.04 -33.61 -4.84
C ARG B 81 -28.93 -32.53 -3.78
N LEU B 82 -27.72 -32.24 -3.31
CA LEU B 82 -27.57 -31.32 -2.20
C LEU B 82 -27.21 -29.91 -2.62
N PHE B 83 -26.46 -29.72 -3.70
CA PHE B 83 -26.17 -28.40 -4.22
C PHE B 83 -26.93 -28.10 -5.51
N GLY B 84 -27.37 -29.13 -6.23
CA GLY B 84 -28.24 -28.93 -7.35
C GLY B 84 -27.54 -28.57 -8.64
N SER B 85 -27.91 -29.23 -9.74
CA SER B 85 -27.31 -28.93 -11.04
C SER B 85 -28.33 -28.25 -11.95
N SER B 86 -29.43 -28.93 -12.27
CA SER B 86 -30.59 -28.32 -12.92
C SER B 86 -30.31 -27.78 -14.32
N GLU B 87 -29.20 -28.15 -14.97
CA GLU B 87 -29.11 -27.98 -16.42
C GLU B 87 -28.45 -29.11 -17.19
N LYS B 88 -28.06 -30.20 -16.55
CA LYS B 88 -27.30 -31.24 -17.25
C LYS B 88 -28.18 -32.20 -18.06
N GLY B 89 -29.39 -31.80 -18.44
CA GLY B 89 -30.37 -32.72 -18.99
C GLY B 89 -31.29 -33.31 -17.95
N ASN B 90 -30.91 -33.27 -16.68
CA ASN B 90 -31.78 -33.54 -15.55
C ASN B 90 -31.78 -32.34 -14.62
N ILE B 91 -32.91 -32.09 -13.97
CA ILE B 91 -33.14 -30.87 -13.20
C ILE B 91 -33.26 -31.25 -11.74
N GLN B 92 -32.31 -30.82 -10.91
CA GLN B 92 -32.35 -31.10 -9.48
C GLN B 92 -32.33 -29.78 -8.73
N ARG B 93 -33.20 -29.65 -7.75
CA ARG B 93 -33.34 -28.38 -7.02
C ARG B 93 -32.52 -28.41 -5.74
N ALA B 94 -31.94 -27.26 -5.41
CA ALA B 94 -31.04 -27.17 -4.27
C ALA B 94 -31.76 -27.54 -2.97
N ARG B 95 -31.07 -28.30 -2.14
CA ARG B 95 -31.62 -28.80 -0.90
C ARG B 95 -30.94 -28.23 0.32
N LEU B 96 -29.90 -27.44 0.16
CA LEU B 96 -29.22 -26.80 1.28
C LEU B 96 -28.99 -25.35 0.93
N GLN B 97 -29.37 -24.45 1.82
CA GLN B 97 -29.22 -23.02 1.61
C GLN B 97 -28.22 -22.47 2.62
N ILE B 98 -27.18 -21.82 2.12
CA ILE B 98 -26.10 -21.27 2.93
C ILE B 98 -26.21 -19.76 2.89
N SER B 99 -26.20 -19.14 4.06
CA SER B 99 -26.35 -17.70 4.18
C SER B 99 -25.02 -17.03 4.47
N ASP B 100 -25.01 -15.71 4.36
CA ASP B 100 -23.83 -14.93 4.66
C ASP B 100 -23.55 -14.95 6.16
N ALA B 101 -22.34 -14.54 6.52
CA ALA B 101 -21.91 -14.54 7.90
C ALA B 101 -21.54 -13.13 8.33
N PHE B 102 -21.70 -12.83 9.61
CA PHE B 102 -21.54 -11.48 10.12
C PHE B 102 -20.75 -11.48 11.42
N PHE B 103 -20.13 -10.33 11.70
CA PHE B 103 -19.43 -10.14 12.97
C PHE B 103 -20.40 -10.26 14.14
N SER B 104 -19.93 -10.86 15.23
CA SER B 104 -20.78 -11.10 16.39
C SER B 104 -20.63 -9.98 17.41
N GLU B 105 -21.63 -9.87 18.29
CA GLU B 105 -21.65 -8.80 19.28
C GLU B 105 -20.57 -8.97 20.34
N LYS B 106 -20.32 -10.21 20.75
CA LYS B 106 -19.28 -10.46 21.75
C LYS B 106 -17.93 -9.95 21.28
N THR B 107 -17.59 -10.24 20.02
CA THR B 107 -16.29 -9.84 19.51
C THR B 107 -16.20 -8.33 19.37
N LYS B 108 -17.28 -7.67 18.95
CA LYS B 108 -17.22 -6.22 18.84
C LYS B 108 -17.00 -5.59 20.20
N GLU B 109 -17.72 -6.06 21.22
CA GLU B 109 -17.54 -5.49 22.54
C GLU B 109 -16.13 -5.69 23.06
N HIS B 110 -15.61 -6.92 22.93
CA HIS B 110 -14.29 -7.20 23.49
C HIS B 110 -13.21 -6.39 22.79
N PHE B 111 -13.29 -6.31 21.46
CA PHE B 111 -12.30 -5.54 20.71
C PHE B 111 -12.39 -4.06 21.03
N ALA B 112 -13.61 -3.53 21.18
CA ALA B 112 -13.76 -2.12 21.51
C ALA B 112 -13.15 -1.81 22.87
N GLN B 113 -13.33 -2.71 23.84
CA GLN B 113 -12.72 -2.47 25.14
C GLN B 113 -11.20 -2.54 25.09
N ASN B 114 -10.65 -3.60 24.47
CA ASN B 114 -9.20 -3.74 24.43
C ASN B 114 -8.52 -2.80 23.44
N ASP B 115 -9.28 -2.07 22.64
CA ASP B 115 -8.73 -1.14 21.65
C ASP B 115 -7.87 -1.87 20.62
N ILE B 116 -8.53 -2.71 19.84
CA ILE B 116 -7.91 -3.44 18.73
C ILE B 116 -8.63 -3.06 17.44
N ALA B 117 -7.87 -2.90 16.36
CA ALA B 117 -8.48 -2.71 15.06
C ALA B 117 -9.10 -4.02 14.58
N TYR B 118 -9.96 -3.91 13.57
CA TYR B 118 -10.60 -5.09 13.02
C TYR B 118 -9.79 -5.76 11.93
N THR B 119 -8.86 -5.05 11.28
CA THR B 119 -8.16 -5.57 10.13
C THR B 119 -6.67 -5.24 10.21
N GLU B 120 -5.85 -6.16 9.73
CA GLU B 120 -4.40 -6.02 9.69
C GLU B 120 -3.95 -5.70 8.28
N THR B 121 -2.72 -5.18 8.16
CA THR B 121 -2.05 -5.00 6.88
C THR B 121 -0.70 -5.72 6.93
N LYS B 122 -0.45 -6.60 5.98
CA LYS B 122 0.78 -7.37 5.95
C LYS B 122 1.66 -6.93 4.79
N PHE B 123 2.95 -6.75 5.07
CA PHE B 123 3.92 -6.35 4.07
C PHE B 123 4.74 -7.56 3.63
N GLU B 124 4.85 -7.75 2.32
CA GLU B 124 5.61 -8.88 1.78
C GLU B 124 6.54 -8.40 0.68
N ASN B 125 7.31 -9.33 0.12
CA ASN B 125 8.43 -9.01 -0.76
C ASN B 125 8.59 -10.14 -1.77
N THR B 126 9.17 -9.80 -2.92
CA THR B 126 9.47 -10.79 -3.94
C THR B 126 10.88 -10.59 -4.44
N ILE B 127 11.53 -11.69 -4.79
CA ILE B 127 12.94 -11.74 -5.12
C ILE B 127 13.09 -12.19 -6.57
N ASN B 128 13.90 -11.48 -7.33
CA ASN B 128 14.17 -11.89 -8.70
C ASN B 128 15.31 -12.90 -8.73
N ARG B 129 15.08 -14.00 -9.43
CA ARG B 129 16.16 -14.90 -9.77
C ARG B 129 17.09 -14.19 -10.75
N LEU B 130 18.39 -14.47 -10.67
CA LEU B 130 19.37 -13.95 -11.62
C LEU B 130 19.65 -12.47 -11.44
N THR B 131 18.89 -11.80 -10.59
CA THR B 131 19.02 -10.36 -10.42
C THR B 131 19.04 -9.94 -8.95
N ALA B 132 18.54 -10.78 -8.05
CA ALA B 132 18.57 -10.55 -6.60
C ALA B 132 18.04 -9.18 -6.20
N VAL B 133 17.17 -8.59 -6.99
CA VAL B 133 16.50 -7.35 -6.60
C VAL B 133 15.10 -7.69 -6.12
N ALA B 134 14.66 -7.01 -5.07
CA ALA B 134 13.40 -7.33 -4.41
C ALA B 134 12.41 -6.17 -4.57
N ASN B 135 11.14 -6.51 -4.63
CA ASN B 135 10.07 -5.51 -4.75
C ASN B 135 8.90 -5.88 -3.86
N PRO B 136 8.17 -4.90 -3.34
CA PRO B 136 7.24 -5.15 -2.23
C PRO B 136 5.81 -5.44 -2.65
N ARG B 137 5.00 -5.79 -1.65
CA ARG B 137 3.57 -6.04 -1.77
C ARG B 137 2.89 -5.73 -0.45
N GLN B 138 1.57 -5.49 -0.52
CA GLN B 138 0.74 -5.39 0.66
C GLN B 138 -0.48 -6.28 0.51
N ILE B 139 -0.86 -6.94 1.60
CA ILE B 139 -2.06 -7.77 1.65
C ILE B 139 -2.84 -7.44 2.91
N GLU B 140 -4.09 -7.01 2.74
CA GLU B 140 -4.95 -6.68 3.85
C GLU B 140 -5.66 -7.93 4.32
N ARG B 141 -5.85 -8.07 5.63
CA ARG B 141 -6.17 -9.38 6.17
C ARG B 141 -6.92 -9.28 7.49
N VAL B 142 -8.03 -10.01 7.59
CA VAL B 142 -8.88 -9.93 8.78
C VAL B 142 -8.14 -10.49 9.99
N THR B 143 -8.34 -9.85 11.14
CA THR B 143 -7.54 -10.09 12.33
C THR B 143 -7.81 -11.47 12.93
N ARG B 144 -6.83 -11.93 13.69
CA ARG B 144 -6.92 -13.20 14.41
C ARG B 144 -7.86 -13.09 15.59
N GLY B 145 -8.60 -14.17 15.85
CA GLY B 145 -9.44 -14.27 17.02
C GLY B 145 -10.86 -13.79 16.84
N SER B 146 -11.19 -13.15 15.72
CA SER B 146 -12.55 -12.68 15.50
C SER B 146 -13.53 -13.84 15.38
N GLU B 147 -14.81 -13.52 15.39
CA GLU B 147 -15.88 -14.51 15.35
C GLU B 147 -16.98 -14.08 14.41
N PHE B 148 -17.62 -15.06 13.76
CA PHE B 148 -18.75 -14.81 12.88
C PHE B 148 -19.88 -15.78 13.21
N ASP B 149 -21.11 -15.36 12.97
CA ASP B 149 -22.31 -16.16 13.22
C ASP B 149 -22.89 -16.63 11.89
N PHE B 150 -23.34 -17.88 11.85
CA PHE B 150 -23.83 -18.45 10.61
C PHE B 150 -25.03 -19.36 10.85
N VAL B 151 -25.89 -19.46 9.83
CA VAL B 151 -27.04 -20.35 9.82
C VAL B 151 -27.18 -21.00 8.44
N PHE B 152 -27.48 -22.29 8.43
CA PHE B 152 -27.81 -23.05 7.23
C PHE B 152 -29.22 -23.56 7.32
N ILE B 153 -29.88 -23.74 6.17
CA ILE B 153 -31.22 -24.30 6.12
C ILE B 153 -31.21 -25.55 5.27
N TYR B 154 -31.94 -26.57 5.71
CA TYR B 154 -32.12 -27.81 4.97
C TYR B 154 -33.62 -28.07 4.83
N ASN B 155 -34.06 -28.36 3.61
CA ASN B 155 -35.45 -28.62 3.30
C ASN B 155 -35.67 -30.12 3.16
N VAL B 156 -36.47 -30.70 4.05
CA VAL B 156 -36.59 -32.16 4.05
C VAL B 156 -37.56 -32.58 2.95
N ASP B 157 -37.02 -32.91 1.78
CA ASP B 157 -37.85 -33.37 0.68
C ASP B 157 -38.01 -34.88 0.63
N GLU B 158 -37.14 -35.62 1.30
CA GLU B 158 -37.25 -37.08 1.34
C GLU B 158 -36.87 -37.53 2.74
N GLU B 159 -37.79 -38.26 3.39
CA GLU B 159 -37.58 -38.63 4.78
C GLU B 159 -36.43 -39.64 4.91
N SER B 160 -36.29 -40.53 3.96
CA SER B 160 -35.34 -41.64 4.10
C SER B 160 -33.92 -41.28 3.72
N GLN B 161 -33.58 -39.99 3.73
CA GLN B 161 -32.27 -39.54 3.25
C GLN B 161 -31.60 -38.54 4.16
N VAL B 162 -32.23 -38.14 5.26
CA VAL B 162 -31.69 -37.04 6.05
C VAL B 162 -30.40 -37.45 6.72
N GLU B 163 -30.30 -38.70 7.16
CA GLU B 163 -29.07 -39.19 7.77
C GLU B 163 -27.92 -39.15 6.78
N ASP B 164 -28.16 -39.58 5.53
CA ASP B 164 -27.11 -39.55 4.52
C ASP B 164 -26.68 -38.13 4.22
N ASP B 165 -27.64 -37.22 4.04
CA ASP B 165 -27.29 -35.85 3.74
C ASP B 165 -26.48 -35.23 4.89
N PHE B 166 -26.82 -35.57 6.12
CA PHE B 166 -26.09 -34.97 7.23
C PHE B 166 -24.72 -35.60 7.44
N GLU B 167 -24.56 -36.88 7.14
CA GLU B 167 -23.22 -37.45 7.07
C GLU B 167 -22.35 -36.69 6.08
N ASN B 168 -22.89 -36.42 4.88
CA ASN B 168 -22.09 -35.72 3.88
C ASN B 168 -21.76 -34.29 4.31
N ILE B 169 -22.72 -33.59 4.91
CA ILE B 169 -22.44 -32.22 5.33
C ILE B 169 -21.40 -32.21 6.45
N GLU B 170 -21.44 -33.21 7.34
CA GLU B 170 -20.41 -33.31 8.37
C GLU B 170 -19.03 -33.50 7.76
N LYS B 171 -18.93 -34.36 6.75
CA LYS B 171 -17.64 -34.57 6.10
C LYS B 171 -17.14 -33.28 5.46
N ALA B 172 -18.03 -32.52 4.84
CA ALA B 172 -17.61 -31.28 4.21
C ALA B 172 -17.07 -30.30 5.24
N ILE B 173 -17.73 -30.18 6.40
CA ILE B 173 -17.25 -29.24 7.40
C ILE B 173 -15.91 -29.69 7.96
N HIS B 174 -15.72 -30.99 8.14
CA HIS B 174 -14.42 -31.51 8.56
C HIS B 174 -13.31 -31.10 7.57
N LEU B 175 -13.54 -31.38 6.28
CA LEU B 175 -12.54 -31.04 5.28
C LEU B 175 -12.23 -29.56 5.26
N LEU B 176 -13.27 -28.72 5.33
CA LEU B 176 -13.01 -27.28 5.32
C LEU B 176 -12.30 -26.82 6.58
N GLU B 177 -12.51 -27.53 7.69
CA GLU B 177 -11.77 -27.20 8.91
C GLU B 177 -10.29 -27.45 8.74
N ASN B 178 -9.92 -28.53 8.03
CA ASN B 178 -8.52 -28.84 7.81
C ASN B 178 -7.99 -28.27 6.51
N ASP B 179 -8.49 -27.13 6.06
CA ASP B 179 -8.15 -26.54 4.78
C ASP B 179 -8.23 -25.04 4.98
N TYR B 180 -8.32 -24.27 3.90
CA TYR B 180 -8.36 -22.83 4.03
C TYR B 180 -9.51 -22.24 3.24
N LEU B 181 -9.95 -21.06 3.67
CA LEU B 181 -10.90 -20.25 2.93
C LEU B 181 -10.21 -18.99 2.43
N GLY B 182 -10.59 -18.57 1.24
CA GLY B 182 -10.07 -17.34 0.69
C GLY B 182 -8.89 -17.54 -0.23
N GLY B 183 -8.03 -16.54 -0.27
CA GLY B 183 -6.89 -16.51 -1.16
C GLY B 183 -5.58 -16.51 -0.42
N GLY B 184 -4.55 -17.06 -1.06
CA GLY B 184 -3.23 -17.13 -0.47
C GLY B 184 -3.14 -18.04 0.73
N GLY B 185 -3.79 -19.20 0.67
CA GLY B 185 -3.75 -20.13 1.77
C GLY B 185 -2.60 -21.07 1.78
N THR B 186 -1.94 -21.24 0.63
CA THR B 186 -0.71 -22.02 0.59
C THR B 186 0.42 -21.34 1.33
N ARG B 187 0.32 -20.02 1.52
CA ARG B 187 1.32 -19.25 2.22
C ARG B 187 0.92 -18.89 3.65
N GLY B 188 -0.27 -19.30 4.10
CA GLY B 188 -0.57 -19.18 5.51
C GLY B 188 -1.82 -18.45 5.94
N ASN B 189 -2.82 -18.32 5.09
CA ASN B 189 -4.03 -17.59 5.43
C ASN B 189 -5.25 -18.49 5.39
N GLY B 190 -6.28 -18.08 6.13
CA GLY B 190 -7.62 -18.58 5.93
C GLY B 190 -8.14 -19.58 6.95
N ARG B 191 -7.30 -20.13 7.82
CA ARG B 191 -7.72 -21.27 8.62
C ARG B 191 -8.81 -20.88 9.60
N ILE B 192 -9.83 -21.74 9.72
CA ILE B 192 -11.04 -21.43 10.48
C ILE B 192 -11.43 -22.63 11.35
N GLN B 193 -12.27 -22.36 12.35
CA GLN B 193 -12.84 -23.39 13.19
C GLN B 193 -14.34 -23.14 13.35
N PHE B 194 -15.06 -24.19 13.76
CA PHE B 194 -16.50 -24.15 13.95
C PHE B 194 -16.86 -24.49 15.39
N LYS B 195 -17.63 -23.62 16.04
CA LYS B 195 -18.00 -23.76 17.44
C LYS B 195 -19.50 -23.56 17.62
N ASP B 196 -20.02 -24.08 18.74
CA ASP B 196 -21.31 -23.70 19.29
C ASP B 196 -22.47 -23.99 18.32
N THR B 197 -22.67 -25.27 18.05
CA THR B 197 -23.70 -25.70 17.11
C THR B 197 -25.04 -25.94 17.80
N ASN B 198 -26.11 -25.54 17.13
CA ASN B 198 -27.47 -25.84 17.58
C ASN B 198 -28.30 -26.25 16.37
N ILE B 199 -29.03 -27.35 16.50
CA ILE B 199 -29.77 -27.95 15.39
C ILE B 199 -31.23 -28.06 15.78
N GLU B 200 -32.06 -27.15 15.24
CA GLU B 200 -33.46 -27.04 15.61
C GLU B 200 -34.34 -27.18 14.38
N THR B 201 -35.43 -27.92 14.54
CA THR B 201 -36.45 -28.07 13.51
C THR B 201 -37.39 -26.89 13.59
N VAL B 202 -37.44 -26.08 12.52
CA VAL B 202 -38.11 -24.80 12.58
C VAL B 202 -39.44 -24.77 11.86
N VAL B 203 -39.69 -25.70 10.93
CA VAL B 203 -41.03 -25.85 10.37
C VAL B 203 -41.35 -27.34 10.29
N GLY B 204 -42.51 -27.72 10.80
CA GLY B 204 -42.96 -29.09 10.72
C GLY B 204 -42.85 -29.80 12.06
N GLU B 205 -42.91 -31.13 11.99
CA GLU B 205 -42.89 -32.00 13.17
C GLU B 205 -41.98 -33.21 12.92
N TYR B 206 -40.74 -32.95 12.51
CA TYR B 206 -39.74 -33.98 12.34
C TYR B 206 -38.72 -33.87 13.46
N ASP B 207 -38.27 -35.01 13.96
CA ASP B 207 -37.47 -35.08 15.18
C ASP B 207 -35.98 -34.92 14.85
N SER B 208 -35.45 -33.74 15.14
CA SER B 208 -34.05 -33.41 14.90
C SER B 208 -33.38 -32.94 16.18
N THR B 209 -33.68 -33.60 17.29
CA THR B 209 -32.96 -33.35 18.54
C THR B 209 -31.81 -34.33 18.74
N ASN B 210 -31.53 -35.18 17.76
CA ASN B 210 -30.48 -36.18 17.86
C ASN B 210 -29.31 -35.93 16.91
N LEU B 211 -29.46 -35.01 15.96
CA LEU B 211 -28.40 -34.77 14.99
C LEU B 211 -27.21 -34.06 15.62
N LYS B 212 -26.05 -34.21 14.99
CA LYS B 212 -24.84 -33.53 15.41
C LYS B 212 -24.06 -33.08 14.19
N ILE B 213 -23.52 -31.86 14.27
CA ILE B 213 -22.58 -31.33 13.27
C ILE B 213 -21.46 -30.66 14.03
N LYS B 214 -20.22 -31.06 13.76
CA LYS B 214 -19.08 -30.54 14.51
C LYS B 214 -18.11 -29.79 13.61
N TYR C 2 26.19 -28.47 -5.32
CA TYR C 2 25.98 -27.59 -4.17
C TYR C 2 26.54 -28.22 -2.91
N SER C 3 27.21 -27.43 -2.08
CA SER C 3 27.77 -27.93 -0.84
C SER C 3 27.94 -26.79 0.15
N LYS C 4 27.78 -27.11 1.43
CA LYS C 4 28.10 -26.21 2.52
C LYS C 4 29.09 -26.92 3.41
N ILE C 5 30.14 -26.19 3.81
CA ILE C 5 31.26 -26.69 4.59
C ILE C 5 31.29 -25.95 5.91
N LYS C 6 31.59 -26.67 7.00
CA LYS C 6 31.55 -26.10 8.34
C LYS C 6 32.95 -25.90 8.90
N ILE C 7 33.18 -24.72 9.46
CA ILE C 7 34.35 -24.42 10.26
C ILE C 7 33.89 -24.18 11.69
N SER C 8 34.69 -24.58 12.66
CA SER C 8 34.31 -24.42 14.05
C SER C 8 35.56 -24.25 14.89
N GLY C 9 35.41 -23.60 16.05
CA GLY C 9 36.57 -23.48 16.90
C GLY C 9 36.27 -22.67 18.14
N THR C 10 37.34 -22.35 18.87
CA THR C 10 37.29 -21.62 20.12
C THR C 10 38.10 -20.34 19.99
N ILE C 11 37.56 -19.26 20.53
CA ILE C 11 38.25 -18.00 20.67
C ILE C 11 38.77 -17.91 22.09
N GLU C 12 40.05 -17.58 22.24
CA GLU C 12 40.69 -17.45 23.54
C GLU C 12 41.01 -15.99 23.80
N VAL C 13 40.57 -15.48 24.94
CA VAL C 13 40.74 -14.08 25.29
C VAL C 13 42.08 -13.91 25.99
N VAL C 14 42.94 -13.06 25.43
CA VAL C 14 44.30 -12.89 25.95
C VAL C 14 44.39 -11.70 26.90
N THR C 15 43.95 -10.54 26.46
CA THR C 15 43.76 -9.39 27.33
C THR C 15 42.28 -9.05 27.37
N GLY C 16 41.94 -7.98 28.08
CA GLY C 16 40.54 -7.69 28.31
C GLY C 16 39.80 -7.42 27.00
N LEU C 17 38.56 -7.89 26.94
CA LEU C 17 37.70 -7.68 25.79
C LEU C 17 36.52 -6.81 26.20
N HIS C 18 36.27 -5.74 25.45
CA HIS C 18 35.18 -4.82 25.73
C HIS C 18 34.45 -4.48 24.44
N ILE C 19 33.45 -5.29 24.09
CA ILE C 19 32.66 -5.01 22.91
C ILE C 19 31.69 -3.86 23.18
N GLY C 20 31.02 -3.91 24.32
CA GLY C 20 30.16 -2.80 24.71
C GLY C 20 28.98 -2.58 23.78
N GLY C 21 28.42 -3.66 23.24
CA GLY C 21 27.37 -3.53 22.25
C GLY C 21 26.17 -2.75 22.73
N GLY C 22 25.94 -2.75 24.04
CA GLY C 22 24.89 -1.91 24.61
C GLY C 22 25.29 -0.49 24.87
N GLY C 23 26.55 -0.16 24.63
CA GLY C 23 27.04 1.19 24.87
C GLY C 23 27.39 1.93 23.60
N SER C 33 29.39 2.27 31.46
CA SER C 33 30.07 1.67 30.32
C SER C 33 30.02 0.16 30.37
N PRO C 34 28.85 -0.40 30.13
CA PRO C 34 28.64 -1.85 30.28
C PRO C 34 29.10 -2.61 29.05
N VAL C 35 28.88 -3.92 29.07
CA VAL C 35 29.19 -4.79 27.95
C VAL C 35 27.89 -5.27 27.34
N VAL C 36 28.00 -6.02 26.25
CA VAL C 36 26.83 -6.60 25.61
C VAL C 36 26.57 -7.97 26.19
N ARG C 37 25.33 -8.24 26.58
CA ARG C 37 24.99 -9.45 27.31
C ARG C 37 23.75 -10.08 26.72
N ASP C 38 23.66 -11.40 26.88
CA ASP C 38 22.39 -12.08 26.71
C ASP C 38 21.47 -11.72 27.87
N LEU C 39 20.17 -11.99 27.69
CA LEU C 39 19.23 -11.80 28.78
C LEU C 39 18.35 -13.01 29.04
N GLN C 40 18.72 -14.17 28.49
CA GLN C 40 18.24 -15.43 29.01
C GLN C 40 19.18 -16.01 30.05
N THR C 41 20.46 -15.65 29.98
CA THR C 41 21.47 -16.15 30.91
C THR C 41 22.26 -15.04 31.58
N LYS C 42 22.33 -13.84 30.99
CA LYS C 42 23.04 -12.68 31.54
C LYS C 42 24.54 -12.92 31.62
N LEU C 43 25.13 -13.23 30.47
CA LEU C 43 26.55 -13.45 30.31
C LEU C 43 27.01 -12.73 29.05
N PRO C 44 28.30 -12.43 28.93
CA PRO C 44 28.77 -11.74 27.73
C PRO C 44 28.74 -12.64 26.50
N ILE C 45 28.67 -12.00 25.34
CA ILE C 45 28.78 -12.69 24.05
C ILE C 45 29.64 -11.85 23.13
N ILE C 46 30.09 -12.46 22.04
CA ILE C 46 30.78 -11.78 20.96
C ILE C 46 29.87 -11.79 19.74
N PRO C 47 29.35 -10.65 19.30
CA PRO C 47 28.51 -10.64 18.11
C PRO C 47 29.30 -10.96 16.85
N GLY C 48 28.61 -11.54 15.88
CA GLY C 48 29.25 -11.85 14.62
C GLY C 48 29.53 -10.64 13.76
N SER C 49 28.78 -9.55 13.97
CA SER C 49 28.97 -8.37 13.15
C SER C 49 30.38 -7.82 13.30
N SER C 50 30.87 -7.73 14.54
CA SER C 50 32.18 -7.15 14.79
C SER C 50 33.29 -8.00 14.17
N ILE C 51 33.19 -9.32 14.31
CA ILE C 51 34.18 -10.20 13.70
C ILE C 51 34.22 -10.01 12.19
N LYS C 52 33.05 -10.02 11.55
CA LYS C 52 33.00 -9.86 10.11
C LYS C 52 33.61 -8.54 9.69
N GLY C 53 33.22 -7.45 10.34
CA GLY C 53 33.71 -6.15 9.95
C GLY C 53 35.21 -6.00 10.10
N LYS C 54 35.76 -6.52 11.21
CA LYS C 54 37.19 -6.37 11.44
C LYS C 54 38.00 -7.19 10.44
N MET C 55 37.58 -8.44 10.20
CA MET C 55 38.26 -9.25 9.20
C MET C 55 38.21 -8.60 7.83
N ARG C 56 37.05 -8.06 7.47
CA ARG C 56 36.92 -7.42 6.16
C ARG C 56 37.84 -6.21 6.05
N ASN C 57 37.91 -5.38 7.10
CA ASN C 57 38.77 -4.20 7.02
C ASN C 57 40.23 -4.58 6.88
N LEU C 58 40.67 -5.59 7.63
CA LEU C 58 42.05 -6.06 7.48
C LEU C 58 42.32 -6.56 6.06
N LEU C 59 41.49 -7.46 5.56
CA LEU C 59 41.78 -8.06 4.27
C LEU C 59 41.57 -7.10 3.13
N ALA C 60 40.85 -6.01 3.34
CA ALA C 60 40.77 -5.00 2.30
C ALA C 60 41.99 -4.09 2.31
N LYS C 61 42.43 -3.67 3.50
CA LYS C 61 43.60 -2.82 3.59
C LYS C 61 44.84 -3.54 3.10
N HIS C 62 44.91 -4.85 3.30
CA HIS C 62 46.08 -5.60 2.89
C HIS C 62 46.23 -5.58 1.38
N PHE C 63 45.14 -5.81 0.67
CA PHE C 63 45.10 -5.56 -0.76
C PHE C 63 45.01 -4.05 -1.01
N GLY C 64 44.82 -3.68 -2.26
CA GLY C 64 44.77 -2.27 -2.59
C GLY C 64 43.64 -1.52 -1.92
N LEU C 65 43.89 -0.25 -1.60
CA LEU C 65 42.85 0.66 -1.14
C LEU C 65 43.07 2.01 -1.82
N LYS C 66 42.20 2.37 -2.75
CA LYS C 66 42.29 3.61 -3.49
C LYS C 66 41.37 4.66 -2.89
N MET C 67 41.75 5.93 -3.05
CA MET C 67 40.97 7.00 -2.43
C MET C 67 39.56 7.05 -3.02
N LYS C 68 39.45 6.96 -4.34
CA LYS C 68 38.14 6.82 -4.96
C LYS C 68 37.45 5.53 -4.50
N GLN C 69 38.23 4.45 -4.36
CA GLN C 69 37.69 3.22 -3.78
C GLN C 69 37.41 3.38 -2.29
N GLU C 70 38.09 4.33 -1.64
CA GLU C 70 37.79 4.60 -0.24
C GLU C 70 36.47 5.33 -0.10
N SER C 71 36.08 6.09 -1.13
CA SER C 71 34.92 6.97 -1.01
C SER C 71 33.63 6.19 -0.75
N HIS C 72 33.40 5.09 -1.48
CA HIS C 72 32.07 4.48 -1.54
C HIS C 72 32.04 3.01 -1.15
N ASN C 73 33.02 2.53 -0.40
CA ASN C 73 33.12 1.11 -0.07
C ASN C 73 33.13 0.25 -1.33
N GLN C 74 33.87 0.71 -2.33
CA GLN C 74 34.23 -0.09 -3.49
C GLN C 74 35.62 -0.66 -3.25
N ASP C 75 35.77 -1.98 -3.39
CA ASP C 75 37.00 -2.59 -2.93
C ASP C 75 37.31 -3.77 -3.85
N ASP C 76 38.37 -4.50 -3.53
CA ASP C 76 38.91 -5.55 -4.38
C ASP C 76 37.84 -6.59 -4.73
N GLU C 77 38.14 -7.36 -5.78
CA GLU C 77 37.18 -8.34 -6.29
C GLU C 77 37.06 -9.54 -5.36
N ARG C 78 38.18 -10.06 -4.87
CA ARG C 78 38.13 -11.20 -3.97
C ARG C 78 37.39 -10.84 -2.68
N VAL C 79 37.57 -9.61 -2.22
CA VAL C 79 36.89 -9.15 -1.01
C VAL C 79 35.38 -9.22 -1.19
N LEU C 80 34.89 -8.75 -2.34
CA LEU C 80 33.46 -8.79 -2.60
C LEU C 80 32.97 -10.18 -2.92
N ARG C 81 33.83 -11.04 -3.45
CA ARG C 81 33.44 -12.42 -3.70
C ARG C 81 33.29 -13.20 -2.40
N LEU C 82 34.06 -12.85 -1.38
CA LEU C 82 34.04 -13.63 -0.15
C LEU C 82 33.19 -12.98 0.94
N PHE C 83 32.76 -11.73 0.75
CA PHE C 83 31.96 -11.06 1.76
C PHE C 83 30.71 -10.40 1.22
N GLY C 84 30.57 -10.26 -0.10
CA GLY C 84 29.31 -9.90 -0.71
C GLY C 84 29.07 -8.42 -0.86
N SER C 85 28.70 -7.98 -2.06
CA SER C 85 28.20 -6.63 -2.27
C SER C 85 26.80 -6.63 -2.87
N SER C 86 26.63 -7.26 -4.03
CA SER C 86 25.41 -7.23 -4.85
C SER C 86 24.75 -5.86 -4.82
N GLU C 87 25.55 -4.78 -4.84
CA GLU C 87 24.98 -3.42 -4.71
C GLU C 87 25.10 -2.62 -6.00
N LYS C 88 26.20 -2.80 -6.73
CA LYS C 88 26.47 -1.93 -7.88
C LYS C 88 25.88 -2.47 -9.17
N GLY C 89 24.74 -3.15 -9.12
CA GLY C 89 24.21 -3.82 -10.28
C GLY C 89 24.89 -5.12 -10.62
N ASN C 90 25.94 -5.49 -9.91
CA ASN C 90 26.57 -6.80 -10.01
C ASN C 90 26.06 -7.65 -8.86
N ILE C 91 25.72 -8.90 -9.15
CA ILE C 91 25.00 -9.74 -8.19
C ILE C 91 26.00 -10.61 -7.44
N GLN C 92 26.11 -10.38 -6.13
CA GLN C 92 27.11 -11.07 -5.31
C GLN C 92 26.60 -11.11 -3.87
N ARG C 93 26.09 -12.26 -3.45
CA ARG C 93 25.73 -12.42 -2.05
C ARG C 93 26.88 -13.11 -1.31
N ALA C 94 26.95 -12.87 -0.01
CA ALA C 94 28.12 -13.30 0.74
C ALA C 94 28.24 -14.82 0.72
N ARG C 95 29.48 -15.28 0.72
CA ARG C 95 29.79 -16.69 0.65
C ARG C 95 30.22 -17.27 1.97
N LEU C 96 30.48 -16.44 2.97
CA LEU C 96 30.86 -16.87 4.30
C LEU C 96 29.82 -16.38 5.29
N GLN C 97 29.26 -17.31 6.06
CA GLN C 97 28.26 -17.02 7.08
C GLN C 97 28.92 -17.14 8.45
N ILE C 98 28.91 -16.03 9.19
CA ILE C 98 29.58 -15.91 10.48
C ILE C 98 28.53 -15.84 11.58
N SER C 99 28.71 -16.65 12.62
CA SER C 99 27.75 -16.76 13.71
C SER C 99 28.32 -16.15 14.98
N ASP C 100 27.43 -15.96 15.94
CA ASP C 100 27.80 -15.31 17.19
C ASP C 100 28.58 -16.26 18.07
N ALA C 101 29.28 -15.70 19.05
CA ALA C 101 30.11 -16.48 19.97
C ALA C 101 29.49 -16.42 21.35
N PHE C 102 29.30 -17.58 21.95
CA PHE C 102 28.57 -17.71 23.20
C PHE C 102 29.51 -18.21 24.30
N PHE C 103 29.29 -17.72 25.51
CA PHE C 103 30.23 -17.94 26.60
C PHE C 103 30.25 -19.42 26.91
N SER C 104 31.43 -20.03 26.83
CA SER C 104 31.52 -21.48 26.75
C SER C 104 31.30 -22.13 28.11
N GLU C 105 31.01 -23.43 28.07
CA GLU C 105 30.63 -24.19 29.27
C GLU C 105 31.81 -24.49 30.17
N LYS C 106 32.95 -24.89 29.61
CA LYS C 106 34.10 -25.23 30.43
C LYS C 106 34.56 -24.05 31.26
N THR C 107 34.56 -22.86 30.65
CA THR C 107 34.85 -21.66 31.39
C THR C 107 33.85 -21.44 32.51
N LYS C 108 32.58 -21.73 32.26
CA LYS C 108 31.58 -21.57 33.31
C LYS C 108 31.90 -22.48 34.49
N GLU C 109 32.21 -23.74 34.22
CA GLU C 109 32.51 -24.69 35.29
C GLU C 109 33.73 -24.25 36.10
N HIS C 110 34.82 -23.92 35.40
CA HIS C 110 36.06 -23.52 36.08
C HIS C 110 35.84 -22.26 36.91
N PHE C 111 35.20 -21.26 36.32
CA PHE C 111 35.00 -19.99 37.02
C PHE C 111 34.07 -20.16 38.21
N ALA C 112 33.05 -21.00 38.08
CA ALA C 112 32.17 -21.25 39.23
C ALA C 112 32.94 -21.91 40.37
N GLN C 113 33.70 -22.96 40.07
CA GLN C 113 34.30 -23.72 41.16
C GLN C 113 35.61 -23.13 41.67
N ASN C 114 36.11 -22.05 41.07
CA ASN C 114 37.19 -21.30 41.70
C ASN C 114 36.76 -19.95 42.27
N ASP C 115 35.49 -19.58 42.14
CA ASP C 115 34.98 -18.30 42.61
C ASP C 115 35.72 -17.13 41.94
N ILE C 116 35.69 -17.13 40.61
CA ILE C 116 36.23 -16.05 39.80
C ILE C 116 35.11 -15.49 38.95
N ALA C 117 34.91 -14.18 39.03
CA ALA C 117 33.80 -13.56 38.33
C ALA C 117 34.07 -13.50 36.83
N TYR C 118 33.06 -13.09 36.09
CA TYR C 118 33.14 -12.98 34.64
C TYR C 118 33.44 -11.58 34.16
N THR C 119 33.80 -10.66 35.06
CA THR C 119 33.90 -9.27 34.68
C THR C 119 34.83 -8.52 35.62
N GLU C 120 35.82 -7.84 35.06
CA GLU C 120 36.67 -6.91 35.76
C GLU C 120 36.10 -5.51 35.64
N THR C 121 36.37 -4.69 36.64
CA THR C 121 35.98 -3.28 36.63
C THR C 121 37.25 -2.45 36.82
N LYS C 122 37.76 -1.90 35.73
CA LYS C 122 39.01 -1.17 35.76
C LYS C 122 38.76 0.32 35.92
N PHE C 123 39.51 0.93 36.84
CA PHE C 123 39.42 2.36 37.09
C PHE C 123 40.49 3.07 36.28
N GLU C 124 40.08 4.07 35.51
CA GLU C 124 40.98 4.77 34.60
C GLU C 124 41.03 6.25 34.94
N ASN C 125 42.14 6.89 34.62
CA ASN C 125 42.35 8.27 34.98
C ASN C 125 42.83 9.06 33.76
N THR C 126 42.42 10.32 33.70
CA THR C 126 42.90 11.23 32.69
C THR C 126 43.53 12.46 33.34
N ILE C 127 44.70 12.84 32.83
CA ILE C 127 45.46 13.99 33.30
C ILE C 127 45.37 15.07 32.23
N ASN C 128 44.94 16.25 32.63
CA ASN C 128 44.71 17.34 31.69
C ASN C 128 46.01 18.07 31.40
N ARG C 129 46.04 18.81 30.30
CA ARG C 129 47.24 19.55 29.93
C ARG C 129 47.25 20.92 30.59
N LEU C 130 48.38 21.27 31.20
CA LEU C 130 48.63 22.55 31.84
C LEU C 130 47.69 22.79 33.02
N THR C 131 47.01 21.76 33.50
CA THR C 131 46.08 21.92 34.61
C THR C 131 46.29 20.90 35.71
N ALA C 132 46.75 19.69 35.38
CA ALA C 132 47.08 18.66 36.35
C ALA C 132 45.90 18.29 37.25
N VAL C 133 44.72 18.23 36.67
CA VAL C 133 43.53 17.73 37.34
C VAL C 133 43.20 16.37 36.76
N ALA C 134 42.89 15.41 37.63
CA ALA C 134 42.54 14.06 37.22
C ALA C 134 41.04 13.90 37.10
N ASN C 135 40.61 13.21 36.05
CA ASN C 135 39.22 12.82 35.89
C ASN C 135 39.13 11.30 35.92
N PRO C 136 38.27 10.73 36.76
CA PRO C 136 38.15 9.28 36.84
C PRO C 136 37.09 8.71 35.94
N ARG C 137 37.28 7.45 35.55
CA ARG C 137 36.35 6.74 34.71
C ARG C 137 36.34 5.28 35.13
N GLN C 138 35.28 4.57 34.76
CA GLN C 138 35.17 3.14 35.04
C GLN C 138 34.87 2.40 33.75
N ILE C 139 35.61 1.32 33.50
CA ILE C 139 35.44 0.51 32.30
C ILE C 139 35.21 -0.92 32.72
N GLU C 140 34.25 -1.57 32.08
CA GLU C 140 33.81 -2.91 32.46
C GLU C 140 34.32 -3.90 31.43
N ARG C 141 35.40 -4.59 31.75
CA ARG C 141 36.07 -5.46 30.80
C ARG C 141 35.74 -6.90 31.11
N VAL C 142 35.55 -7.69 30.05
CA VAL C 142 35.47 -9.12 30.22
C VAL C 142 36.81 -9.62 30.77
N THR C 143 36.74 -10.68 31.56
CA THR C 143 37.92 -11.16 32.26
C THR C 143 38.84 -11.94 31.33
N ARG C 144 40.10 -12.02 31.74
CA ARG C 144 41.11 -12.74 31.00
C ARG C 144 40.88 -14.24 31.16
N GLY C 145 41.48 -15.01 30.26
CA GLY C 145 41.41 -16.45 30.35
C GLY C 145 40.11 -17.07 29.88
N SER C 146 39.16 -16.26 29.40
CA SER C 146 37.88 -16.78 28.99
C SER C 146 38.01 -17.57 27.68
N GLU C 147 36.89 -18.12 27.23
CA GLU C 147 36.80 -18.79 25.94
C GLU C 147 35.42 -18.54 25.35
N PHE C 148 35.34 -18.68 24.02
CA PHE C 148 34.08 -18.60 23.30
C PHE C 148 34.09 -19.65 22.20
N ASP C 149 32.92 -19.97 21.65
CA ASP C 149 32.79 -20.94 20.58
C ASP C 149 32.21 -20.28 19.33
N PHE C 150 32.82 -20.55 18.17
CA PHE C 150 32.38 -19.96 16.92
C PHE C 150 32.19 -21.03 15.86
N VAL C 151 31.28 -20.74 14.93
CA VAL C 151 30.96 -21.59 13.79
C VAL C 151 30.84 -20.72 12.54
N PHE C 152 31.47 -21.14 11.46
CA PHE C 152 31.34 -20.53 10.14
C PHE C 152 30.77 -21.53 9.15
N ILE C 153 30.00 -21.04 8.20
CA ILE C 153 29.48 -21.87 7.11
C ILE C 153 29.96 -21.29 5.78
N TYR C 154 30.51 -22.14 4.92
CA TYR C 154 30.99 -21.75 3.61
C TYR C 154 30.09 -22.35 2.54
N ASN C 155 29.60 -21.49 1.65
CA ASN C 155 28.83 -21.93 0.48
C ASN C 155 29.78 -22.21 -0.67
N VAL C 156 29.56 -23.31 -1.37
CA VAL C 156 30.35 -23.64 -2.54
C VAL C 156 29.48 -23.32 -3.76
N ASP C 157 29.63 -22.10 -4.26
CA ASP C 157 28.94 -21.67 -5.46
C ASP C 157 29.70 -21.94 -6.75
N GLU C 158 30.95 -22.41 -6.65
CA GLU C 158 31.79 -22.64 -7.81
C GLU C 158 32.88 -23.60 -7.42
N GLU C 159 33.06 -24.65 -8.23
CA GLU C 159 33.90 -25.77 -7.80
C GLU C 159 35.39 -25.46 -7.92
N SER C 160 35.75 -24.37 -8.59
CA SER C 160 37.14 -24.05 -8.85
C SER C 160 37.63 -22.79 -8.15
N GLN C 161 37.12 -22.47 -6.96
CA GLN C 161 37.60 -21.33 -6.19
C GLN C 161 37.75 -21.64 -4.71
N VAL C 162 37.50 -22.89 -4.29
CA VAL C 162 37.49 -23.22 -2.87
C VAL C 162 38.88 -23.01 -2.27
N GLU C 163 39.92 -23.48 -2.96
CA GLU C 163 41.28 -23.36 -2.44
C GLU C 163 41.68 -21.91 -2.27
N ASP C 164 41.38 -21.08 -3.28
CA ASP C 164 41.75 -19.68 -3.21
C ASP C 164 41.03 -18.98 -2.08
N ASP C 165 39.73 -19.25 -1.92
CA ASP C 165 38.97 -18.58 -0.87
C ASP C 165 39.45 -19.00 0.50
N PHE C 166 39.82 -20.28 0.66
CA PHE C 166 40.37 -20.70 1.95
C PHE C 166 41.74 -20.10 2.22
N GLU C 167 42.56 -19.91 1.18
CA GLU C 167 43.83 -19.23 1.41
C GLU C 167 43.60 -17.81 1.90
N ASN C 168 42.66 -17.11 1.29
CA ASN C 168 42.37 -15.76 1.75
C ASN C 168 41.82 -15.77 3.18
N ILE C 169 41.03 -16.80 3.53
CA ILE C 169 40.49 -16.88 4.87
C ILE C 169 41.61 -17.08 5.89
N GLU C 170 42.56 -17.95 5.60
CA GLU C 170 43.65 -18.16 6.57
C GLU C 170 44.51 -16.92 6.68
N LYS C 171 44.64 -16.16 5.60
CA LYS C 171 45.34 -14.88 5.71
C LYS C 171 44.61 -13.94 6.65
N ALA C 172 43.29 -13.86 6.54
CA ALA C 172 42.54 -12.98 7.43
C ALA C 172 42.65 -13.43 8.88
N ILE C 173 42.59 -14.75 9.13
CA ILE C 173 42.71 -15.25 10.49
C ILE C 173 44.07 -14.92 11.08
N HIS C 174 45.13 -15.11 10.30
CA HIS C 174 46.47 -14.83 10.81
C HIS C 174 46.63 -13.34 11.14
N LEU C 175 46.22 -12.49 10.21
CA LEU C 175 46.24 -11.05 10.47
C LEU C 175 45.48 -10.70 11.74
N LEU C 176 44.32 -11.31 11.97
CA LEU C 176 43.57 -10.97 13.18
C LEU C 176 44.24 -11.54 14.43
N GLU C 177 44.93 -12.66 14.33
CA GLU C 177 45.71 -13.12 15.48
C GLU C 177 46.84 -12.16 15.80
N ASN C 178 47.20 -11.27 14.89
CA ASN C 178 48.15 -10.21 15.22
C ASN C 178 47.51 -8.82 15.31
N ASP C 179 46.32 -8.72 15.87
CA ASP C 179 45.63 -7.44 15.97
C ASP C 179 44.63 -7.57 17.12
N TYR C 180 43.69 -6.62 17.23
CA TYR C 180 42.76 -6.59 18.35
C TYR C 180 41.32 -6.55 17.87
N LEU C 181 40.47 -7.26 18.61
CA LEU C 181 39.03 -7.28 18.41
C LEU C 181 38.37 -6.58 19.58
N GLY C 182 37.47 -5.63 19.29
CA GLY C 182 36.72 -4.95 20.32
C GLY C 182 36.90 -3.45 20.24
N GLY C 183 37.00 -2.82 21.40
CA GLY C 183 37.13 -1.38 21.49
C GLY C 183 38.28 -0.98 22.40
N GLY C 184 38.94 0.11 22.04
CA GLY C 184 40.06 0.60 22.81
C GLY C 184 41.22 -0.36 22.86
N GLY C 185 41.58 -0.94 21.73
CA GLY C 185 42.66 -1.89 21.69
C GLY C 185 44.05 -1.29 21.59
N THR C 186 44.15 0.00 21.34
CA THR C 186 45.45 0.65 21.31
C THR C 186 45.97 0.96 22.70
N ARG C 187 45.26 0.54 23.74
CA ARG C 187 45.68 0.70 25.12
C ARG C 187 45.73 -0.62 25.86
N GLY C 188 45.62 -1.75 25.16
CA GLY C 188 45.78 -3.05 25.77
C GLY C 188 44.54 -3.89 25.83
N ASN C 189 43.58 -3.75 24.93
CA ASN C 189 42.35 -4.51 25.00
C ASN C 189 42.11 -5.30 23.73
N GLY C 190 41.53 -6.47 23.89
CA GLY C 190 40.91 -7.19 22.80
C GLY C 190 41.76 -8.23 22.12
N ARG C 191 42.97 -8.46 22.58
CA ARG C 191 43.83 -9.42 21.88
C ARG C 191 43.32 -10.83 22.11
N ILE C 192 43.22 -11.59 21.02
CA ILE C 192 42.58 -12.90 21.04
C ILE C 192 43.47 -13.92 20.34
N GLN C 193 43.03 -15.17 20.39
CA GLN C 193 43.65 -16.28 19.70
C GLN C 193 42.57 -17.25 19.25
N PHE C 194 42.95 -18.16 18.36
CA PHE C 194 42.04 -19.18 17.83
C PHE C 194 42.60 -20.56 18.15
N LYS C 195 41.73 -21.47 18.57
CA LYS C 195 42.16 -22.83 18.86
C LYS C 195 41.13 -23.85 18.38
N ASP C 196 41.63 -25.06 18.09
CA ASP C 196 40.81 -26.24 17.84
C ASP C 196 39.84 -26.02 16.68
N THR C 197 40.42 -25.83 15.50
CA THR C 197 39.63 -25.61 14.30
C THR C 197 39.39 -26.91 13.55
N ASN C 198 38.13 -27.16 13.22
CA ASN C 198 37.72 -28.40 12.56
C ASN C 198 36.91 -28.05 11.32
N ILE C 199 37.13 -28.77 10.23
CA ILE C 199 36.47 -28.52 8.95
C ILE C 199 35.63 -29.73 8.60
N GLU C 200 34.33 -29.51 8.37
CA GLU C 200 33.44 -30.56 7.93
C GLU C 200 32.55 -30.04 6.82
N THR C 201 32.24 -30.92 5.87
CA THR C 201 31.28 -30.64 4.81
C THR C 201 29.91 -31.12 5.28
N VAL C 202 29.01 -30.18 5.56
CA VAL C 202 27.72 -30.57 6.11
C VAL C 202 26.74 -30.96 5.02
N VAL C 203 26.73 -30.27 3.88
CA VAL C 203 25.73 -30.55 2.86
C VAL C 203 26.40 -30.76 1.52
N GLY C 204 26.41 -32.00 1.05
CA GLY C 204 26.90 -32.32 -0.27
C GLY C 204 27.81 -33.53 -0.26
N GLU C 205 28.57 -33.67 -1.33
CA GLU C 205 29.52 -34.77 -1.52
C GLU C 205 30.89 -34.21 -1.87
N TYR C 206 31.36 -33.24 -1.09
CA TYR C 206 32.60 -32.54 -1.36
C TYR C 206 33.64 -32.93 -0.32
N ASP C 207 34.91 -32.85 -0.70
CA ASP C 207 36.03 -33.30 0.12
C ASP C 207 36.64 -32.14 0.91
N SER C 208 36.96 -32.41 2.17
CA SER C 208 37.59 -31.41 3.03
C SER C 208 38.68 -32.05 3.86
N THR C 209 39.51 -32.88 3.22
CA THR C 209 40.63 -33.48 3.91
C THR C 209 41.93 -32.73 3.66
N ASN C 210 42.04 -32.02 2.54
CA ASN C 210 43.22 -31.24 2.22
C ASN C 210 43.11 -29.78 2.68
N LEU C 211 41.94 -29.37 3.16
CA LEU C 211 41.72 -27.99 3.55
C LEU C 211 42.19 -27.75 4.97
N LYS C 212 42.78 -26.57 5.21
CA LYS C 212 43.26 -26.23 6.54
C LYS C 212 43.20 -24.72 6.73
N ILE C 213 43.04 -24.31 7.99
CA ILE C 213 43.15 -22.92 8.40
C ILE C 213 43.93 -22.88 9.70
N LYS C 214 44.97 -22.07 9.76
CA LYS C 214 45.80 -22.02 10.95
C LYS C 214 45.27 -21.02 11.95
N TYR D 2 51.91 -4.37 2.88
CA TYR D 2 51.35 -4.15 4.21
C TYR D 2 51.90 -5.21 5.16
N SER D 3 52.45 -4.76 6.30
CA SER D 3 53.15 -5.68 7.18
C SER D 3 53.12 -5.17 8.62
N LYS D 4 53.46 -6.07 9.53
CA LYS D 4 53.35 -5.84 10.96
C LYS D 4 54.57 -6.45 11.65
N ILE D 5 55.34 -5.58 12.32
CA ILE D 5 56.54 -5.94 13.06
C ILE D 5 56.20 -6.08 14.54
N LYS D 6 56.93 -6.93 15.23
CA LYS D 6 56.74 -7.17 16.66
C LYS D 6 57.96 -6.71 17.44
N ILE D 7 57.71 -6.04 18.57
CA ILE D 7 58.76 -5.62 19.50
C ILE D 7 58.45 -6.28 20.84
N SER D 8 59.43 -6.95 21.42
CA SER D 8 59.18 -7.69 22.65
C SER D 8 60.34 -7.50 23.60
N GLY D 9 60.08 -7.70 24.89
CA GLY D 9 61.18 -7.71 25.83
C GLY D 9 60.70 -7.74 27.27
N THR D 10 61.60 -7.32 28.17
CA THR D 10 61.34 -7.36 29.61
C THR D 10 61.54 -5.98 30.21
N ILE D 11 60.63 -5.61 31.11
CA ILE D 11 60.75 -4.42 31.94
C ILE D 11 61.20 -4.86 33.32
N GLU D 12 62.32 -4.31 33.78
CA GLU D 12 62.89 -4.66 35.07
C GLU D 12 62.78 -3.47 36.01
N VAL D 13 62.13 -3.66 37.14
CA VAL D 13 61.88 -2.61 38.12
C VAL D 13 62.95 -2.68 39.19
N VAL D 14 63.48 -1.52 39.56
CA VAL D 14 64.60 -1.49 40.49
C VAL D 14 64.14 -0.96 41.84
N THR D 15 63.26 0.02 41.82
CA THR D 15 62.71 0.62 43.03
C THR D 15 61.24 0.28 43.15
N GLY D 16 60.58 0.94 44.10
CA GLY D 16 59.17 0.73 44.34
C GLY D 16 58.30 1.01 43.14
N LEU D 17 57.26 0.19 42.95
CA LEU D 17 56.33 0.34 41.85
C LEU D 17 54.92 0.29 42.41
N HIS D 18 54.28 1.44 42.52
CA HIS D 18 52.90 1.54 42.99
C HIS D 18 52.04 2.00 41.83
N ILE D 19 51.08 1.16 41.43
CA ILE D 19 50.20 1.45 40.32
C ILE D 19 48.76 1.59 40.79
N GLY D 20 48.33 0.77 41.75
CA GLY D 20 47.11 1.01 42.49
C GLY D 20 45.84 1.08 41.67
N GLY D 21 45.83 0.49 40.48
CA GLY D 21 44.69 0.61 39.59
C GLY D 21 43.39 0.13 40.20
N GLY D 22 43.46 -0.74 41.20
CA GLY D 22 42.25 -1.13 41.92
C GLY D 22 41.77 -0.03 42.85
N GLY D 23 42.61 0.96 43.11
CA GLY D 23 42.25 2.06 44.00
C GLY D 23 41.17 2.97 43.44
N SER D 33 44.39 1.07 50.00
CA SER D 33 45.14 1.37 48.79
C SER D 33 45.89 0.14 48.29
N PRO D 34 45.16 -0.74 47.60
CA PRO D 34 45.77 -1.96 47.08
C PRO D 34 46.41 -1.72 45.72
N VAL D 35 46.81 -2.82 45.08
CA VAL D 35 47.47 -2.80 43.78
C VAL D 35 46.58 -3.51 42.77
N VAL D 36 46.47 -2.96 41.56
CA VAL D 36 45.67 -3.60 40.52
C VAL D 36 46.19 -4.99 40.26
N ARG D 37 45.29 -5.92 39.99
CA ARG D 37 45.65 -7.33 39.98
C ARG D 37 44.72 -8.09 39.06
N ASP D 38 45.26 -9.10 38.38
CA ASP D 38 44.43 -10.01 37.60
C ASP D 38 43.55 -10.83 38.53
N LEU D 39 42.31 -11.05 38.10
CA LEU D 39 41.36 -11.83 38.88
C LEU D 39 41.42 -13.32 38.60
N GLN D 40 42.26 -13.76 37.66
CA GLN D 40 42.35 -15.17 37.35
C GLN D 40 43.61 -15.82 37.89
N THR D 41 44.70 -15.06 38.03
CA THR D 41 45.93 -15.57 38.65
C THR D 41 46.20 -14.94 40.01
N LYS D 42 45.59 -13.80 40.32
CA LYS D 42 45.83 -13.07 41.56
C LYS D 42 47.27 -12.57 41.65
N LEU D 43 47.71 -11.87 40.61
CA LEU D 43 49.05 -11.29 40.54
C LEU D 43 48.96 -9.91 39.90
N PRO D 44 49.89 -9.02 40.23
CA PRO D 44 49.82 -7.66 39.70
C PRO D 44 50.08 -7.61 38.20
N ILE D 45 49.72 -6.45 37.61
CA ILE D 45 50.01 -6.14 36.23
C ILE D 45 50.35 -4.67 36.12
N ILE D 46 50.94 -4.28 35.00
CA ILE D 46 51.02 -2.90 34.57
C ILE D 46 50.03 -2.70 33.43
N PRO D 47 49.00 -1.89 33.59
CA PRO D 47 48.10 -1.65 32.46
C PRO D 47 48.85 -0.98 31.33
N GLY D 48 48.50 -1.35 30.10
CA GLY D 48 49.10 -0.69 28.96
C GLY D 48 48.72 0.76 28.84
N SER D 49 47.59 1.13 29.42
CA SER D 49 47.19 2.53 29.44
C SER D 49 48.25 3.38 30.12
N SER D 50 48.80 2.89 31.23
CA SER D 50 49.80 3.65 31.96
C SER D 50 51.03 3.90 31.12
N ILE D 51 51.54 2.87 30.45
CA ILE D 51 52.75 3.03 29.65
C ILE D 51 52.49 3.98 28.50
N LYS D 52 51.37 3.79 27.80
CA LYS D 52 51.10 4.64 26.66
C LYS D 52 50.97 6.10 27.09
N GLY D 53 50.27 6.34 28.20
CA GLY D 53 50.11 7.72 28.65
C GLY D 53 51.42 8.34 29.09
N LYS D 54 52.20 7.60 29.87
CA LYS D 54 53.46 8.15 30.36
C LYS D 54 54.41 8.45 29.21
N MET D 55 54.52 7.53 28.25
CA MET D 55 55.38 7.74 27.10
C MET D 55 54.90 8.92 26.28
N ARG D 56 53.58 9.02 26.08
CA ARG D 56 53.06 10.14 25.31
C ARG D 56 53.39 11.46 25.96
N ASN D 57 53.22 11.55 27.28
CA ASN D 57 53.48 12.80 27.96
C ASN D 57 54.95 13.17 27.87
N LEU D 58 55.85 12.20 28.08
CA LEU D 58 57.28 12.52 28.01
C LEU D 58 57.68 12.96 26.60
N LEU D 59 57.46 12.10 25.62
CA LEU D 59 57.87 12.41 24.25
C LEU D 59 57.12 13.60 23.69
N ALA D 60 56.01 14.00 24.30
CA ALA D 60 55.30 15.17 23.81
C ALA D 60 55.79 16.43 24.48
N LYS D 61 56.21 16.34 25.74
CA LYS D 61 56.78 17.50 26.40
C LYS D 61 58.13 17.86 25.79
N HIS D 62 58.89 16.85 25.35
CA HIS D 62 60.18 17.16 24.74
C HIS D 62 60.04 18.11 23.55
N PHE D 63 59.19 17.77 22.60
CA PHE D 63 59.00 18.65 21.47
C PHE D 63 58.22 19.88 21.93
N GLY D 64 57.88 20.75 20.98
CA GLY D 64 57.14 21.95 21.29
C GLY D 64 55.82 21.68 21.97
N LEU D 65 55.56 22.34 23.10
CA LEU D 65 54.32 22.18 23.85
C LEU D 65 53.77 23.57 24.13
N LYS D 66 53.00 24.11 23.19
CA LYS D 66 52.50 25.47 23.27
C LYS D 66 51.33 25.56 24.25
N MET D 67 51.22 26.72 24.90
CA MET D 67 50.10 26.93 25.83
C MET D 67 48.77 27.00 25.08
N LYS D 68 48.74 27.62 23.91
CA LYS D 68 47.53 27.63 23.11
C LYS D 68 47.18 26.22 22.64
N GLN D 69 48.20 25.43 22.27
CA GLN D 69 47.96 24.03 21.95
C GLN D 69 47.47 23.27 23.18
N GLU D 70 48.01 23.60 24.36
CA GLU D 70 47.57 22.94 25.59
C GLU D 70 46.11 23.23 25.87
N SER D 71 45.67 24.47 25.64
CA SER D 71 44.27 24.82 25.87
C SER D 71 43.34 24.03 24.94
N HIS D 72 43.73 23.89 23.67
CA HIS D 72 42.94 23.15 22.70
C HIS D 72 43.36 21.68 22.61
N ASN D 73 44.30 21.23 23.44
CA ASN D 73 44.74 19.84 23.48
C ASN D 73 45.25 19.36 22.11
N GLN D 74 45.93 20.25 21.40
CA GLN D 74 46.59 19.93 20.15
C GLN D 74 48.05 19.61 20.42
N ASP D 75 48.60 18.69 19.63
CA ASP D 75 49.96 18.22 19.87
C ASP D 75 50.76 18.30 18.57
N ASP D 76 52.01 17.87 18.65
CA ASP D 76 52.91 17.92 17.51
C ASP D 76 52.66 16.73 16.58
N GLU D 77 52.91 16.96 15.29
CA GLU D 77 52.51 16.00 14.26
C GLU D 77 53.16 14.65 14.46
N ARG D 78 54.41 14.63 14.93
CA ARG D 78 55.08 13.35 15.18
C ARG D 78 54.33 12.53 16.21
N VAL D 79 53.87 13.17 17.28
CA VAL D 79 53.18 12.44 18.33
C VAL D 79 51.89 11.83 17.81
N LEU D 80 51.13 12.59 17.02
CA LEU D 80 49.88 12.07 16.48
C LEU D 80 50.07 10.99 15.45
N ARG D 81 51.12 11.04 14.64
CA ARG D 81 51.31 9.95 13.69
C ARG D 81 51.76 8.69 14.40
N LEU D 82 52.54 8.84 15.47
CA LEU D 82 52.94 7.65 16.21
C LEU D 82 51.84 7.15 17.13
N PHE D 83 50.87 8.00 17.49
CA PHE D 83 49.89 7.64 18.50
C PHE D 83 48.44 7.86 18.08
N GLY D 84 48.14 8.87 17.28
CA GLY D 84 46.79 9.03 16.76
C GLY D 84 45.86 9.78 17.68
N SER D 85 45.18 10.79 17.17
CA SER D 85 44.17 11.52 17.93
C SER D 85 42.82 11.51 17.26
N SER D 86 42.76 11.84 15.97
CA SER D 86 41.52 11.86 15.20
C SER D 86 40.42 12.64 15.94
N GLU D 87 40.80 13.79 16.47
CA GLU D 87 39.87 14.62 17.22
C GLU D 87 39.59 15.97 16.57
N LYS D 88 40.54 16.53 15.83
CA LYS D 88 40.40 17.84 15.23
C LYS D 88 39.74 17.81 13.86
N GLY D 89 38.98 16.76 13.57
CA GLY D 89 38.44 16.57 12.24
C GLY D 89 39.39 15.91 11.27
N ASN D 90 40.66 15.78 11.63
CA ASN D 90 41.64 15.07 10.82
C ASN D 90 41.84 13.69 11.42
N ILE D 91 41.61 12.66 10.61
CA ILE D 91 41.60 11.29 11.10
C ILE D 91 43.03 10.77 11.10
N GLN D 92 43.47 10.28 12.26
CA GLN D 92 44.82 9.72 12.41
C GLN D 92 44.69 8.49 13.30
N ARG D 93 44.78 7.31 12.70
CA ARG D 93 44.72 6.09 13.47
C ARG D 93 46.09 5.73 14.03
N ALA D 94 46.09 5.19 15.24
CA ALA D 94 47.34 4.85 15.91
C ALA D 94 48.11 3.81 15.10
N ARG D 95 49.43 3.96 15.09
CA ARG D 95 50.31 3.05 14.38
C ARG D 95 51.11 2.17 15.30
N LEU D 96 51.14 2.49 16.59
CA LEU D 96 51.81 1.71 17.60
C LEU D 96 50.77 1.17 18.56
N GLN D 97 50.78 -0.14 18.77
CA GLN D 97 49.85 -0.78 19.68
C GLN D 97 50.62 -1.33 20.87
N ILE D 98 50.20 -0.96 22.08
CA ILE D 98 50.88 -1.33 23.31
C ILE D 98 49.98 -2.24 24.13
N SER D 99 50.49 -3.41 24.50
CA SER D 99 49.76 -4.33 25.35
C SER D 99 50.30 -4.24 26.77
N ASP D 100 49.69 -5.02 27.66
CA ASP D 100 50.00 -4.93 29.07
C ASP D 100 51.31 -5.67 29.38
N ALA D 101 51.51 -5.94 30.67
CA ALA D 101 52.66 -6.70 31.12
C ALA D 101 52.21 -7.70 32.18
N PHE D 102 53.00 -8.75 32.35
CA PHE D 102 52.70 -9.80 33.32
C PHE D 102 54.00 -10.37 33.87
N PHE D 103 53.91 -11.00 35.04
CA PHE D 103 55.08 -11.65 35.63
C PHE D 103 55.65 -12.71 34.71
N SER D 104 56.97 -12.66 34.52
CA SER D 104 57.66 -13.66 33.73
C SER D 104 57.83 -14.94 34.53
N GLU D 105 58.02 -16.04 33.80
CA GLU D 105 58.10 -17.35 34.46
C GLU D 105 59.31 -17.44 35.37
N LYS D 106 60.45 -16.91 34.93
CA LYS D 106 61.66 -16.98 35.74
C LYS D 106 61.48 -16.23 37.06
N THR D 107 60.84 -15.07 37.03
CA THR D 107 60.61 -14.31 38.25
C THR D 107 59.72 -15.08 39.20
N LYS D 108 58.66 -15.71 38.67
CA LYS D 108 57.78 -16.52 39.50
C LYS D 108 58.56 -17.64 40.17
N GLU D 109 59.38 -18.34 39.40
CA GLU D 109 60.17 -19.43 39.96
C GLU D 109 61.12 -18.93 41.02
N HIS D 110 61.74 -17.77 40.79
CA HIS D 110 62.71 -17.25 41.74
C HIS D 110 62.05 -16.86 43.05
N PHE D 111 60.95 -16.11 42.98
CA PHE D 111 60.27 -15.72 44.20
C PHE D 111 59.63 -16.91 44.91
N ALA D 112 59.28 -17.97 44.17
CA ALA D 112 58.74 -19.16 44.82
C ALA D 112 59.83 -19.95 45.52
N GLN D 113 61.00 -20.07 44.89
CA GLN D 113 62.09 -20.82 45.51
C GLN D 113 62.67 -20.07 46.71
N ASN D 114 62.73 -18.75 46.64
CA ASN D 114 63.34 -17.95 47.70
C ASN D 114 62.36 -17.61 48.82
N ASP D 115 61.09 -17.99 48.70
CA ASP D 115 60.07 -17.69 49.70
C ASP D 115 60.00 -16.20 49.98
N ILE D 116 59.78 -15.44 48.92
CA ILE D 116 59.74 -13.98 48.96
C ILE D 116 58.43 -13.53 48.34
N ALA D 117 57.72 -12.64 49.03
CA ALA D 117 56.37 -12.27 48.62
C ALA D 117 56.41 -11.28 47.46
N TYR D 118 55.21 -10.92 46.97
CA TYR D 118 55.06 -10.03 45.83
C TYR D 118 54.63 -8.62 46.21
N THR D 119 54.64 -8.27 47.50
CA THR D 119 54.13 -6.97 47.90
C THR D 119 54.75 -6.55 49.22
N GLU D 120 55.07 -5.28 49.32
CA GLU D 120 55.61 -4.68 50.52
C GLU D 120 54.62 -3.68 51.08
N THR D 121 54.41 -3.74 52.39
CA THR D 121 53.53 -2.80 53.08
C THR D 121 54.43 -1.76 53.71
N LYS D 122 54.36 -0.54 53.20
CA LYS D 122 55.16 0.56 53.73
C LYS D 122 54.29 1.41 54.64
N PHE D 123 54.80 1.70 55.85
CA PHE D 123 54.15 2.57 56.81
C PHE D 123 54.78 3.95 56.70
N GLU D 124 53.95 4.96 56.43
CA GLU D 124 54.43 6.32 56.27
C GLU D 124 53.80 7.22 57.31
N ASN D 125 54.60 8.13 57.87
CA ASN D 125 54.20 8.99 58.96
C ASN D 125 54.15 10.43 58.45
N THR D 126 53.04 11.10 58.67
CA THR D 126 52.94 12.52 58.38
C THR D 126 53.03 13.31 59.68
N ILE D 127 53.99 14.24 59.73
CA ILE D 127 54.19 15.12 60.86
C ILE D 127 53.77 16.52 60.45
N ASN D 128 52.79 17.08 61.14
CA ASN D 128 52.13 18.29 60.68
C ASN D 128 52.64 19.53 61.40
N ARG D 129 52.53 20.66 60.71
CA ARG D 129 53.09 21.91 61.22
C ARG D 129 52.33 22.38 62.46
N LEU D 130 53.08 22.94 63.42
CA LEU D 130 52.53 23.72 64.51
C LEU D 130 51.80 22.85 65.54
N THR D 131 51.64 21.57 65.25
CA THR D 131 50.99 20.68 66.22
C THR D 131 51.77 19.42 66.52
N ALA D 132 52.48 18.88 65.53
CA ALA D 132 53.32 17.68 65.70
C ALA D 132 52.50 16.48 66.17
N VAL D 133 51.58 16.07 65.30
CA VAL D 133 50.78 14.86 65.50
C VAL D 133 51.14 13.90 64.37
N ALA D 134 51.60 12.71 64.73
CA ALA D 134 52.06 11.72 63.75
C ALA D 134 50.88 10.91 63.24
N ASN D 135 50.60 11.02 61.94
CA ASN D 135 49.50 10.30 61.32
C ASN D 135 50.04 9.18 60.44
N PRO D 136 49.72 7.92 60.72
CA PRO D 136 50.27 6.81 59.94
C PRO D 136 49.42 6.40 58.76
N ARG D 137 50.07 5.76 57.79
CA ARG D 137 49.45 5.25 56.57
C ARG D 137 50.13 3.97 56.13
N GLN D 138 49.39 3.14 55.41
CA GLN D 138 49.91 1.89 54.86
C GLN D 138 49.69 1.87 53.35
N ILE D 139 50.75 1.54 52.61
CA ILE D 139 50.71 1.54 51.15
C ILE D 139 51.36 0.26 50.64
N GLU D 140 50.81 -0.30 49.56
CA GLU D 140 51.30 -1.55 49.00
C GLU D 140 52.15 -1.26 47.76
N ARG D 141 53.30 -1.95 47.67
CA ARG D 141 54.21 -1.80 46.55
C ARG D 141 54.63 -3.16 46.01
N VAL D 142 55.09 -3.16 44.76
CA VAL D 142 55.53 -4.38 44.10
C VAL D 142 57.00 -4.62 44.40
N THR D 143 57.34 -5.85 44.74
CA THR D 143 58.69 -6.16 45.19
C THR D 143 59.70 -5.82 44.10
N ARG D 144 60.74 -5.08 44.49
CA ARG D 144 61.76 -4.65 43.54
C ARG D 144 62.56 -5.85 43.07
N GLY D 145 62.95 -5.85 41.81
CA GLY D 145 63.67 -6.95 41.23
C GLY D 145 62.84 -7.93 40.44
N SER D 146 61.56 -7.64 40.23
CA SER D 146 60.72 -8.50 39.43
C SER D 146 60.76 -8.07 37.97
N GLU D 147 60.32 -8.96 37.09
CA GLU D 147 60.44 -8.76 35.65
C GLU D 147 59.08 -8.93 34.99
N PHE D 148 58.77 -8.03 34.06
CA PHE D 148 57.52 -8.07 33.31
C PHE D 148 57.82 -8.28 31.82
N ASP D 149 56.91 -8.92 31.12
CA ASP D 149 57.05 -9.17 29.69
C ASP D 149 56.16 -8.22 28.91
N PHE D 150 56.72 -7.52 27.93
CA PHE D 150 55.96 -6.53 27.18
C PHE D 150 56.07 -6.79 25.68
N VAL D 151 55.01 -6.38 24.98
CA VAL D 151 54.94 -6.49 23.52
C VAL D 151 54.35 -5.20 22.94
N PHE D 152 54.97 -4.69 21.89
CA PHE D 152 54.39 -3.65 21.03
C PHE D 152 54.24 -4.23 19.63
N ILE D 153 53.23 -3.75 18.93
CA ILE D 153 52.99 -4.11 17.54
C ILE D 153 53.10 -2.85 16.71
N TYR D 154 53.87 -2.90 15.64
CA TYR D 154 54.05 -1.76 14.75
C TYR D 154 53.53 -2.09 13.37
N ASN D 155 52.58 -1.30 12.89
CA ASN D 155 52.06 -1.42 11.54
C ASN D 155 52.91 -0.58 10.59
N VAL D 156 53.09 -1.05 9.36
CA VAL D 156 53.71 -0.22 8.34
C VAL D 156 52.62 0.29 7.42
N ASP D 157 52.50 1.61 7.34
CA ASP D 157 51.60 2.25 6.40
C ASP D 157 52.34 3.05 5.33
N GLU D 158 53.64 3.25 5.49
CA GLU D 158 54.48 3.92 4.51
C GLU D 158 55.87 3.32 4.58
N GLU D 159 56.40 2.91 3.42
CA GLU D 159 57.65 2.17 3.40
C GLU D 159 58.82 3.01 3.91
N SER D 160 58.66 4.33 3.95
CA SER D 160 59.79 5.19 4.26
C SER D 160 59.95 5.41 5.77
N GLN D 161 58.90 5.91 6.42
CA GLN D 161 59.00 6.55 7.73
C GLN D 161 59.30 5.58 8.87
N VAL D 162 59.58 4.32 8.56
CA VAL D 162 59.86 3.34 9.61
C VAL D 162 61.10 3.74 10.41
N GLU D 163 62.15 4.18 9.73
CA GLU D 163 63.40 4.51 10.43
C GLU D 163 63.21 5.68 11.38
N ASP D 164 62.54 6.74 10.93
CA ASP D 164 62.28 7.87 11.81
C ASP D 164 61.41 7.45 12.99
N ASP D 165 60.39 6.63 12.74
CA ASP D 165 59.53 6.19 13.83
C ASP D 165 60.31 5.40 14.87
N PHE D 166 61.22 4.53 14.43
CA PHE D 166 61.96 3.75 15.41
C PHE D 166 62.98 4.60 16.16
N GLU D 167 63.56 5.61 15.52
CA GLU D 167 64.42 6.53 16.27
C GLU D 167 63.62 7.25 17.36
N ASN D 168 62.41 7.69 17.04
CA ASN D 168 61.58 8.34 18.05
C ASN D 168 61.23 7.39 19.20
N ILE D 169 60.89 6.14 18.88
CA ILE D 169 60.55 5.21 19.96
C ILE D 169 61.78 4.93 20.82
N GLU D 170 62.96 4.90 20.22
CA GLU D 170 64.19 4.86 21.03
C GLU D 170 64.27 6.01 22.01
N LYS D 171 64.02 7.22 21.55
CA LYS D 171 64.11 8.34 22.48
C LYS D 171 63.08 8.22 23.59
N ALA D 172 61.87 7.76 23.24
CA ALA D 172 60.83 7.61 24.25
C ALA D 172 61.23 6.61 25.32
N ILE D 173 61.75 5.46 24.90
CA ILE D 173 62.24 4.47 25.86
C ILE D 173 63.31 5.08 26.75
N HIS D 174 64.20 5.89 26.17
CA HIS D 174 65.27 6.50 26.96
C HIS D 174 64.71 7.39 28.07
N LEU D 175 63.82 8.31 27.69
CA LEU D 175 63.24 9.20 28.68
C LEU D 175 62.46 8.43 29.74
N LEU D 176 61.74 7.37 29.35
CA LEU D 176 61.04 6.60 30.37
C LEU D 176 62.03 5.92 31.32
N GLU D 177 63.15 5.42 30.79
CA GLU D 177 64.13 4.77 31.63
C GLU D 177 64.80 5.72 32.60
N ASN D 178 64.79 7.01 32.33
CA ASN D 178 65.27 7.98 33.31
C ASN D 178 64.13 8.62 34.10
N ASP D 179 63.08 7.87 34.42
CA ASP D 179 61.90 8.42 35.07
C ASP D 179 61.30 7.34 35.97
N TYR D 180 60.05 7.54 36.38
CA TYR D 180 59.33 6.57 37.19
C TYR D 180 58.02 6.22 36.50
N LEU D 181 57.51 5.03 36.80
CA LEU D 181 56.25 4.56 36.23
C LEU D 181 55.23 4.38 37.35
N GLY D 182 54.01 4.81 37.10
CA GLY D 182 52.97 4.71 38.11
C GLY D 182 52.86 5.97 38.94
N GLY D 183 52.55 5.78 40.22
CA GLY D 183 52.38 6.87 41.15
C GLY D 183 53.43 6.85 42.25
N GLY D 184 53.43 7.94 43.03
CA GLY D 184 54.39 8.05 44.11
C GLY D 184 55.82 8.11 43.60
N GLY D 185 56.05 8.94 42.59
CA GLY D 185 57.35 8.95 41.93
C GLY D 185 58.33 9.96 42.49
N THR D 186 57.85 11.14 42.86
CA THR D 186 58.73 12.19 43.35
C THR D 186 59.20 11.94 44.75
N ARG D 187 59.00 10.73 45.27
CA ARG D 187 59.42 10.40 46.61
C ARG D 187 60.02 9.02 46.70
N GLY D 188 60.31 8.36 45.58
CA GLY D 188 61.12 7.16 45.65
C GLY D 188 60.62 5.92 44.95
N ASN D 189 59.51 5.99 44.24
CA ASN D 189 58.96 4.81 43.61
C ASN D 189 58.81 5.02 42.10
N GLY D 190 59.06 3.95 41.34
CA GLY D 190 58.75 3.91 39.92
C GLY D 190 59.91 3.70 38.97
N ARG D 191 61.14 3.67 39.46
CA ARG D 191 62.30 3.63 38.57
C ARG D 191 62.48 2.24 37.96
N ILE D 192 62.50 2.17 36.63
CA ILE D 192 62.56 0.92 35.87
C ILE D 192 63.51 1.09 34.71
N GLN D 193 63.81 -0.02 34.04
CA GLN D 193 64.56 0.00 32.79
C GLN D 193 64.08 -1.14 31.89
N PHE D 194 64.53 -1.12 30.64
CA PHE D 194 64.16 -2.11 29.63
C PHE D 194 65.34 -3.02 29.33
N LYS D 195 65.04 -4.27 28.94
CA LYS D 195 66.07 -5.24 28.66
C LYS D 195 65.58 -6.26 27.65
N ASP D 196 66.54 -6.91 26.99
CA ASP D 196 66.29 -8.05 26.11
C ASP D 196 65.33 -7.72 24.99
N THR D 197 65.45 -6.52 24.44
CA THR D 197 64.56 -6.14 23.34
C THR D 197 64.87 -6.95 22.09
N ASN D 198 63.80 -7.32 21.39
CA ASN D 198 63.90 -8.16 20.20
C ASN D 198 62.97 -7.62 19.13
N ILE D 199 63.39 -7.73 17.88
CA ILE D 199 62.56 -7.38 16.74
C ILE D 199 62.45 -8.58 15.83
N GLU D 200 61.23 -8.90 15.42
CA GLU D 200 60.94 -10.05 14.58
C GLU D 200 59.73 -9.72 13.74
N THR D 201 59.87 -9.79 12.43
CA THR D 201 58.76 -9.44 11.54
C THR D 201 57.81 -10.62 11.50
N VAL D 202 56.57 -10.38 11.89
CA VAL D 202 55.64 -11.46 12.12
C VAL D 202 54.55 -11.55 11.06
N VAL D 203 54.19 -10.44 10.41
CA VAL D 203 53.29 -10.50 9.27
C VAL D 203 53.88 -9.65 8.15
N GLY D 204 53.85 -10.18 6.94
CA GLY D 204 54.26 -9.42 5.77
C GLY D 204 55.64 -9.80 5.25
N GLU D 205 56.17 -8.92 4.41
CA GLU D 205 57.40 -9.17 3.65
C GLU D 205 58.33 -7.97 3.71
N TYR D 206 58.55 -7.46 4.91
CA TYR D 206 59.37 -6.26 5.09
C TYR D 206 60.74 -6.61 5.62
N ASP D 207 61.71 -5.75 5.33
CA ASP D 207 63.08 -5.89 5.80
C ASP D 207 63.30 -4.98 6.99
N SER D 208 63.31 -5.55 8.20
CA SER D 208 63.54 -4.80 9.41
C SER D 208 64.55 -5.52 10.30
N THR D 209 65.66 -5.96 9.71
CA THR D 209 66.72 -6.60 10.47
C THR D 209 67.81 -5.64 10.90
N ASN D 210 67.89 -4.46 10.29
CA ASN D 210 68.86 -3.45 10.68
C ASN D 210 68.31 -2.48 11.71
N LEU D 211 67.02 -2.57 12.04
CA LEU D 211 66.46 -1.74 13.08
C LEU D 211 66.98 -2.16 14.45
N LYS D 212 67.10 -1.19 15.35
CA LYS D 212 67.74 -1.42 16.63
C LYS D 212 67.03 -0.66 17.73
N ILE D 213 66.40 -1.41 18.64
CA ILE D 213 65.82 -0.85 19.86
C ILE D 213 66.69 -1.29 21.03
N LYS D 214 67.28 -0.33 21.73
CA LYS D 214 68.20 -0.60 22.83
C LYS D 214 67.46 -0.65 24.17
N TYR E 2 63.65 20.03 27.31
CA TYR E 2 63.49 19.14 28.45
C TYR E 2 64.70 18.24 28.63
N SER E 3 65.57 18.60 29.56
CA SER E 3 66.80 17.86 29.81
C SER E 3 66.81 17.32 31.22
N LYS E 4 67.22 16.07 31.35
CA LYS E 4 67.34 15.40 32.64
C LYS E 4 68.80 15.43 33.05
N ILE E 5 69.09 16.24 34.07
CA ILE E 5 70.38 16.27 34.73
C ILE E 5 70.28 15.35 35.93
N LYS E 6 71.41 14.82 36.37
CA LYS E 6 71.44 13.85 37.44
C LYS E 6 72.41 14.32 38.52
N ILE E 7 72.11 13.94 39.76
CA ILE E 7 73.03 14.06 40.88
C ILE E 7 73.19 12.67 41.48
N SER E 8 74.39 12.33 41.90
CA SER E 8 74.62 11.06 42.57
C SER E 8 75.67 11.27 43.64
N GLY E 9 75.65 10.42 44.66
CA GLY E 9 76.67 10.53 45.68
C GLY E 9 76.54 9.43 46.71
N THR E 10 77.46 9.46 47.67
CA THR E 10 77.46 8.49 48.75
C THR E 10 77.35 9.21 50.08
N ILE E 11 76.78 8.50 51.06
CA ILE E 11 76.51 9.01 52.39
C ILE E 11 77.19 8.09 53.40
N GLU E 12 77.89 8.68 54.35
CA GLU E 12 78.67 7.94 55.33
C GLU E 12 77.98 7.96 56.69
N VAL E 13 77.98 6.81 57.36
CA VAL E 13 77.24 6.58 58.60
C VAL E 13 78.24 6.45 59.74
N VAL E 14 78.04 7.26 60.79
CA VAL E 14 78.94 7.29 61.94
C VAL E 14 78.22 6.96 63.24
N THR E 15 77.01 7.51 63.44
CA THR E 15 76.22 7.21 64.63
C THR E 15 75.22 6.12 64.31
N GLY E 16 75.19 5.09 65.13
CA GLY E 16 74.32 3.96 64.89
C GLY E 16 72.90 4.38 64.60
N LEU E 17 72.48 4.23 63.36
CA LEU E 17 71.25 4.85 62.90
C LEU E 17 70.05 3.95 63.17
N HIS E 18 68.92 4.60 63.45
CA HIS E 18 67.64 3.91 63.60
C HIS E 18 66.57 4.84 63.03
N ILE E 19 66.25 4.62 61.75
CA ILE E 19 65.28 5.47 61.07
C ILE E 19 63.90 5.33 61.71
N GLY E 20 63.32 4.13 61.63
CA GLY E 20 61.97 3.92 62.12
C GLY E 20 60.99 3.73 60.97
N GLY E 21 61.44 3.06 59.92
CA GLY E 21 60.60 2.77 58.78
C GLY E 21 59.60 1.68 59.09
N GLY E 22 59.84 0.94 60.18
CA GLY E 22 58.90 -0.08 60.60
C GLY E 22 57.58 0.48 61.08
N GLY E 23 57.53 1.78 61.34
CA GLY E 23 56.31 2.43 61.77
C GLY E 23 56.29 3.91 61.47
N SER E 33 61.84 -3.31 67.97
CA SER E 33 61.89 -2.15 67.09
C SER E 33 62.87 -2.37 65.94
N PRO E 34 62.37 -2.90 64.82
CA PRO E 34 63.24 -3.19 63.68
C PRO E 34 63.42 -1.99 62.75
N VAL E 35 64.17 -2.20 61.67
CA VAL E 35 64.42 -1.18 60.66
C VAL E 35 63.81 -1.66 59.34
N VAL E 36 63.29 -0.72 58.55
CA VAL E 36 62.66 -1.06 57.29
C VAL E 36 63.66 -1.74 56.38
N ARG E 37 63.25 -2.85 55.78
CA ARG E 37 64.09 -3.66 54.91
C ARG E 37 63.35 -3.97 53.63
N ASP E 38 64.03 -3.86 52.49
CA ASP E 38 63.51 -4.50 51.29
C ASP E 38 63.66 -6.01 51.41
N LEU E 39 62.54 -6.70 51.30
CA LEU E 39 62.47 -8.13 51.57
C LEU E 39 63.03 -8.98 50.44
N GLN E 40 63.80 -8.37 49.54
CA GLN E 40 64.59 -9.11 48.56
C GLN E 40 65.98 -9.43 49.06
N THR E 41 66.61 -8.53 49.83
CA THR E 41 67.95 -8.74 50.36
C THR E 41 68.02 -8.76 51.87
N LYS E 42 66.95 -8.39 52.57
CA LYS E 42 66.94 -8.33 54.03
C LYS E 42 68.04 -7.42 54.55
N LEU E 43 68.28 -6.32 53.84
CA LEU E 43 69.29 -5.35 54.22
C LEU E 43 68.65 -3.98 54.30
N PRO E 44 69.14 -3.11 55.19
CA PRO E 44 68.46 -1.85 55.45
C PRO E 44 68.36 -0.97 54.21
N ILE E 45 67.31 -0.16 54.17
CA ILE E 45 67.08 0.81 53.12
C ILE E 45 66.80 2.15 53.78
N ILE E 46 66.47 3.14 52.93
CA ILE E 46 66.01 4.44 53.38
C ILE E 46 64.84 4.85 52.50
N PRO E 47 63.65 5.02 53.04
CA PRO E 47 62.55 5.57 52.24
C PRO E 47 62.92 6.95 51.70
N GLY E 48 62.50 7.21 50.46
CA GLY E 48 62.74 8.51 49.88
C GLY E 48 61.88 9.61 50.48
N SER E 49 60.71 9.25 51.00
CA SER E 49 59.92 10.22 51.75
C SER E 49 60.70 10.72 52.96
N SER E 50 61.54 9.86 53.55
CA SER E 50 62.35 10.28 54.69
C SER E 50 63.21 11.49 54.33
N ILE E 51 64.10 11.32 53.35
CA ILE E 51 65.00 12.40 52.98
C ILE E 51 64.22 13.58 52.44
N LYS E 52 63.21 13.30 51.60
CA LYS E 52 62.42 14.38 51.03
C LYS E 52 61.82 15.26 52.13
N GLY E 53 61.12 14.64 53.08
CA GLY E 53 60.45 15.41 54.11
C GLY E 53 61.42 16.09 55.05
N LYS E 54 62.51 15.43 55.40
CA LYS E 54 63.42 16.05 56.36
C LYS E 54 64.15 17.24 55.74
N MET E 55 64.65 17.10 54.51
CA MET E 55 65.19 18.26 53.83
C MET E 55 64.14 19.35 53.68
N ARG E 56 62.89 18.95 53.44
CA ARG E 56 61.81 19.91 53.30
C ARG E 56 61.63 20.72 54.57
N ASN E 57 61.59 20.03 55.72
CA ASN E 57 61.36 20.70 56.99
C ASN E 57 62.51 21.62 57.35
N LEU E 58 63.75 21.13 57.20
CA LEU E 58 64.89 21.99 57.47
C LEU E 58 64.88 23.24 56.60
N LEU E 59 64.69 23.07 55.30
CA LEU E 59 64.71 24.23 54.41
C LEU E 59 63.58 25.19 54.75
N ALA E 60 62.40 24.66 55.08
CA ALA E 60 61.29 25.52 55.46
C ALA E 60 61.60 26.30 56.73
N LYS E 61 62.23 25.65 57.71
CA LYS E 61 62.58 26.33 58.94
C LYS E 61 63.60 27.44 58.70
N HIS E 62 64.58 27.18 57.83
CA HIS E 62 65.63 28.17 57.59
C HIS E 62 65.03 29.50 57.16
N PHE E 63 64.18 29.48 56.14
CA PHE E 63 63.46 30.68 55.72
C PHE E 63 62.28 30.92 56.65
N GLY E 64 61.60 32.04 56.44
CA GLY E 64 60.45 32.41 57.24
C GLY E 64 59.31 31.43 57.16
N LEU E 65 58.79 31.01 58.32
CA LEU E 65 57.68 30.08 58.41
C LEU E 65 56.56 30.73 59.23
N LYS E 66 55.41 30.94 58.60
CA LYS E 66 54.30 31.63 59.23
C LYS E 66 53.38 30.64 59.94
N MET E 67 52.83 31.06 61.09
CA MET E 67 51.93 30.20 61.84
C MET E 67 50.66 29.91 61.05
N LYS E 68 50.13 30.93 60.37
CA LYS E 68 48.96 30.71 59.50
C LYS E 68 49.29 29.72 58.39
N GLN E 69 50.49 29.84 57.81
CA GLN E 69 50.92 28.87 56.81
C GLN E 69 51.19 27.51 57.43
N GLU E 70 51.60 27.48 58.70
CA GLU E 70 51.74 26.20 59.41
C GLU E 70 50.39 25.50 59.54
N SER E 71 49.33 26.27 59.79
CA SER E 71 48.00 25.69 59.85
C SER E 71 47.58 25.09 58.51
N HIS E 72 47.93 25.78 57.41
CA HIS E 72 47.48 25.40 56.08
C HIS E 72 48.52 24.61 55.28
N ASN E 73 49.63 24.21 55.90
CA ASN E 73 50.69 23.46 55.24
C ASN E 73 51.24 24.19 54.02
N GLN E 74 51.34 25.51 54.11
CA GLN E 74 51.91 26.33 53.05
C GLN E 74 53.34 26.70 53.41
N ASP E 75 54.22 26.70 52.41
CA ASP E 75 55.62 27.01 52.64
C ASP E 75 56.10 28.09 51.67
N ASP E 76 57.40 28.37 51.68
CA ASP E 76 57.97 29.37 50.79
C ASP E 76 57.92 28.89 49.35
N GLU E 77 58.02 29.85 48.42
CA GLU E 77 57.99 29.52 47.01
C GLU E 77 59.13 28.60 46.61
N ARG E 78 60.29 28.74 47.26
CA ARG E 78 61.42 27.90 46.93
C ARG E 78 61.12 26.43 47.22
N VAL E 79 60.50 26.14 48.37
CA VAL E 79 60.15 24.76 48.69
C VAL E 79 59.04 24.27 47.78
N LEU E 80 58.09 25.15 47.45
CA LEU E 80 57.01 24.75 46.56
C LEU E 80 57.48 24.50 45.13
N ARG E 81 58.65 25.03 44.76
CA ARG E 81 59.20 24.78 43.44
C ARG E 81 60.12 23.56 43.46
N LEU E 82 61.19 23.62 44.25
CA LEU E 82 62.12 22.51 44.36
C LEU E 82 61.42 21.27 44.85
N PHE E 83 60.86 21.33 46.05
CA PHE E 83 60.23 20.16 46.62
C PHE E 83 58.82 19.94 46.09
N GLY E 84 58.00 20.98 46.07
CA GLY E 84 56.71 20.90 45.44
C GLY E 84 55.65 20.17 46.25
N SER E 85 54.48 20.79 46.40
CA SER E 85 53.38 20.19 47.11
C SER E 85 52.16 19.97 46.22
N SER E 86 51.70 21.02 45.54
CA SER E 86 50.59 20.93 44.59
C SER E 86 49.32 20.40 45.24
N GLU E 87 48.91 21.04 46.33
CA GLU E 87 47.64 20.72 46.96
C GLU E 87 46.80 21.95 47.28
N LYS E 88 47.28 23.16 47.00
CA LYS E 88 46.59 24.39 47.34
C LYS E 88 45.72 24.91 46.19
N GLY E 89 45.55 24.15 45.12
CA GLY E 89 44.89 24.65 43.94
C GLY E 89 45.83 25.29 42.93
N ASN E 90 47.10 25.44 43.26
CA ASN E 90 48.13 25.84 42.31
C ASN E 90 49.08 24.66 42.14
N ILE E 91 49.23 24.19 40.89
CA ILE E 91 49.99 22.98 40.65
C ILE E 91 51.48 23.25 40.81
N GLN E 92 52.17 22.38 41.53
CA GLN E 92 53.62 22.41 41.67
C GLN E 92 54.12 20.97 41.61
N ARG E 93 54.44 20.50 40.41
CA ARG E 93 55.07 19.19 40.26
C ARG E 93 56.54 19.27 40.65
N ALA E 94 56.99 18.31 41.44
CA ALA E 94 58.34 18.35 41.99
C ALA E 94 59.39 18.20 40.91
N ARG E 95 60.47 18.98 41.04
CA ARG E 95 61.57 18.96 40.08
C ARG E 95 62.75 18.14 40.55
N LEU E 96 62.65 17.44 41.68
CA LEU E 96 63.78 16.73 42.24
C LEU E 96 63.31 15.34 42.65
N GLN E 97 63.36 14.39 41.73
CA GLN E 97 62.99 13.01 42.04
C GLN E 97 64.07 12.43 42.94
N ILE E 98 63.73 12.17 44.18
CA ILE E 98 64.59 11.43 45.10
C ILE E 98 64.21 9.97 45.02
N SER E 99 65.19 9.11 44.83
CA SER E 99 64.98 7.68 44.82
C SER E 99 65.50 7.08 46.12
N ASP E 100 64.98 5.89 46.43
CA ASP E 100 65.40 5.20 47.64
C ASP E 100 66.86 4.79 47.52
N ALA E 101 67.55 4.82 48.64
CA ALA E 101 68.98 4.58 48.67
C ALA E 101 69.27 3.18 49.16
N PHE E 102 70.23 2.52 48.53
CA PHE E 102 70.69 1.21 48.94
C PHE E 102 72.11 1.31 49.46
N PHE E 103 72.66 0.15 49.83
CA PHE E 103 74.04 0.07 50.23
C PHE E 103 74.97 0.29 49.03
N SER E 104 76.25 0.36 49.32
CA SER E 104 77.27 0.23 48.28
C SER E 104 77.91 -1.14 48.38
N GLU E 105 78.26 -1.71 47.23
CA GLU E 105 78.94 -3.00 47.23
C GLU E 105 80.29 -2.93 47.93
N LYS E 106 80.91 -1.74 47.98
CA LYS E 106 82.13 -1.58 48.75
C LYS E 106 81.89 -1.89 50.23
N THR E 107 80.83 -1.32 50.80
CA THR E 107 80.51 -1.57 52.20
C THR E 107 80.20 -3.04 52.44
N LYS E 108 79.43 -3.65 51.53
CA LYS E 108 79.08 -5.05 51.69
C LYS E 108 80.31 -5.94 51.67
N GLU E 109 81.23 -5.68 50.74
CA GLU E 109 82.46 -6.47 50.66
C GLU E 109 83.29 -6.29 51.91
N HIS E 110 83.42 -5.04 52.40
CA HIS E 110 84.22 -4.80 53.60
C HIS E 110 83.62 -5.50 54.81
N PHE E 111 82.29 -5.43 54.97
CA PHE E 111 81.64 -6.04 56.12
C PHE E 111 81.74 -7.57 56.05
N ALA E 112 81.57 -8.14 54.85
CA ALA E 112 81.71 -9.58 54.70
C ALA E 112 83.12 -10.05 55.00
N GLN E 113 84.13 -9.28 54.55
CA GLN E 113 85.51 -9.63 54.83
C GLN E 113 85.80 -9.56 56.33
N ASN E 114 85.28 -8.53 57.01
CA ASN E 114 85.53 -8.37 58.44
C ASN E 114 84.49 -9.06 59.30
N ASP E 115 83.44 -9.65 58.71
CA ASP E 115 82.42 -10.40 59.44
C ASP E 115 81.76 -9.54 60.52
N ILE E 116 81.04 -8.51 60.07
CA ILE E 116 80.36 -7.57 60.94
C ILE E 116 78.89 -7.52 60.54
N ALA E 117 78.00 -7.60 61.53
CA ALA E 117 76.57 -7.54 61.28
C ALA E 117 76.14 -6.09 61.04
N TYR E 118 74.91 -5.92 60.56
CA TYR E 118 74.39 -4.61 60.19
C TYR E 118 73.49 -4.00 61.25
N THR E 119 72.85 -4.82 62.09
CA THR E 119 71.88 -4.34 63.07
C THR E 119 72.40 -4.61 64.48
N GLU E 120 72.27 -3.62 65.35
CA GLU E 120 72.69 -3.76 66.74
C GLU E 120 71.48 -4.02 67.65
N ARG E 141 70.28 -1.39 65.45
CA ARG E 141 70.51 -0.08 64.86
C ARG E 141 71.50 -0.19 63.69
N VAL E 142 71.49 0.81 62.81
CA VAL E 142 72.37 0.78 61.64
C VAL E 142 73.81 0.94 62.09
N THR E 143 74.60 -0.12 61.92
CA THR E 143 75.98 -0.10 62.37
C THR E 143 76.77 1.01 61.68
N ARG E 144 77.84 1.43 62.33
CA ARG E 144 78.65 2.55 61.87
C ARG E 144 79.50 2.15 60.66
N GLY E 145 79.88 3.14 59.88
CA GLY E 145 80.78 2.94 58.76
C GLY E 145 80.12 2.61 57.44
N SER E 146 78.82 2.81 57.32
CA SER E 146 78.12 2.45 56.10
C SER E 146 78.33 3.51 55.03
N GLU E 147 78.02 3.14 53.79
CA GLU E 147 77.95 4.06 52.68
C GLU E 147 76.64 3.83 51.93
N PHE E 148 76.03 4.92 51.47
CA PHE E 148 74.73 4.86 50.82
C PHE E 148 74.81 5.58 49.48
N ASP E 149 74.21 4.98 48.46
CA ASP E 149 74.25 5.52 47.11
C ASP E 149 72.92 6.21 46.82
N PHE E 150 72.91 7.53 46.88
CA PHE E 150 71.71 8.30 46.60
C PHE E 150 71.80 8.89 45.20
N VAL E 151 70.72 8.73 44.44
CA VAL E 151 70.67 9.15 43.04
C VAL E 151 69.42 10.01 42.85
N PHE E 152 69.62 11.29 42.60
CA PHE E 152 68.56 12.24 42.38
C PHE E 152 68.49 12.57 40.90
N ILE E 153 67.28 12.76 40.39
CA ILE E 153 67.07 13.19 39.03
C ILE E 153 66.44 14.57 39.05
N TYR E 154 67.07 15.52 38.38
CA TYR E 154 66.59 16.89 38.33
C TYR E 154 66.18 17.19 36.89
N ASN E 155 64.94 17.63 36.72
CA ASN E 155 64.42 18.00 35.40
C ASN E 155 64.63 19.49 35.21
N VAL E 156 65.05 19.89 34.01
CA VAL E 156 65.23 21.30 33.70
C VAL E 156 63.96 21.77 32.99
N ASP E 157 62.99 22.23 33.79
CA ASP E 157 61.80 22.83 33.25
C ASP E 157 62.00 24.29 32.87
N GLU E 158 63.08 24.91 33.34
CA GLU E 158 63.40 26.28 32.97
C GLU E 158 64.91 26.46 33.01
N GLU E 159 65.46 27.07 31.95
CA GLU E 159 66.91 27.22 31.87
C GLU E 159 67.44 28.22 32.88
N SER E 160 66.71 29.33 33.10
CA SER E 160 67.25 30.42 33.90
C SER E 160 67.40 30.03 35.36
N GLN E 161 66.36 29.49 35.97
CA GLN E 161 66.34 29.26 37.42
C GLN E 161 67.22 28.10 37.86
N VAL E 162 68.02 27.53 36.95
CA VAL E 162 68.84 26.37 37.28
C VAL E 162 69.84 26.72 38.38
N GLU E 163 70.52 27.87 38.24
CA GLU E 163 71.54 28.23 39.22
C GLU E 163 70.94 28.45 40.60
N ASP E 164 69.82 29.17 40.66
CA ASP E 164 69.19 29.42 41.95
C ASP E 164 68.74 28.12 42.60
N ASP E 165 68.14 27.23 41.81
CA ASP E 165 67.69 25.96 42.36
C ASP E 165 68.85 25.15 42.90
N PHE E 166 69.96 25.11 42.16
CA PHE E 166 71.07 24.28 42.61
C PHE E 166 71.81 24.88 43.80
N GLU E 167 71.93 26.20 43.87
CA GLU E 167 72.53 26.76 45.08
C GLU E 167 71.64 26.51 46.29
N ASN E 168 70.31 26.57 46.11
CA ASN E 168 69.42 26.22 47.20
C ASN E 168 69.59 24.75 47.61
N ILE E 169 69.74 23.86 46.64
CA ILE E 169 69.96 22.45 46.96
C ILE E 169 71.26 22.29 47.72
N GLU E 170 72.28 23.06 47.35
CA GLU E 170 73.55 23.00 48.07
C GLU E 170 73.36 23.43 49.52
N LYS E 171 72.60 24.51 49.74
CA LYS E 171 72.33 24.94 51.09
C LYS E 171 71.59 23.84 51.88
N ALA E 172 70.59 23.23 51.25
CA ALA E 172 69.82 22.19 51.92
C ALA E 172 70.70 20.99 52.27
N ILE E 173 71.60 20.63 51.37
CA ILE E 173 72.53 19.53 51.65
C ILE E 173 73.41 19.87 52.84
N HIS E 174 73.90 21.10 52.91
CA HIS E 174 74.73 21.49 54.05
C HIS E 174 73.93 21.41 55.35
N LEU E 175 72.72 21.95 55.36
CA LEU E 175 71.89 21.90 56.56
C LEU E 175 71.61 20.46 56.97
N LEU E 176 71.31 19.59 56.01
CA LEU E 176 71.11 18.18 56.34
C LEU E 176 72.38 17.59 56.94
N GLU E 177 73.54 17.91 56.37
CA GLU E 177 74.78 17.40 56.90
C GLU E 177 75.00 17.85 58.33
N ASN E 178 74.44 18.99 58.71
CA ASN E 178 74.55 19.48 60.08
C ASN E 178 73.22 19.39 60.82
N ASP E 179 72.49 18.31 60.61
CA ASP E 179 71.26 18.03 61.37
C ASP E 179 71.12 16.52 61.48
N TYR E 180 69.92 16.05 61.81
CA TYR E 180 69.72 14.62 62.04
C TYR E 180 68.58 14.08 61.18
N LEU E 181 68.76 12.85 60.73
CA LEU E 181 67.76 12.07 60.00
C LEU E 181 67.42 10.83 60.79
N GLY E 182 66.13 10.56 60.94
CA GLY E 182 65.66 9.38 61.62
C GLY E 182 64.69 9.72 62.74
N GLY E 183 64.17 8.65 63.35
CA GLY E 183 63.23 8.78 64.46
C GLY E 183 63.93 8.62 65.80
N GLY E 184 63.60 9.51 66.73
CA GLY E 184 64.16 9.46 68.07
C GLY E 184 65.67 9.61 68.11
N GLY E 185 66.22 10.44 67.24
CA GLY E 185 67.65 10.65 67.18
C GLY E 185 68.19 11.72 68.09
N THR E 186 67.34 12.30 68.95
CA THR E 186 67.71 13.41 69.81
C THR E 186 68.52 12.98 71.03
N ARG E 187 69.09 11.77 71.01
CA ARG E 187 69.94 11.30 72.08
C ARG E 187 71.32 10.89 71.59
N GLY E 188 71.66 11.19 70.33
CA GLY E 188 73.00 10.92 69.84
C GLY E 188 73.09 10.20 68.51
N ASN E 189 71.94 9.86 67.92
CA ASN E 189 71.91 9.08 66.70
C ASN E 189 71.33 9.89 65.54
N GLY E 190 71.85 9.63 64.35
CA GLY E 190 71.26 10.14 63.14
C GLY E 190 71.96 11.30 62.46
N ARG E 191 73.24 11.53 62.73
CA ARG E 191 74.01 12.55 62.01
C ARG E 191 75.05 11.86 61.13
N ILE E 192 75.08 12.23 59.85
CA ILE E 192 75.82 11.50 58.82
C ILE E 192 76.42 12.49 57.82
N GLN E 193 77.30 11.98 56.96
CA GLN E 193 78.14 12.82 56.11
C GLN E 193 77.88 12.55 54.62
N PHE E 194 78.29 13.51 53.79
CA PHE E 194 78.12 13.46 52.34
C PHE E 194 79.48 13.36 51.68
N LYS E 195 79.61 12.51 50.66
CA LYS E 195 80.86 12.35 49.95
C LYS E 195 80.62 11.95 48.50
N ASP E 196 81.64 12.16 47.68
CA ASP E 196 81.80 11.50 46.39
C ASP E 196 80.60 11.72 45.47
N THR E 197 80.46 12.95 45.00
CA THR E 197 79.39 13.28 44.08
C THR E 197 79.82 13.12 42.63
N ASN E 198 78.86 13.25 41.73
CA ASN E 198 79.11 13.25 40.28
C ASN E 198 77.91 13.86 39.59
N ILE E 199 78.10 15.02 38.96
CA ILE E 199 77.01 15.77 38.34
C ILE E 199 77.07 15.55 36.83
N GLU E 200 76.31 14.58 36.34
CA GLU E 200 76.34 14.19 34.94
C GLU E 200 74.98 14.42 34.31
N THR E 201 74.98 15.00 33.12
CA THR E 201 73.76 15.13 32.33
C THR E 201 73.52 13.81 31.62
N VAL E 202 72.32 13.25 31.79
CA VAL E 202 72.02 11.96 31.19
C VAL E 202 71.10 12.12 29.98
N VAL E 203 70.28 13.15 29.92
CA VAL E 203 69.49 13.42 28.72
C VAL E 203 69.52 14.92 28.46
N GLY E 204 69.80 15.29 27.22
CA GLY E 204 69.79 16.69 26.81
C GLY E 204 71.11 17.11 26.20
N GLU E 205 71.15 18.38 25.82
CA GLU E 205 72.32 19.00 25.19
C GLU E 205 72.69 20.29 25.92
N TYR E 206 72.68 20.25 27.25
CA TYR E 206 72.97 21.41 28.08
C TYR E 206 74.28 21.21 28.81
N ASP E 207 75.06 22.29 28.92
CA ASP E 207 76.36 22.24 29.57
C ASP E 207 76.17 22.29 31.09
N SER E 208 76.64 21.26 31.78
CA SER E 208 76.48 21.13 33.23
C SER E 208 77.83 20.88 33.90
N THR E 209 78.80 21.71 33.57
CA THR E 209 80.15 21.56 34.11
C THR E 209 80.46 22.52 35.24
N ASN E 210 79.71 23.61 35.36
CA ASN E 210 80.03 24.69 36.29
C ASN E 210 79.29 24.57 37.62
N LEU E 211 78.60 23.47 37.86
CA LEU E 211 77.79 23.31 39.05
C LEU E 211 78.59 22.60 40.13
N LYS E 212 78.08 22.65 41.36
CA LYS E 212 78.77 21.98 42.45
C LYS E 212 77.81 21.67 43.59
N ILE E 213 77.91 20.45 44.12
CA ILE E 213 77.20 20.03 45.32
C ILE E 213 78.18 19.20 46.14
N LYS E 214 78.75 19.81 47.17
CA LYS E 214 79.80 19.16 47.96
C LYS E 214 79.27 18.00 48.78
N THR F 5 -58.51 -7.63 5.84
CA THR F 5 -57.78 -6.64 5.07
C THR F 5 -56.47 -6.35 5.77
N LYS F 6 -55.76 -7.40 6.18
CA LYS F 6 -54.57 -7.24 6.99
C LYS F 6 -53.37 -6.83 6.15
N VAL F 7 -52.36 -6.29 6.83
CA VAL F 7 -51.12 -5.94 6.16
C VAL F 7 -49.99 -6.75 6.80
N PHE F 8 -48.97 -7.01 6.01
CA PHE F 8 -47.84 -7.83 6.43
C PHE F 8 -46.59 -6.98 6.37
N LYS F 9 -45.79 -7.02 7.44
CA LYS F 9 -44.53 -6.31 7.53
C LYS F 9 -43.38 -7.30 7.48
N LEU F 10 -42.34 -6.96 6.71
CA LEU F 10 -41.20 -7.83 6.45
C LEU F 10 -39.91 -7.03 6.60
N SER F 11 -38.98 -7.58 7.38
CA SER F 11 -37.62 -7.05 7.52
C SER F 11 -36.62 -8.12 7.11
N PHE F 12 -35.54 -7.71 6.44
CA PHE F 12 -34.71 -8.65 5.68
C PHE F 12 -33.37 -8.98 6.32
N LYS F 13 -32.59 -7.97 6.69
CA LYS F 13 -31.30 -8.14 7.38
C LYS F 13 -30.17 -8.57 6.45
N THR F 14 -30.47 -8.98 5.23
CA THR F 14 -29.47 -9.42 4.26
C THR F 14 -29.82 -8.80 2.92
N PRO F 15 -28.84 -8.61 2.06
CA PRO F 15 -29.13 -8.01 0.76
C PRO F 15 -29.96 -8.94 -0.11
N VAL F 16 -30.72 -8.34 -1.03
CA VAL F 16 -31.66 -9.06 -1.88
C VAL F 16 -31.37 -8.73 -3.33
N HIS F 17 -31.72 -9.66 -4.21
CA HIS F 17 -31.52 -9.52 -5.64
C HIS F 17 -32.84 -9.75 -6.36
N PHE F 18 -33.39 -8.70 -6.95
CA PHE F 18 -34.65 -8.81 -7.67
C PHE F 18 -34.46 -8.72 -9.19
N GLY F 19 -33.89 -7.64 -9.69
CA GLY F 19 -33.46 -7.60 -11.08
C GLY F 19 -34.57 -7.50 -12.11
N LYS F 20 -34.24 -6.96 -13.28
CA LYS F 20 -35.20 -6.71 -14.34
C LYS F 20 -34.95 -7.56 -15.58
N LYS F 21 -33.75 -7.54 -16.14
CA LYS F 21 -33.45 -8.29 -17.34
C LYS F 21 -32.23 -9.19 -17.18
N ARG F 22 -31.23 -8.74 -16.43
CA ARG F 22 -29.96 -9.44 -16.30
C ARG F 22 -29.60 -9.57 -14.82
N LEU F 23 -28.57 -10.37 -14.54
CA LEU F 23 -28.08 -10.45 -13.17
C LEU F 23 -27.34 -9.21 -12.73
N SER F 24 -26.93 -8.35 -13.67
CA SER F 24 -26.28 -7.11 -13.27
C SER F 24 -27.24 -6.10 -12.68
N ASP F 25 -28.54 -6.37 -12.77
CA ASP F 25 -29.53 -5.38 -12.38
C ASP F 25 -29.93 -5.56 -10.92
N GLY F 26 -30.14 -4.45 -10.26
CA GLY F 26 -30.61 -4.45 -8.88
C GLY F 26 -31.86 -3.61 -8.74
N GLU F 27 -32.86 -4.19 -8.08
CA GLU F 27 -34.17 -3.56 -7.99
C GLU F 27 -34.62 -3.59 -6.54
N MET F 28 -35.38 -2.56 -6.16
CA MET F 28 -35.84 -2.42 -4.78
C MET F 28 -37.00 -3.36 -4.48
N THR F 29 -38.02 -3.36 -5.33
CA THR F 29 -39.28 -4.02 -5.04
C THR F 29 -39.61 -5.06 -6.09
N ILE F 30 -40.58 -5.90 -5.79
CA ILE F 30 -41.09 -6.92 -6.70
C ILE F 30 -42.59 -6.72 -6.88
N THR F 31 -43.19 -7.59 -7.68
CA THR F 31 -44.55 -7.43 -8.14
C THR F 31 -45.45 -8.52 -7.56
N ALA F 32 -46.76 -8.28 -7.59
CA ALA F 32 -47.72 -9.25 -7.10
C ALA F 32 -47.59 -10.59 -7.81
N ASP F 33 -47.09 -10.61 -9.04
CA ASP F 33 -46.95 -11.87 -9.74
C ASP F 33 -45.80 -12.69 -9.18
N THR F 34 -44.70 -12.03 -8.82
CA THR F 34 -43.59 -12.73 -8.20
C THR F 34 -43.99 -13.33 -6.84
N LEU F 35 -44.78 -12.61 -6.06
CA LEU F 35 -45.18 -13.14 -4.75
C LEU F 35 -46.25 -14.21 -4.89
N PHE F 36 -47.19 -14.05 -5.82
CA PHE F 36 -48.11 -15.15 -6.10
C PHE F 36 -47.35 -16.39 -6.49
N SER F 37 -46.30 -16.22 -7.30
CA SER F 37 -45.44 -17.34 -7.63
C SER F 37 -44.85 -17.98 -6.38
N ALA F 38 -44.29 -17.16 -5.50
CA ALA F 38 -43.67 -17.69 -4.28
C ALA F 38 -44.68 -18.48 -3.46
N LEU F 39 -45.86 -17.91 -3.24
CA LEU F 39 -46.86 -18.57 -2.41
C LEU F 39 -47.36 -19.85 -3.06
N PHE F 40 -47.56 -19.84 -4.37
CA PHE F 40 -48.00 -21.04 -5.06
C PHE F 40 -46.96 -22.16 -4.96
N ILE F 41 -45.68 -21.81 -5.16
CA ILE F 41 -44.64 -22.82 -5.07
C ILE F 41 -44.56 -23.38 -3.66
N GLU F 42 -44.68 -22.52 -2.65
CA GLU F 42 -44.60 -22.99 -1.28
C GLU F 42 -45.80 -23.85 -0.90
N THR F 43 -46.98 -23.56 -1.45
CA THR F 43 -48.13 -24.41 -1.17
C THR F 43 -47.96 -25.77 -1.81
N LEU F 44 -47.55 -25.81 -3.08
CA LEU F 44 -47.29 -27.10 -3.71
C LEU F 44 -46.19 -27.85 -2.99
N GLN F 45 -45.27 -27.12 -2.36
CA GLN F 45 -44.18 -27.73 -1.63
C GLN F 45 -44.66 -28.28 -0.28
N LEU F 46 -45.54 -27.56 0.40
CA LEU F 46 -46.09 -28.01 1.67
C LEU F 46 -47.12 -29.12 1.54
N GLY F 47 -47.67 -29.32 0.34
CA GLY F 47 -48.65 -30.38 0.16
C GLY F 47 -50.08 -30.01 0.47
N LYS F 48 -50.41 -28.72 0.43
CA LYS F 48 -51.76 -28.28 0.73
C LYS F 48 -52.59 -28.18 -0.56
N ASP F 49 -53.71 -27.47 -0.48
CA ASP F 49 -54.63 -27.31 -1.61
C ASP F 49 -54.49 -25.90 -2.17
N THR F 50 -54.29 -25.81 -3.48
CA THR F 50 -54.23 -24.51 -4.14
C THR F 50 -55.60 -24.00 -4.56
N ASP F 51 -56.64 -24.82 -4.43
CA ASP F 51 -57.96 -24.43 -4.91
C ASP F 51 -58.49 -23.23 -4.13
N TRP F 52 -58.30 -23.23 -2.81
CA TRP F 52 -58.89 -22.18 -1.99
C TRP F 52 -58.32 -20.81 -2.32
N LEU F 53 -57.02 -20.75 -2.59
CA LEU F 53 -56.34 -19.48 -2.80
C LEU F 53 -56.14 -19.15 -4.27
N LEU F 54 -56.51 -20.04 -5.18
CA LEU F 54 -56.48 -19.69 -6.60
C LEU F 54 -57.51 -18.62 -6.92
N ASN F 55 -58.72 -18.74 -6.39
CA ASN F 55 -59.83 -17.87 -6.75
C ASN F 55 -60.53 -17.31 -5.53
N ASP F 56 -59.78 -16.99 -4.48
CA ASP F 56 -60.34 -16.23 -3.36
C ASP F 56 -59.44 -15.13 -2.82
N LEU F 57 -58.18 -15.04 -3.23
CA LEU F 57 -57.22 -14.14 -2.63
C LEU F 57 -56.92 -12.97 -3.56
N ILE F 58 -56.86 -11.76 -2.99
CA ILE F 58 -56.44 -10.56 -3.70
C ILE F 58 -55.20 -10.04 -3.02
N ILE F 59 -54.15 -9.82 -3.80
CA ILE F 59 -52.84 -9.40 -3.31
C ILE F 59 -52.53 -8.07 -3.96
N SER F 60 -51.65 -7.31 -3.33
CA SER F 60 -51.16 -6.04 -3.86
C SER F 60 -49.67 -6.13 -4.08
N ASP F 61 -49.10 -5.04 -4.59
CA ASP F 61 -47.66 -5.00 -4.80
C ASP F 61 -46.93 -4.89 -3.48
N THR F 62 -45.61 -5.02 -3.55
CA THR F 62 -44.78 -4.76 -2.38
C THR F 62 -44.58 -3.26 -2.26
N PHE F 63 -44.46 -2.78 -1.03
CA PHE F 63 -44.20 -1.35 -0.92
C PHE F 63 -43.15 -1.10 0.15
N PRO F 64 -42.38 -0.03 0.03
CA PRO F 64 -41.38 0.30 1.04
C PRO F 64 -41.97 0.91 2.30
N TYR F 65 -41.29 0.68 3.43
CA TYR F 65 -41.56 1.45 4.63
C TYR F 65 -40.26 1.77 5.33
N GLU F 66 -40.32 2.83 6.13
CA GLU F 66 -39.25 3.36 6.95
C GLU F 66 -39.75 3.41 8.40
N ASN F 67 -38.99 4.10 9.26
CA ASN F 67 -39.13 3.96 10.70
C ASN F 67 -40.58 3.90 11.18
N GLU F 68 -41.34 4.96 10.95
CA GLU F 68 -42.76 4.96 11.29
C GLU F 68 -43.59 5.51 10.14
N LEU F 69 -43.19 5.26 8.91
CA LEU F 69 -43.74 5.92 7.75
C LEU F 69 -44.02 4.89 6.66
N TYR F 70 -44.99 5.21 5.79
CA TYR F 70 -45.42 4.32 4.74
C TYR F 70 -45.52 5.09 3.42
N TYR F 71 -45.32 4.38 2.31
CA TYR F 71 -45.32 4.98 0.99
C TYR F 71 -46.25 4.20 0.06
N LEU F 72 -46.78 4.88 -0.94
CA LEU F 72 -47.65 4.29 -1.94
C LEU F 72 -47.27 4.82 -3.31
N PRO F 73 -47.55 4.07 -4.37
CA PRO F 73 -47.10 4.48 -5.71
C PRO F 73 -47.76 5.76 -6.16
N LYS F 74 -47.08 6.43 -7.07
CA LYS F 74 -47.57 7.71 -7.56
C LYS F 74 -48.76 7.49 -8.46
N PRO F 75 -49.93 8.07 -8.16
CA PRO F 75 -51.06 7.96 -9.07
C PRO F 75 -50.83 8.77 -10.35
N LEU F 76 -51.49 8.34 -11.41
CA LEU F 76 -51.37 8.98 -12.73
C LEU F 76 -52.48 9.99 -12.95
N ILE F 77 -52.68 10.88 -11.99
CA ILE F 77 -53.76 11.85 -12.09
C ILE F 77 -53.44 12.91 -13.12
N ASP F 85 -47.64 22.52 -11.72
CA ASP F 85 -47.14 23.65 -12.52
C ASP F 85 -45.64 23.51 -12.78
N ASN F 86 -44.91 23.06 -11.75
CA ASN F 86 -43.47 22.89 -11.89
C ASN F 86 -43.14 21.84 -12.93
N HIS F 87 -43.87 20.72 -12.91
CA HIS F 87 -43.70 19.59 -13.86
C HIS F 87 -42.25 19.19 -14.01
N LYS F 88 -41.44 19.41 -12.99
CA LYS F 88 -40.03 19.04 -13.03
C LYS F 88 -39.62 18.27 -11.79
N ALA F 89 -40.30 18.51 -10.68
CA ALA F 89 -39.97 17.84 -9.43
C ALA F 89 -40.79 16.57 -9.21
N PHE F 90 -42.07 16.60 -9.58
CA PHE F 90 -42.92 15.43 -9.39
C PHE F 90 -42.41 14.25 -10.22
N LYS F 91 -41.90 14.53 -11.42
CA LYS F 91 -41.42 13.48 -12.30
C LYS F 91 -40.24 12.70 -11.71
N LYS F 92 -39.58 13.24 -10.70
CA LYS F 92 -38.49 12.55 -10.04
C LYS F 92 -38.95 11.81 -8.79
N LEU F 93 -40.25 11.59 -8.64
CA LEU F 93 -40.83 10.97 -7.46
C LEU F 93 -41.47 9.64 -7.81
N LYS F 94 -41.29 8.64 -6.97
CA LYS F 94 -41.89 7.33 -7.20
C LYS F 94 -42.93 6.96 -6.16
N TYR F 95 -42.79 7.41 -4.93
CA TYR F 95 -43.69 7.02 -3.85
C TYR F 95 -44.08 8.23 -3.01
N VAL F 96 -45.31 8.22 -2.51
CA VAL F 96 -45.88 9.32 -1.76
C VAL F 96 -46.29 8.82 -0.39
N PRO F 97 -46.02 9.56 0.69
CA PRO F 97 -46.40 9.09 2.02
C PRO F 97 -47.89 9.07 2.24
N VAL F 98 -48.32 8.15 3.12
CA VAL F 98 -49.75 7.89 3.31
C VAL F 98 -50.45 9.11 3.89
N HIS F 99 -49.86 9.75 4.88
CA HIS F 99 -50.47 10.92 5.50
C HIS F 99 -50.84 11.99 4.49
N HIS F 100 -50.08 12.09 3.41
CA HIS F 100 -50.26 13.11 2.40
C HIS F 100 -50.99 12.59 1.18
N TYR F 101 -51.37 11.30 1.19
CA TYR F 101 -51.92 10.68 -0.01
C TYR F 101 -53.16 11.42 -0.46
N ASN F 102 -54.13 11.59 0.44
CA ASN F 102 -55.31 12.38 0.09
C ASN F 102 -54.92 13.79 -0.31
N GLN F 103 -54.01 14.41 0.43
CA GLN F 103 -53.59 15.76 0.08
C GLN F 103 -52.96 15.79 -1.30
N TYR F 104 -52.36 14.68 -1.72
CA TYR F 104 -51.80 14.63 -3.06
C TYR F 104 -52.89 14.71 -4.11
N LEU F 105 -54.00 14.00 -3.92
CA LEU F 105 -55.02 13.93 -4.95
C LEU F 105 -55.86 15.20 -5.04
N ASN F 106 -55.77 16.08 -4.04
CA ASN F 106 -56.51 17.33 -4.06
C ASN F 106 -55.65 18.52 -4.43
N GLY F 107 -54.42 18.30 -4.88
CA GLY F 107 -53.55 19.41 -5.25
C GLY F 107 -53.05 20.24 -4.10
N GLU F 108 -52.97 19.69 -2.90
CA GLU F 108 -52.53 20.42 -1.73
C GLU F 108 -51.03 20.25 -1.45
N LEU F 109 -50.28 19.64 -2.35
CA LEU F 109 -48.86 19.42 -2.13
C LEU F 109 -48.04 20.43 -2.94
N SER F 110 -47.09 21.08 -2.28
CA SER F 110 -46.28 22.13 -2.89
C SER F 110 -44.91 21.59 -3.29
N ALA F 111 -44.20 22.39 -4.09
CA ALA F 111 -42.93 21.95 -4.65
C ALA F 111 -41.87 21.77 -3.57
N GLU F 112 -41.81 22.70 -2.61
CA GLU F 112 -40.80 22.58 -1.56
C GLU F 112 -41.03 21.35 -0.71
N ASP F 113 -42.29 21.05 -0.39
CA ASP F 113 -42.61 19.84 0.34
C ASP F 113 -42.18 18.60 -0.44
N ALA F 114 -42.44 18.59 -1.75
CA ALA F 114 -42.04 17.45 -2.57
C ALA F 114 -40.53 17.29 -2.58
N THR F 115 -39.79 18.39 -2.67
CA THR F 115 -38.33 18.30 -2.67
C THR F 115 -37.82 17.75 -1.36
N ASP F 116 -38.40 18.20 -0.24
CA ASP F 116 -38.03 17.63 1.06
C ASP F 116 -38.32 16.13 1.09
N LEU F 117 -39.46 15.73 0.54
CA LEU F 117 -39.77 14.31 0.45
C LEU F 117 -38.69 13.57 -0.32
N ASN F 118 -38.32 14.07 -1.51
CA ASN F 118 -37.25 13.43 -2.25
C ASN F 118 -35.98 13.31 -1.41
N ASP F 119 -35.70 14.32 -0.60
CA ASP F 119 -34.51 14.27 0.25
C ASP F 119 -34.59 13.13 1.27
N ILE F 120 -35.77 12.94 1.88
CA ILE F 120 -35.86 12.04 3.03
C ILE F 120 -35.99 10.56 2.61
N PHE F 121 -36.14 10.28 1.32
CA PHE F 121 -36.60 8.97 0.87
C PHE F 121 -35.47 7.96 0.64
N ASN F 122 -34.35 8.05 1.35
CA ASN F 122 -33.29 7.07 1.18
C ASN F 122 -33.53 5.87 2.08
N ILE F 123 -33.77 4.71 1.48
CA ILE F 123 -34.09 3.51 2.25
C ILE F 123 -33.18 2.34 1.89
N GLY F 124 -31.98 2.64 1.45
CA GLY F 124 -31.03 1.58 1.15
C GLY F 124 -30.12 1.97 0.01
N TYR F 125 -29.25 1.04 -0.36
CA TYR F 125 -28.25 1.29 -1.38
C TYR F 125 -27.99 0.04 -2.21
N PHE F 126 -27.14 0.20 -3.23
CA PHE F 126 -26.93 -0.77 -4.28
C PHE F 126 -25.47 -1.23 -4.30
N SER F 127 -25.24 -2.45 -4.78
CA SER F 127 -23.87 -2.95 -4.81
C SER F 127 -23.72 -4.06 -5.85
N LEU F 128 -22.68 -3.94 -6.69
CA LEU F 128 -22.36 -4.96 -7.68
C LEU F 128 -21.26 -5.85 -7.14
N GLN F 129 -21.62 -7.05 -6.70
CA GLN F 129 -20.68 -7.99 -6.15
C GLN F 129 -20.09 -8.83 -7.28
N THR F 130 -18.76 -8.79 -7.37
CA THR F 130 -18.04 -9.51 -8.45
C THR F 130 -17.59 -10.88 -7.96
N LYS F 131 -17.67 -11.89 -8.82
CA LYS F 131 -17.39 -13.28 -8.48
C LYS F 131 -16.68 -13.92 -9.66
N VAL F 132 -16.31 -15.19 -9.50
CA VAL F 132 -15.62 -15.95 -10.52
C VAL F 132 -16.24 -17.33 -10.64
N SER F 133 -15.79 -18.07 -11.64
CA SER F 133 -16.19 -19.46 -11.82
C SER F 133 -14.95 -20.25 -12.22
N LEU F 134 -14.62 -21.25 -11.43
CA LEU F 134 -13.52 -22.14 -11.72
C LEU F 134 -13.97 -23.56 -12.04
N ILE F 135 -15.28 -23.81 -12.10
CA ILE F 135 -15.78 -25.13 -12.44
C ILE F 135 -15.46 -25.51 -13.87
N ALA F 136 -14.86 -24.61 -14.63
CA ALA F 136 -14.55 -24.85 -16.03
C ALA F 136 -13.32 -25.72 -16.15
N GLN F 137 -12.71 -25.77 -17.33
CA GLN F 137 -11.53 -26.60 -17.55
C GLN F 137 -10.39 -26.19 -16.62
N GLU F 138 -10.62 -25.17 -15.76
CA GLU F 138 -9.73 -24.92 -14.65
C GLU F 138 -9.53 -26.18 -13.82
N THR F 139 -10.59 -26.98 -13.67
CA THR F 139 -10.44 -28.30 -13.07
C THR F 139 -9.52 -29.17 -13.91
N ASP F 140 -9.58 -29.02 -15.24
CA ASP F 140 -8.78 -29.85 -16.13
C ASP F 140 -7.33 -29.35 -16.18
N SER F 141 -7.15 -28.12 -16.64
CA SER F 141 -5.82 -27.57 -16.92
C SER F 141 -5.96 -26.06 -17.05
N SER F 142 -4.98 -25.42 -17.67
CA SER F 142 -5.06 -24.02 -17.98
C SER F 142 -6.37 -23.71 -18.72
N ALA F 143 -7.19 -22.88 -18.10
CA ALA F 143 -8.42 -22.38 -18.68
C ALA F 143 -8.76 -21.06 -18.03
N ASP F 144 -9.26 -20.13 -18.83
CA ASP F 144 -9.53 -18.79 -18.33
C ASP F 144 -10.67 -18.81 -17.32
N SER F 145 -10.54 -17.99 -16.28
CA SER F 145 -11.63 -17.80 -15.33
C SER F 145 -12.69 -16.90 -15.94
N GLU F 146 -13.88 -16.91 -15.33
CA GLU F 146 -15.05 -16.21 -15.86
C GLU F 146 -15.66 -15.33 -14.79
N PRO F 147 -15.11 -14.12 -14.60
CA PRO F 147 -15.73 -13.18 -13.66
C PRO F 147 -17.14 -12.80 -14.08
N TYR F 148 -18.07 -12.90 -13.14
CA TYR F 148 -19.43 -12.42 -13.35
C TYR F 148 -19.83 -11.50 -12.22
N SER F 149 -21.02 -10.93 -12.33
CA SER F 149 -21.45 -9.88 -11.42
C SER F 149 -22.89 -10.09 -11.02
N VAL F 150 -23.17 -9.97 -9.73
CA VAL F 150 -24.53 -10.01 -9.21
C VAL F 150 -24.84 -8.65 -8.60
N GLY F 151 -26.10 -8.25 -8.67
CA GLY F 151 -26.53 -6.97 -8.14
C GLY F 151 -27.37 -7.17 -6.89
N THR F 152 -27.10 -6.38 -5.87
CA THR F 152 -27.78 -6.53 -4.59
C THR F 152 -28.22 -5.17 -4.06
N PHE F 153 -29.33 -5.19 -3.33
CA PHE F 153 -29.86 -4.03 -2.64
C PHE F 153 -29.83 -4.30 -1.14
N THR F 154 -29.45 -3.30 -0.36
CA THR F 154 -29.33 -3.45 1.09
C THR F 154 -30.14 -2.37 1.79
N PHE F 155 -30.86 -2.78 2.84
CA PHE F 155 -31.73 -1.93 3.62
C PHE F 155 -31.01 -1.35 4.84
N GLU F 156 -31.47 -0.18 5.29
CA GLU F 156 -31.12 0.33 6.60
C GLU F 156 -31.84 -0.48 7.68
N PRO F 157 -31.40 -0.37 8.95
CA PRO F 157 -31.92 -1.27 9.98
C PRO F 157 -33.43 -1.18 10.21
N GLU F 158 -34.07 -0.08 9.82
CA GLU F 158 -35.48 0.10 10.13
C GLU F 158 -36.36 0.30 8.90
N ALA F 159 -35.89 -0.10 7.72
CA ALA F 159 -36.71 -0.10 6.51
C ALA F 159 -37.03 -1.52 6.08
N GLY F 160 -37.99 -1.64 5.18
CA GLY F 160 -38.35 -2.97 4.70
C GLY F 160 -39.55 -2.91 3.78
N LEU F 161 -40.27 -4.05 3.70
CA LEU F 161 -41.37 -4.20 2.78
C LEU F 161 -42.69 -4.47 3.50
N TYR F 162 -43.81 -4.06 2.89
CA TYR F 162 -45.12 -4.40 3.40
C TYR F 162 -46.07 -4.74 2.26
N PHE F 163 -47.05 -5.59 2.58
CA PHE F 163 -48.03 -6.12 1.63
C PHE F 163 -49.43 -5.94 2.19
N ILE F 164 -50.43 -5.97 1.31
CA ILE F 164 -51.84 -5.89 1.69
C ILE F 164 -52.56 -7.11 1.16
N ALA F 165 -53.34 -7.77 2.02
CA ALA F 165 -54.12 -8.92 1.60
C ALA F 165 -55.51 -8.86 2.23
N LYS F 166 -56.50 -9.34 1.48
CA LYS F 166 -57.89 -9.18 1.88
C LYS F 166 -58.71 -10.39 1.45
N GLY F 167 -59.87 -10.52 2.07
CA GLY F 167 -60.77 -11.63 1.90
C GLY F 167 -61.36 -11.99 3.25
N SER F 168 -61.82 -13.24 3.37
CA SER F 168 -62.43 -13.70 4.60
C SER F 168 -61.37 -14.03 5.64
N GLU F 169 -61.80 -14.50 6.80
CA GLU F 169 -60.86 -14.85 7.86
C GLU F 169 -60.15 -16.16 7.57
N GLU F 170 -60.86 -17.13 6.97
CA GLU F 170 -60.27 -18.43 6.72
C GLU F 170 -59.11 -18.34 5.73
N THR F 171 -59.33 -17.64 4.62
CA THR F 171 -58.28 -17.49 3.62
C THR F 171 -57.06 -16.82 4.22
N LEU F 172 -57.27 -15.83 5.09
CA LEU F 172 -56.14 -15.12 5.66
C LEU F 172 -55.45 -15.94 6.74
N ASP F 173 -56.15 -16.85 7.40
CA ASP F 173 -55.46 -17.80 8.27
C ASP F 173 -54.56 -18.73 7.47
N HIS F 174 -55.06 -19.20 6.32
CA HIS F 174 -54.19 -19.95 5.41
C HIS F 174 -52.96 -19.14 5.02
N LEU F 175 -53.17 -17.85 4.71
CA LEU F 175 -52.06 -16.98 4.35
C LEU F 175 -51.06 -16.82 5.49
N ASN F 176 -51.56 -16.71 6.72
CA ASN F 176 -50.68 -16.69 7.90
C ASN F 176 -49.78 -17.90 7.91
N ASN F 177 -50.38 -19.08 7.73
CA ASN F 177 -49.58 -20.30 7.76
C ASN F 177 -48.55 -20.28 6.64
N ILE F 178 -48.95 -19.83 5.45
CA ILE F 178 -48.03 -19.83 4.31
C ILE F 178 -46.85 -18.91 4.55
N MET F 179 -47.09 -17.73 5.11
CA MET F 179 -45.98 -16.81 5.38
C MET F 179 -45.07 -17.35 6.47
N THR F 180 -45.65 -17.98 7.51
CA THR F 180 -44.83 -18.59 8.55
C THR F 180 -43.90 -19.65 7.97
N ALA F 181 -44.40 -20.47 7.05
CA ALA F 181 -43.54 -21.45 6.40
C ALA F 181 -42.53 -20.77 5.48
N LEU F 182 -42.95 -19.74 4.76
CA LEU F 182 -42.12 -19.14 3.71
C LEU F 182 -40.95 -18.34 4.25
N GLN F 183 -41.06 -17.82 5.47
CA GLN F 183 -40.03 -16.89 5.95
C GLN F 183 -38.64 -17.52 6.06
N TYR F 184 -38.50 -18.80 5.71
CA TYR F 184 -37.22 -19.48 5.76
C TYR F 184 -36.64 -19.79 4.39
N SER F 185 -37.46 -19.80 3.34
CA SER F 185 -36.95 -19.68 1.98
C SER F 185 -36.74 -18.20 1.69
N GLY F 186 -36.52 -17.84 0.42
CA GLY F 186 -36.22 -16.47 0.05
C GLY F 186 -37.26 -15.90 -0.90
N LEU F 187 -37.05 -14.66 -1.29
CA LEU F 187 -37.95 -13.96 -2.19
C LEU F 187 -37.22 -13.32 -3.36
N GLY F 188 -36.15 -13.94 -3.84
CA GLY F 188 -35.43 -13.30 -4.92
C GLY F 188 -34.74 -14.22 -5.88
N GLY F 189 -33.51 -13.86 -6.20
CA GLY F 189 -32.76 -14.49 -7.25
C GLY F 189 -31.86 -15.54 -6.64
N LYS F 190 -30.62 -15.16 -6.36
CA LYS F 190 -29.63 -16.13 -5.95
C LYS F 190 -29.93 -16.60 -4.53
N ARG F 191 -31.12 -17.17 -4.30
CA ARG F 191 -31.52 -17.53 -2.95
C ARG F 191 -30.61 -18.60 -2.38
N ASN F 192 -30.28 -19.60 -3.17
CA ASN F 192 -29.42 -20.68 -2.73
C ASN F 192 -27.97 -20.26 -2.60
N ALA F 193 -27.67 -18.99 -2.82
CA ALA F 193 -26.33 -18.45 -2.64
C ALA F 193 -26.21 -17.58 -1.40
N GLY F 194 -27.30 -17.31 -0.71
CA GLY F 194 -27.24 -16.60 0.55
C GLY F 194 -27.90 -15.24 0.57
N TYR F 195 -28.94 -15.06 -0.23
CA TYR F 195 -29.56 -13.75 -0.37
C TYR F 195 -31.04 -13.85 -0.09
N GLY F 196 -31.57 -12.85 0.62
CA GLY F 196 -32.98 -12.60 0.67
C GLY F 196 -33.81 -13.39 1.68
N GLN F 197 -33.48 -13.36 2.95
CA GLN F 197 -34.35 -13.94 3.97
C GLN F 197 -34.91 -12.85 4.87
N PHE F 198 -35.97 -13.18 5.60
CA PHE F 198 -36.79 -12.16 6.22
C PHE F 198 -37.51 -12.72 7.45
N GLU F 199 -38.02 -11.79 8.26
CA GLU F 199 -38.91 -12.07 9.37
C GLU F 199 -40.11 -11.13 9.27
N TYR F 200 -41.29 -11.61 9.68
CA TYR F 200 -42.53 -10.90 9.39
C TYR F 200 -43.40 -10.72 10.62
N GLU F 201 -44.37 -9.83 10.47
CA GLU F 201 -45.34 -9.50 11.50
C GLU F 201 -46.65 -9.12 10.82
N ILE F 202 -47.76 -9.33 11.52
CA ILE F 202 -49.08 -9.06 10.98
C ILE F 202 -49.61 -7.80 11.66
N ILE F 203 -50.02 -6.82 10.86
CA ILE F 203 -50.35 -5.49 11.37
C ILE F 203 -51.71 -5.06 10.84
N ASN F 204 -52.41 -4.28 11.66
CA ASN F 204 -53.58 -3.53 11.25
C ASN F 204 -53.38 -2.08 11.72
N ASN F 205 -52.98 -1.23 10.79
CA ASN F 205 -52.84 0.20 11.05
C ASN F 205 -54.18 0.88 10.80
N GLN F 206 -54.45 1.95 11.55
CA GLN F 206 -55.73 2.65 11.40
C GLN F 206 -55.82 3.39 10.08
N GLN F 207 -54.78 4.14 9.72
CA GLN F 207 -54.85 4.97 8.54
C GLN F 207 -54.82 4.15 7.26
N LEU F 208 -54.17 2.99 7.28
CA LEU F 208 -54.27 2.09 6.14
C LEU F 208 -55.71 1.67 5.90
N SER F 209 -56.42 1.29 6.96
CA SER F 209 -57.83 0.94 6.83
C SER F 209 -58.64 2.15 6.37
N LYS F 210 -58.28 3.34 6.81
CA LYS F 210 -59.02 4.53 6.41
C LYS F 210 -58.89 4.80 4.92
N LEU F 211 -57.65 4.74 4.40
CA LEU F 211 -57.46 4.89 2.95
C LEU F 211 -58.14 3.78 2.17
N LEU F 212 -58.03 2.54 2.65
CA LEU F 212 -58.62 1.43 1.90
C LEU F 212 -60.15 1.48 1.86
N ASN F 213 -60.78 2.29 2.71
CA ASN F 213 -62.23 2.34 2.82
C ASN F 213 -62.79 3.70 2.42
N GLN F 214 -62.27 4.28 1.36
CA GLN F 214 -62.73 5.58 0.91
C GLN F 214 -63.98 5.41 0.05
N ASN F 215 -64.39 6.49 -0.61
CA ASN F 215 -65.54 6.48 -1.51
C ASN F 215 -65.36 7.61 -2.51
N GLY F 216 -65.28 7.28 -3.78
CA GLY F 216 -65.02 8.25 -4.82
C GLY F 216 -65.60 7.81 -6.13
N LYS F 217 -65.01 8.28 -7.22
CA LYS F 217 -65.49 7.94 -8.57
C LYS F 217 -64.46 7.25 -9.42
N HIS F 218 -63.17 7.49 -9.20
CA HIS F 218 -62.09 6.83 -9.92
C HIS F 218 -61.56 5.68 -9.09
N SER F 219 -60.48 5.08 -9.58
CA SER F 219 -59.88 3.97 -8.85
C SER F 219 -58.40 3.87 -9.15
N ILE F 220 -57.61 3.59 -8.12
CA ILE F 220 -56.16 3.43 -8.23
C ILE F 220 -55.82 1.97 -8.05
N LEU F 221 -54.99 1.45 -8.94
CA LEU F 221 -54.60 0.06 -8.94
C LEU F 221 -53.35 -0.15 -8.09
N LEU F 222 -53.41 -1.13 -7.20
CA LEU F 222 -52.28 -1.49 -6.35
C LEU F 222 -51.68 -2.83 -6.74
N SER F 223 -51.92 -3.28 -7.97
CA SER F 223 -51.42 -4.57 -8.41
C SER F 223 -51.19 -4.51 -9.91
N THR F 224 -50.79 -5.64 -10.49
CA THR F 224 -50.68 -5.80 -11.93
C THR F 224 -51.73 -6.79 -12.41
N ALA F 225 -52.60 -6.34 -13.30
CA ALA F 225 -53.75 -7.13 -13.71
C ALA F 225 -54.05 -6.89 -15.19
N MET F 226 -54.80 -7.80 -15.78
CA MET F 226 -55.26 -7.68 -17.15
C MET F 226 -56.75 -7.97 -17.23
N ALA F 227 -57.44 -7.23 -18.08
CA ALA F 227 -58.85 -7.44 -18.29
C ALA F 227 -59.09 -8.70 -19.11
N LYS F 228 -60.20 -9.37 -18.81
CA LYS F 228 -60.64 -10.47 -19.63
C LYS F 228 -61.09 -9.94 -20.99
N LYS F 229 -61.15 -10.83 -21.98
CA LYS F 229 -61.56 -10.45 -23.33
C LYS F 229 -62.89 -9.70 -23.30
N GLU F 230 -63.95 -10.36 -22.85
CA GLU F 230 -65.30 -9.83 -22.99
C GLU F 230 -65.51 -8.49 -22.30
N GLU F 231 -64.52 -7.96 -21.57
CA GLU F 231 -64.68 -6.69 -20.89
C GLU F 231 -63.66 -5.63 -21.32
N ILE F 232 -62.64 -6.00 -22.11
CA ILE F 232 -61.59 -5.04 -22.43
C ILE F 232 -62.17 -3.85 -23.16
N GLU F 233 -63.12 -4.09 -24.08
CA GLU F 233 -63.70 -3.00 -24.84
C GLU F 233 -64.36 -1.96 -23.94
N SER F 234 -64.87 -2.39 -22.78
CA SER F 234 -65.49 -1.46 -21.86
C SER F 234 -64.55 -1.04 -20.73
N ALA F 235 -63.36 -1.63 -20.65
CA ALA F 235 -62.43 -1.26 -19.59
C ALA F 235 -61.74 0.06 -19.91
N LEU F 236 -61.42 0.30 -21.18
CA LEU F 236 -60.57 1.41 -21.60
C LEU F 236 -61.38 2.60 -22.08
N LYS F 237 -62.54 2.85 -21.49
CA LYS F 237 -63.34 3.98 -21.94
C LYS F 237 -62.64 5.30 -21.63
N GLU F 238 -62.16 5.48 -20.41
CA GLU F 238 -61.40 6.66 -20.04
C GLU F 238 -60.37 6.21 -19.01
N ALA F 239 -59.15 5.95 -19.47
CA ALA F 239 -58.14 5.34 -18.61
C ALA F 239 -56.79 5.99 -18.85
N ARG F 240 -55.91 5.82 -17.87
CA ARG F 240 -54.55 6.32 -17.93
C ARG F 240 -53.65 5.23 -17.37
N TYR F 241 -52.87 4.58 -18.22
CA TYR F 241 -52.20 3.36 -17.80
C TYR F 241 -50.85 3.24 -18.47
N ILE F 242 -50.13 2.18 -18.12
CA ILE F 242 -48.84 1.85 -18.69
C ILE F 242 -48.80 0.36 -18.96
N LEU F 243 -48.40 -0.02 -20.18
CA LEU F 243 -48.20 -1.42 -20.53
C LEU F 243 -46.74 -1.79 -20.38
N THR F 244 -46.46 -2.84 -19.63
CA THR F 244 -45.10 -3.32 -19.44
C THR F 244 -45.06 -4.79 -19.79
N LYS F 245 -44.18 -5.14 -20.73
CA LYS F 245 -44.00 -6.54 -21.09
C LYS F 245 -43.34 -7.29 -19.95
N ARG F 246 -43.87 -8.46 -19.65
CA ARG F 246 -43.36 -9.28 -18.55
C ARG F 246 -43.02 -10.66 -19.10
N SER F 247 -41.74 -10.96 -19.18
CA SER F 247 -41.26 -12.24 -19.69
C SER F 247 -40.27 -12.84 -18.70
N GLY F 248 -39.91 -14.10 -18.94
CA GLY F 248 -38.94 -14.73 -18.07
C GLY F 248 -38.88 -16.22 -18.31
N PHE F 249 -38.20 -16.90 -17.41
CA PHE F 249 -37.96 -18.34 -17.51
C PHE F 249 -38.77 -19.05 -16.45
N VAL F 250 -39.00 -20.35 -16.65
CA VAL F 250 -39.85 -21.11 -15.76
C VAL F 250 -39.00 -21.92 -14.78
N GLN F 251 -39.62 -22.39 -13.69
CA GLN F 251 -39.00 -23.36 -12.79
C GLN F 251 -39.68 -24.72 -12.96
N SER F 252 -39.02 -25.65 -13.67
CA SER F 252 -39.45 -27.05 -13.84
C SER F 252 -40.80 -27.20 -14.56
N THR F 253 -40.78 -26.89 -15.86
CA THR F 253 -41.84 -27.33 -16.78
C THR F 253 -41.49 -28.59 -17.55
N ASN F 254 -40.39 -28.58 -18.30
CA ASN F 254 -40.05 -29.65 -19.24
C ASN F 254 -38.56 -29.96 -19.10
N TYR F 255 -38.01 -30.67 -20.09
CA TYR F 255 -36.64 -31.17 -19.99
C TYR F 255 -35.62 -30.05 -20.02
N SER F 256 -35.53 -29.34 -21.15
CA SER F 256 -34.56 -28.26 -21.29
C SER F 256 -35.13 -27.00 -20.65
N GLU F 257 -34.36 -26.40 -19.76
CA GLU F 257 -34.74 -25.09 -19.24
C GLU F 257 -34.77 -24.06 -20.36
N MET F 258 -33.74 -24.06 -21.21
CA MET F 258 -33.65 -23.06 -22.27
C MET F 258 -34.82 -23.18 -23.25
N LEU F 259 -35.20 -24.41 -23.59
CA LEU F 259 -36.34 -24.62 -24.48
C LEU F 259 -37.65 -24.18 -23.83
N VAL F 260 -37.68 -23.99 -22.52
CA VAL F 260 -38.86 -23.51 -21.82
C VAL F 260 -38.64 -22.06 -21.41
N LYS F 261 -39.45 -21.18 -21.96
CA LYS F 261 -39.41 -19.77 -21.60
C LYS F 261 -40.82 -19.22 -21.79
N LYS F 262 -41.30 -18.48 -20.81
CA LYS F 262 -42.70 -18.08 -20.77
C LYS F 262 -43.06 -17.24 -21.99
N SER F 263 -44.28 -17.44 -22.50
CA SER F 263 -44.80 -16.57 -23.54
C SER F 263 -45.01 -15.18 -22.99
N ASP F 264 -44.74 -14.18 -23.82
CA ASP F 264 -44.74 -12.81 -23.37
C ASP F 264 -46.14 -12.38 -22.95
N PHE F 265 -46.21 -11.47 -22.00
CA PHE F 265 -47.47 -10.98 -21.48
C PHE F 265 -47.38 -9.49 -21.24
N TYR F 266 -48.50 -8.81 -21.39
CA TYR F 266 -48.58 -7.37 -21.19
C TYR F 266 -49.65 -7.08 -20.15
N SER F 267 -49.34 -6.16 -19.24
CA SER F 267 -50.23 -5.86 -18.14
C SER F 267 -50.06 -4.41 -17.72
N PHE F 268 -51.08 -3.90 -17.05
CA PHE F 268 -51.06 -2.54 -16.54
C PHE F 268 -50.14 -2.44 -15.34
N SER F 269 -49.73 -1.22 -15.03
CA SER F 269 -48.78 -0.99 -13.95
C SER F 269 -49.53 -0.65 -12.67
N SER F 270 -48.80 -0.19 -11.66
CA SER F 270 -49.33 -0.04 -10.32
C SER F 270 -49.68 1.40 -9.95
N GLY F 271 -49.88 2.27 -10.92
CA GLY F 271 -50.33 3.61 -10.62
C GLY F 271 -51.52 3.94 -11.48
N SER F 272 -52.01 2.92 -12.17
CA SER F 272 -53.05 3.08 -13.16
C SER F 272 -54.31 3.67 -12.54
N VAL F 273 -55.04 4.48 -13.30
CA VAL F 273 -56.32 5.00 -12.88
C VAL F 273 -57.39 4.59 -13.90
N PHE F 274 -58.47 3.97 -13.41
CA PHE F 274 -59.53 3.44 -14.27
C PHE F 274 -60.86 3.98 -13.83
N LYS F 275 -61.62 4.51 -14.79
CA LYS F 275 -62.97 4.96 -14.49
C LYS F 275 -63.95 3.80 -14.37
N ASN F 276 -63.72 2.73 -15.12
CA ASN F 276 -64.60 1.57 -15.11
C ASN F 276 -63.82 0.35 -14.62
N ILE F 277 -64.32 -0.28 -13.56
CA ILE F 277 -63.63 -1.39 -12.93
C ILE F 277 -63.75 -2.63 -13.80
N PHE F 278 -62.77 -3.52 -13.70
CA PHE F 278 -62.88 -4.86 -14.25
C PHE F 278 -62.38 -5.86 -13.22
N ASN F 279 -62.99 -7.04 -13.23
CA ASN F 279 -62.38 -8.17 -12.58
C ASN F 279 -61.27 -8.71 -13.47
N GLY F 280 -60.37 -9.49 -12.88
CA GLY F 280 -59.22 -10.00 -13.58
C GLY F 280 -59.36 -11.46 -13.94
N ASP F 281 -58.21 -12.12 -14.05
CA ASP F 281 -58.13 -13.55 -14.23
C ASP F 281 -56.71 -13.99 -13.97
N ILE F 282 -56.54 -15.25 -13.65
CA ILE F 282 -55.22 -15.86 -13.61
C ILE F 282 -54.96 -16.48 -14.97
N PHE F 283 -53.97 -15.95 -15.68
CA PHE F 283 -53.79 -16.21 -17.10
C PHE F 283 -52.78 -17.33 -17.32
N ASN F 284 -53.06 -18.16 -18.32
CA ASN F 284 -52.15 -19.23 -18.70
C ASN F 284 -51.13 -18.72 -19.70
N VAL F 285 -49.86 -18.89 -19.37
CA VAL F 285 -48.77 -18.48 -20.26
C VAL F 285 -47.89 -19.67 -20.58
N GLY F 286 -48.49 -20.85 -20.67
CA GLY F 286 -47.78 -22.07 -20.99
C GLY F 286 -48.06 -22.55 -22.39
N HIS F 287 -47.12 -23.28 -22.96
CA HIS F 287 -47.24 -23.86 -24.28
C HIS F 287 -46.18 -24.93 -24.43
N ASN F 288 -46.57 -26.10 -24.92
CA ASN F 288 -45.67 -27.24 -25.04
C ASN F 288 -44.99 -27.54 -23.71
N GLY F 289 -45.81 -27.58 -22.67
CA GLY F 289 -45.35 -27.97 -21.35
C GLY F 289 -46.22 -29.09 -20.82
N LYS F 290 -45.83 -29.60 -19.65
CA LYS F 290 -46.60 -30.67 -19.04
C LYS F 290 -47.72 -30.12 -18.17
N HIS F 291 -47.50 -28.98 -17.51
CA HIS F 291 -48.42 -28.44 -16.55
C HIS F 291 -48.53 -26.93 -16.71
N PRO F 292 -49.66 -26.33 -16.35
CA PRO F 292 -49.88 -24.92 -16.64
C PRO F 292 -48.97 -24.00 -15.85
N VAL F 293 -48.71 -22.83 -16.41
CA VAL F 293 -47.90 -21.81 -15.78
C VAL F 293 -48.76 -20.56 -15.69
N TYR F 294 -49.01 -20.11 -14.48
CA TYR F 294 -50.00 -19.08 -14.22
C TYR F 294 -49.32 -17.73 -14.02
N ARG F 295 -49.96 -16.70 -14.54
CA ARG F 295 -49.62 -15.33 -14.20
C ARG F 295 -50.79 -14.75 -13.44
N TYR F 296 -50.50 -14.04 -12.37
CA TYR F 296 -51.55 -13.41 -11.58
C TYR F 296 -51.96 -12.10 -12.24
N ALA F 297 -53.26 -11.91 -12.40
CA ALA F 297 -53.78 -10.63 -12.87
C ALA F 297 -55.18 -10.45 -12.28
N LYS F 298 -55.25 -9.82 -11.10
CA LYS F 298 -56.53 -9.53 -10.48
C LYS F 298 -56.34 -8.27 -9.67
N PRO F 299 -57.17 -7.25 -9.91
CA PRO F 299 -56.90 -5.93 -9.36
C PRO F 299 -57.30 -5.78 -7.90
N LEU F 300 -56.53 -4.94 -7.19
CA LEU F 300 -56.83 -4.54 -5.82
C LEU F 300 -56.94 -3.03 -5.81
N TRP F 301 -58.14 -2.53 -5.62
CA TRP F 301 -58.46 -1.12 -5.83
C TRP F 301 -58.32 -0.30 -4.56
N LEU F 302 -58.08 0.99 -4.75
CA LEU F 302 -58.43 1.99 -3.75
C LEU F 302 -59.16 3.13 -4.45
N GLU F 303 -60.34 3.45 -3.95
CA GLU F 303 -61.31 4.25 -4.71
C GLU F 303 -61.22 5.71 -4.31
N VAL F 304 -60.21 6.40 -4.82
CA VAL F 304 -60.13 7.84 -4.61
C VAL F 304 -59.27 8.49 -5.70
N MET G 1 -41.77 24.64 -64.55
CA MET G 1 -41.50 25.00 -63.17
C MET G 1 -42.79 25.24 -62.40
N ASN G 2 -43.09 24.32 -61.49
CA ASN G 2 -44.26 24.49 -60.64
C ASN G 2 -44.11 25.75 -59.79
N LYS G 3 -45.23 26.44 -59.58
CA LYS G 3 -45.19 27.73 -58.91
C LYS G 3 -44.72 27.61 -57.47
N LYS G 4 -44.95 26.47 -56.82
CA LYS G 4 -44.42 26.26 -55.48
C LYS G 4 -42.92 26.47 -55.46
N ASN G 5 -42.22 25.88 -56.43
CA ASN G 5 -40.79 26.09 -56.52
C ASN G 5 -40.46 27.55 -56.76
N ILE G 6 -41.32 28.27 -57.49
CA ILE G 6 -41.02 29.67 -57.79
C ILE G 6 -41.04 30.48 -56.50
N LEU G 7 -42.07 30.29 -55.68
CA LEU G 7 -42.10 30.93 -54.37
C LEU G 7 -40.93 30.52 -53.52
N MET G 8 -40.63 29.22 -53.45
CA MET G 8 -39.57 28.75 -52.56
C MET G 8 -38.22 29.36 -52.94
N TYR G 9 -37.92 29.41 -54.25
CA TYR G 9 -36.66 29.96 -54.71
C TYR G 9 -36.61 31.47 -54.49
N GLY G 10 -37.67 32.18 -54.82
CA GLY G 10 -37.67 33.59 -54.49
C GLY G 10 -37.69 33.85 -53.01
N SER G 11 -37.90 32.82 -52.20
CA SER G 11 -38.01 32.96 -50.76
C SER G 11 -36.67 32.81 -50.05
N LEU G 12 -35.88 31.76 -50.34
CA LEU G 12 -34.63 31.57 -49.60
C LEU G 12 -33.69 32.76 -49.75
N LEU G 13 -33.52 33.23 -50.98
CA LEU G 13 -32.47 34.20 -51.27
C LEU G 13 -33.00 35.62 -51.39
N HIS G 14 -34.23 35.85 -50.92
CA HIS G 14 -34.88 37.19 -51.03
C HIS G 14 -34.17 38.26 -50.20
N ASP G 15 -33.17 37.90 -49.40
CA ASP G 15 -32.54 38.85 -48.50
C ASP G 15 -31.02 38.79 -48.59
N ILE G 16 -30.49 38.82 -49.82
CA ILE G 16 -29.05 38.69 -50.09
C ILE G 16 -28.42 40.02 -50.48
N GLY G 17 -29.20 40.95 -51.02
CA GLY G 17 -28.68 42.28 -51.27
C GLY G 17 -28.13 42.92 -50.01
N LYS G 18 -28.60 42.50 -48.85
CA LYS G 18 -28.04 42.96 -47.59
C LYS G 18 -26.57 42.60 -47.48
N ILE G 19 -26.21 41.36 -47.84
CA ILE G 19 -24.79 41.00 -47.86
C ILE G 19 -24.05 41.78 -48.92
N ILE G 20 -24.63 41.90 -50.12
CA ILE G 20 -23.87 42.60 -51.15
C ILE G 20 -23.69 44.07 -50.80
N TYR G 21 -24.50 44.58 -49.87
CA TYR G 21 -24.34 45.95 -49.39
C TYR G 21 -23.37 46.02 -48.22
N ARG G 22 -23.30 44.97 -47.41
CA ARG G 22 -22.33 44.95 -46.32
C ARG G 22 -20.91 44.69 -46.84
N SER G 23 -20.78 44.01 -47.98
CA SER G 23 -19.47 43.70 -48.53
C SER G 23 -18.74 44.91 -49.05
N GLY G 24 -19.45 46.00 -49.36
CA GLY G 24 -18.80 47.20 -49.81
C GLY G 24 -18.34 47.19 -51.25
N ASP G 25 -18.72 46.17 -52.01
CA ASP G 25 -18.40 46.13 -53.44
C ASP G 25 -19.08 47.30 -54.12
N HIS G 26 -18.27 48.25 -54.60
CA HIS G 26 -18.80 49.51 -55.13
C HIS G 26 -19.71 49.29 -56.33
N THR G 27 -19.61 48.15 -57.00
CA THR G 27 -20.44 47.89 -58.17
C THR G 27 -21.91 47.79 -57.81
N PHE G 28 -22.23 47.13 -56.69
CA PHE G 28 -23.62 46.83 -56.34
C PHE G 28 -23.88 47.11 -54.87
N SER G 29 -23.43 48.26 -54.37
CA SER G 29 -23.66 48.65 -52.98
C SER G 29 -24.07 50.12 -52.88
N ARG G 30 -24.94 50.57 -53.78
CA ARG G 30 -25.35 51.98 -53.79
C ARG G 30 -26.83 52.15 -53.47
N GLY G 31 -27.67 51.15 -53.77
CA GLY G 31 -29.10 51.26 -53.63
C GLY G 31 -29.66 50.35 -52.56
N THR G 32 -30.99 50.26 -52.54
CA THR G 32 -31.68 49.45 -51.56
C THR G 32 -31.35 47.97 -51.76
N HIS G 33 -31.42 47.21 -50.66
CA HIS G 33 -30.88 45.86 -50.66
C HIS G 33 -31.60 44.96 -51.66
N SER G 34 -32.91 45.16 -51.84
CA SER G 34 -33.65 44.33 -52.78
C SER G 34 -33.11 44.47 -54.20
N LYS G 35 -32.95 45.71 -54.68
CA LYS G 35 -32.43 45.87 -56.04
C LYS G 35 -30.96 45.54 -56.12
N LEU G 36 -30.20 45.70 -55.05
CA LEU G 36 -28.83 45.22 -55.09
C LEU G 36 -28.78 43.71 -55.32
N GLY G 37 -29.60 42.95 -54.59
CA GLY G 37 -29.66 41.51 -54.80
C GLY G 37 -30.14 41.14 -56.19
N HIS G 38 -31.17 41.85 -56.68
CA HIS G 38 -31.67 41.60 -58.02
C HIS G 38 -30.60 41.86 -59.07
N GLN G 39 -29.85 42.95 -58.92
CA GLN G 39 -28.78 43.26 -59.87
C GLN G 39 -27.69 42.21 -59.82
N PHE G 40 -27.35 41.74 -58.63
CA PHE G 40 -26.35 40.68 -58.51
C PHE G 40 -26.80 39.42 -59.23
N LEU G 41 -28.02 38.96 -58.95
CA LEU G 41 -28.47 37.69 -59.51
C LEU G 41 -28.90 37.80 -60.96
N SER G 42 -29.09 39.02 -61.48
CA SER G 42 -29.40 39.20 -62.89
C SER G 42 -28.24 38.85 -63.81
N GLN G 43 -27.11 38.41 -63.26
CA GLN G 43 -25.99 37.98 -64.08
C GLN G 43 -26.13 36.53 -64.51
N PHE G 44 -26.18 35.62 -63.54
CA PHE G 44 -26.02 34.20 -63.78
C PHE G 44 -27.14 33.65 -64.64
N SER G 45 -26.79 32.73 -65.55
CA SER G 45 -27.74 32.24 -66.54
C SER G 45 -28.73 31.24 -65.93
N GLU G 46 -28.28 30.43 -64.98
CA GLU G 46 -29.15 29.42 -64.41
C GLU G 46 -30.30 30.06 -63.64
N PHE G 47 -30.01 31.12 -62.88
CA PHE G 47 -30.98 31.76 -61.99
C PHE G 47 -31.86 32.77 -62.71
N LYS G 48 -32.03 32.65 -64.02
CA LYS G 48 -32.76 33.63 -64.81
C LYS G 48 -34.27 33.41 -64.80
N ASP G 49 -34.79 32.72 -63.79
CA ASP G 49 -36.24 32.63 -63.63
C ASP G 49 -36.81 34.02 -63.42
N ASN G 50 -37.77 34.40 -64.26
CA ASN G 50 -38.28 35.76 -64.24
C ASN G 50 -39.11 36.03 -63.00
N GLU G 51 -40.02 35.10 -62.66
CA GLU G 51 -40.85 35.29 -61.48
C GLU G 51 -40.04 35.25 -60.21
N VAL G 52 -38.90 34.55 -60.22
CA VAL G 52 -38.00 34.59 -59.06
C VAL G 52 -37.40 35.98 -58.91
N LEU G 53 -37.02 36.61 -60.02
CA LEU G 53 -36.55 38.00 -59.94
C LEU G 53 -37.64 38.92 -59.39
N ASP G 54 -38.87 38.74 -59.86
CA ASP G 54 -39.97 39.53 -59.33
C ASP G 54 -40.14 39.30 -57.83
N ASN G 55 -40.04 38.05 -57.39
CA ASN G 55 -40.17 37.74 -55.98
C ASN G 55 -39.10 38.44 -55.15
N VAL G 56 -37.86 38.41 -55.62
CA VAL G 56 -36.76 38.92 -54.81
C VAL G 56 -36.67 40.44 -54.85
N ALA G 57 -37.26 41.08 -55.85
CA ALA G 57 -37.06 42.53 -55.98
C ALA G 57 -37.90 43.36 -55.02
N TYR G 58 -38.96 42.80 -54.41
CA TYR G 58 -39.96 43.63 -53.75
C TYR G 58 -40.44 43.04 -52.42
N HIS G 59 -39.54 42.56 -51.55
CA HIS G 59 -40.01 41.87 -50.37
C HIS G 59 -40.32 42.82 -49.21
N HIS G 60 -40.66 44.08 -49.52
CA HIS G 60 -40.90 45.10 -48.51
C HIS G 60 -42.15 45.88 -48.89
N TYR G 61 -42.37 47.01 -48.20
CA TYR G 61 -43.64 47.71 -48.32
C TYR G 61 -43.71 48.56 -49.58
N LYS G 62 -42.85 49.58 -49.66
CA LYS G 62 -42.93 50.55 -50.75
C LYS G 62 -42.76 49.88 -52.11
N GLU G 63 -41.89 48.86 -52.16
CA GLU G 63 -41.61 48.19 -53.42
C GLU G 63 -42.89 47.65 -54.04
N LEU G 64 -43.70 46.95 -53.25
CA LEU G 64 -45.01 46.52 -53.73
C LEU G 64 -45.98 47.68 -53.86
N ALA G 65 -45.80 48.74 -53.08
CA ALA G 65 -46.70 49.88 -53.18
C ALA G 65 -46.60 50.58 -54.53
N LYS G 66 -45.45 50.50 -55.19
CA LYS G 66 -45.25 51.18 -56.46
C LYS G 66 -45.05 50.23 -57.63
N ALA G 67 -45.33 48.94 -57.46
CA ALA G 67 -45.00 47.97 -58.50
C ALA G 67 -46.21 47.46 -59.27
N ASN G 68 -47.42 47.73 -58.79
CA ASN G 68 -48.71 47.35 -59.42
C ASN G 68 -48.62 46.01 -60.16
N LEU G 69 -48.27 44.98 -59.40
CA LEU G 69 -48.16 43.64 -59.94
C LEU G 69 -49.55 43.04 -60.18
N ASP G 70 -49.55 41.84 -60.76
CA ASP G 70 -50.80 41.15 -61.02
C ASP G 70 -51.37 40.57 -59.73
N ASN G 71 -52.58 40.02 -59.82
CA ASN G 71 -53.27 39.52 -58.64
C ASN G 71 -52.67 38.20 -58.15
N ASP G 72 -52.09 37.41 -59.04
CA ASP G 72 -51.46 36.15 -58.67
C ASP G 72 -49.96 36.27 -58.96
N ASN G 73 -49.20 36.62 -57.92
CA ASN G 73 -47.75 36.68 -58.01
C ASN G 73 -47.21 36.72 -56.60
N THR G 74 -46.21 35.90 -56.34
CA THR G 74 -45.79 35.56 -55.00
C THR G 74 -45.16 36.69 -54.24
N ALA G 75 -45.06 37.94 -54.73
CA ALA G 75 -44.44 38.98 -53.92
C ALA G 75 -45.28 39.32 -52.70
N TYR G 76 -46.60 39.27 -52.83
CA TYR G 76 -47.47 39.54 -51.69
C TYR G 76 -47.30 38.48 -50.60
N ILE G 77 -47.33 37.20 -50.98
CA ILE G 77 -47.16 36.14 -50.00
C ILE G 77 -45.76 36.14 -49.42
N THR G 78 -44.77 36.57 -50.22
CA THR G 78 -43.44 36.79 -49.68
C THR G 78 -43.45 37.85 -48.60
N TYR G 79 -44.16 38.96 -48.85
CA TYR G 79 -44.27 40.03 -47.88
C TYR G 79 -44.86 39.51 -46.58
N ILE G 80 -45.94 38.74 -46.68
CA ILE G 80 -46.64 38.27 -45.49
C ILE G 80 -45.77 37.31 -44.69
N ALA G 81 -45.14 36.35 -45.36
CA ALA G 81 -44.28 35.42 -44.64
C ALA G 81 -43.09 36.13 -44.02
N ASP G 82 -42.48 37.06 -44.74
CA ASP G 82 -41.39 37.84 -44.19
C ASP G 82 -41.81 38.53 -42.91
N ASN G 83 -42.98 39.17 -42.93
CA ASN G 83 -43.44 39.88 -41.75
C ASN G 83 -43.67 38.93 -40.57
N ILE G 84 -44.31 37.78 -40.82
CA ILE G 84 -44.59 36.87 -39.72
C ILE G 84 -43.30 36.32 -39.13
N ALA G 85 -42.30 36.06 -39.98
CA ALA G 85 -41.02 35.56 -39.47
C ALA G 85 -40.28 36.63 -38.68
N SER G 86 -40.36 37.89 -39.12
CA SER G 86 -39.57 38.95 -38.50
C SER G 86 -39.95 39.14 -37.04
N GLY G 87 -41.25 39.15 -36.74
CA GLY G 87 -41.72 39.36 -35.38
C GLY G 87 -41.44 40.77 -34.89
N SER G 153 -13.93 44.36 -42.42
CA SER G 153 -15.26 44.10 -42.98
C SER G 153 -15.14 43.53 -44.38
N GLY G 154 -13.90 43.38 -44.86
CA GLY G 154 -13.69 42.88 -46.20
C GLY G 154 -14.08 41.43 -46.38
N ASN G 155 -14.20 40.68 -45.28
CA ASN G 155 -14.56 39.27 -45.38
C ASN G 155 -15.88 39.09 -46.14
N TYR G 156 -16.79 40.05 -46.01
CA TYR G 156 -18.01 39.99 -46.81
C TYR G 156 -17.70 40.14 -48.31
N THR G 157 -16.73 41.00 -48.63
CA THR G 157 -16.33 41.13 -50.03
C THR G 157 -15.74 39.83 -50.56
N THR G 158 -14.88 39.20 -49.77
CA THR G 158 -14.36 37.89 -50.14
C THR G 158 -15.50 36.90 -50.31
N LEU G 159 -16.49 36.96 -49.41
CA LEU G 159 -17.61 36.04 -49.48
C LEU G 159 -18.40 36.25 -50.76
N MET G 160 -18.54 37.49 -51.22
CA MET G 160 -19.34 37.70 -52.42
C MET G 160 -18.56 37.36 -53.69
N LYS G 161 -17.24 37.54 -53.69
CA LYS G 161 -16.43 36.91 -54.73
C LYS G 161 -16.68 35.41 -54.81
N ASP G 162 -16.58 34.73 -53.66
CA ASP G 162 -16.80 33.28 -53.63
C ASP G 162 -18.22 32.94 -54.07
N MET G 163 -19.19 33.77 -53.69
CA MET G 163 -20.57 33.57 -54.07
C MET G 163 -20.74 33.64 -55.58
N SER G 164 -20.11 34.63 -56.22
CA SER G 164 -20.19 34.75 -57.66
C SER G 164 -19.62 33.52 -58.33
N HIS G 165 -18.45 33.08 -57.86
CA HIS G 165 -17.82 31.89 -58.45
C HIS G 165 -18.74 30.69 -58.33
N ASP G 166 -19.25 30.43 -57.11
CA ASP G 166 -20.09 29.27 -56.90
C ASP G 166 -21.37 29.32 -57.71
N LEU G 167 -22.01 30.48 -57.78
CA LEU G 167 -23.27 30.59 -58.51
C LEU G 167 -23.05 30.39 -60.00
N GLU G 168 -21.96 30.92 -60.57
CA GLU G 168 -21.77 30.72 -62.00
C GLU G 168 -21.22 29.34 -62.34
N HIS G 169 -20.66 28.60 -61.37
CA HIS G 169 -20.00 27.34 -61.69
C HIS G 169 -20.72 26.11 -61.16
N LYS G 170 -20.96 26.03 -59.84
CA LYS G 170 -21.26 24.75 -59.22
C LYS G 170 -22.72 24.34 -59.31
N LEU G 171 -23.64 25.19 -58.87
CA LEU G 171 -25.01 24.78 -58.60
C LEU G 171 -25.84 24.64 -59.87
N SER G 172 -26.95 23.90 -59.74
CA SER G 172 -27.95 23.77 -60.77
C SER G 172 -29.26 24.38 -60.28
N ILE G 173 -30.10 24.81 -61.23
CA ILE G 173 -31.32 25.55 -60.89
C ILE G 173 -32.59 24.73 -61.12
N LYS G 174 -32.51 23.57 -61.76
CA LYS G 174 -33.69 22.83 -62.12
C LYS G 174 -34.40 22.33 -60.87
N GLU G 175 -35.57 21.72 -61.08
CA GLU G 175 -36.35 21.19 -59.97
C GLU G 175 -35.54 20.13 -59.23
N GLY G 176 -35.76 20.05 -57.92
CA GLY G 176 -35.03 19.13 -57.09
C GLY G 176 -33.65 19.60 -56.68
N THR G 177 -33.19 20.74 -57.19
CA THR G 177 -31.94 21.33 -56.74
C THR G 177 -32.12 22.19 -55.50
N PHE G 178 -33.36 22.38 -55.06
CA PHE G 178 -33.61 23.23 -53.90
C PHE G 178 -32.91 22.74 -52.63
N PRO G 179 -32.91 21.46 -52.28
CA PRO G 179 -32.11 21.04 -51.12
C PRO G 179 -30.64 21.37 -51.26
N SER G 180 -30.07 21.21 -52.45
CA SER G 180 -28.67 21.56 -52.64
C SER G 180 -28.45 23.05 -52.42
N LEU G 181 -29.37 23.87 -52.93
CA LEU G 181 -29.28 25.30 -52.69
C LEU G 181 -29.37 25.59 -51.20
N LEU G 182 -30.17 24.80 -50.48
CA LEU G 182 -30.32 25.01 -49.05
C LEU G 182 -29.02 24.74 -48.31
N GLN G 183 -28.38 23.60 -48.59
CA GLN G 183 -27.10 23.33 -47.95
C GLN G 183 -26.06 24.37 -48.34
N TRP G 184 -26.09 24.85 -49.58
CA TRP G 184 -25.13 25.87 -49.99
C TRP G 184 -25.30 27.13 -49.16
N THR G 185 -26.54 27.62 -49.05
CA THR G 185 -26.80 28.82 -48.25
C THR G 185 -26.41 28.61 -46.80
N GLU G 186 -26.67 27.41 -46.26
CA GLU G 186 -26.28 27.12 -44.89
C GLU G 186 -24.77 27.18 -44.71
N SER G 187 -24.03 26.46 -45.56
CA SER G 187 -22.60 26.37 -45.40
C SER G 187 -21.93 27.72 -45.58
N LEU G 188 -22.52 28.60 -46.40
CA LEU G 188 -21.92 29.91 -46.58
C LEU G 188 -22.32 30.88 -45.47
N TRP G 189 -23.60 30.92 -45.11
CA TRP G 189 -24.17 32.01 -44.35
C TRP G 189 -24.35 31.72 -42.87
N GLN G 190 -23.90 30.58 -42.36
CA GLN G 190 -24.24 30.21 -40.99
C GLN G 190 -23.65 31.14 -39.94
N TYR G 191 -22.93 32.21 -40.32
CA TYR G 191 -22.36 33.14 -39.37
C TYR G 191 -22.59 34.60 -39.72
N VAL G 192 -23.13 34.90 -40.89
CA VAL G 192 -23.34 36.30 -41.27
C VAL G 192 -24.29 36.95 -40.29
N PRO G 193 -24.02 38.16 -39.82
CA PRO G 193 -24.96 38.81 -38.91
C PRO G 193 -26.27 39.10 -39.62
N SER G 194 -27.36 38.60 -39.03
CA SER G 194 -28.68 38.69 -39.67
C SER G 194 -29.12 40.13 -39.84
N SER G 195 -28.88 40.97 -38.84
CA SER G 195 -29.15 42.39 -38.96
C SER G 195 -28.36 43.12 -37.90
N THR G 196 -28.18 44.42 -38.13
CA THR G 196 -27.42 45.29 -37.22
C THR G 196 -28.31 46.40 -36.66
N ASN G 197 -29.58 46.10 -36.44
CA ASN G 197 -30.50 47.10 -35.93
C ASN G 197 -30.06 47.60 -34.57
N LYS G 198 -30.05 48.93 -34.40
CA LYS G 198 -29.60 49.53 -33.15
C LYS G 198 -30.58 49.36 -32.01
N ASN G 199 -31.86 49.18 -32.31
CA ASN G 199 -32.90 49.05 -31.30
C ASN G 199 -33.27 47.60 -31.02
N GLN G 200 -32.54 46.64 -31.57
CA GLN G 200 -32.86 45.23 -31.43
C GLN G 200 -31.61 44.44 -31.08
N LEU G 201 -31.81 43.32 -30.39
CA LEU G 201 -30.75 42.38 -30.06
C LEU G 201 -30.84 41.22 -31.05
N ILE G 202 -29.83 41.10 -31.92
CA ILE G 202 -29.89 40.16 -33.05
C ILE G 202 -29.05 38.94 -32.67
N ASP G 203 -29.71 37.97 -32.04
CA ASP G 203 -29.09 36.69 -31.71
C ASP G 203 -29.33 35.63 -32.78
N ILE G 204 -29.56 36.05 -34.02
CA ILE G 204 -29.89 35.14 -35.11
C ILE G 204 -28.89 35.36 -36.24
N SER G 205 -28.72 34.33 -37.05
CA SER G 205 -27.94 34.43 -38.27
C SER G 205 -28.87 34.70 -39.45
N LEU G 206 -28.28 35.02 -40.60
CA LEU G 206 -29.08 35.31 -41.79
C LEU G 206 -29.75 34.04 -42.30
N TYR G 207 -29.12 32.90 -42.03
CA TYR G 207 -29.67 31.61 -42.44
C TYR G 207 -31.05 31.38 -41.84
N ASP G 208 -31.23 31.73 -40.57
CA ASP G 208 -32.50 31.46 -39.90
C ASP G 208 -33.62 32.36 -40.43
N HIS G 209 -33.35 33.66 -40.58
CA HIS G 209 -34.33 34.55 -41.19
C HIS G 209 -34.77 34.03 -42.54
N SER G 210 -33.82 33.73 -43.42
CA SER G 210 -34.21 33.27 -44.76
C SER G 210 -35.00 31.97 -44.71
N ARG G 211 -34.53 31.00 -43.92
CA ARG G 211 -35.13 29.68 -43.91
C ARG G 211 -36.54 29.70 -43.33
N ILE G 212 -36.71 30.40 -42.20
CA ILE G 212 -38.04 30.44 -41.60
C ILE G 212 -38.97 31.29 -42.45
N THR G 213 -38.45 32.30 -43.15
CA THR G 213 -39.29 32.99 -44.12
C THR G 213 -39.81 32.03 -45.17
N CYS G 214 -38.96 31.11 -45.63
CA CYS G 214 -39.42 30.11 -46.60
C CYS G 214 -40.49 29.20 -46.02
N ALA G 215 -40.26 28.71 -44.80
CA ALA G 215 -41.21 27.79 -44.20
C ALA G 215 -42.59 28.44 -44.04
N ILE G 216 -42.60 29.67 -43.55
CA ILE G 216 -43.85 30.41 -43.39
C ILE G 216 -44.49 30.65 -44.76
N ALA G 217 -43.68 30.98 -45.77
CA ALA G 217 -44.24 31.24 -47.09
C ALA G 217 -44.92 30.02 -47.66
N SER G 218 -44.28 28.86 -47.55
CA SER G 218 -44.87 27.65 -48.10
C SER G 218 -46.14 27.27 -47.35
N CYS G 219 -46.15 27.45 -46.03
CA CYS G 219 -47.36 27.13 -45.28
C CYS G 219 -48.51 28.07 -45.64
N ILE G 220 -48.24 29.37 -45.70
CA ILE G 220 -49.28 30.31 -46.10
C ILE G 220 -49.80 29.96 -47.48
N PHE G 221 -48.92 29.54 -48.39
CA PHE G 221 -49.42 29.20 -49.72
C PHE G 221 -50.28 27.96 -49.70
N ASP G 222 -49.88 26.94 -48.94
CA ASP G 222 -50.72 25.75 -48.86
C ASP G 222 -52.11 26.12 -48.37
N TYR G 223 -52.17 26.98 -47.35
CA TYR G 223 -53.47 27.40 -46.83
C TYR G 223 -54.28 28.17 -47.86
N LEU G 224 -53.68 29.21 -48.45
CA LEU G 224 -54.42 30.06 -49.37
C LEU G 224 -54.87 29.30 -50.61
N ASN G 225 -54.02 28.44 -51.17
CA ASN G 225 -54.37 27.75 -52.39
C ASN G 225 -55.38 26.64 -52.13
N GLU G 226 -55.21 25.88 -51.05
CA GLU G 226 -56.08 24.74 -50.82
C GLU G 226 -57.54 25.14 -50.67
N ASN G 227 -57.82 26.37 -50.25
CA ASN G 227 -59.17 26.83 -50.07
C ASN G 227 -59.71 27.58 -51.28
N ASN G 228 -59.02 27.45 -52.42
CA ASN G 228 -59.52 27.91 -53.72
C ASN G 228 -59.74 29.42 -53.73
N ILE G 229 -58.74 30.17 -53.29
CA ILE G 229 -58.72 31.62 -53.44
C ILE G 229 -57.67 31.95 -54.50
N HIS G 230 -58.02 32.88 -55.40
CA HIS G 230 -57.11 33.30 -56.45
C HIS G 230 -56.75 34.77 -56.39
N ASN G 231 -57.45 35.57 -55.59
CA ASN G 231 -57.18 37.02 -55.52
C ASN G 231 -56.28 37.31 -54.32
N TYR G 232 -55.04 36.81 -54.43
CA TYR G 232 -54.09 36.90 -53.32
C TYR G 232 -53.90 38.32 -52.83
N LYS G 233 -53.93 39.29 -53.75
CA LYS G 233 -53.66 40.66 -53.37
C LYS G 233 -54.71 41.19 -52.39
N ASP G 234 -55.98 41.08 -52.75
CA ASP G 234 -57.02 41.62 -51.89
C ASP G 234 -57.06 40.91 -50.55
N GLU G 235 -56.83 39.60 -50.55
CA GLU G 235 -56.88 38.85 -49.29
C GLU G 235 -55.71 39.21 -48.39
N LEU G 236 -54.54 39.47 -48.96
CA LEU G 236 -53.36 39.75 -48.14
C LEU G 236 -52.91 41.20 -48.23
N PHE G 237 -53.68 42.07 -48.88
CA PHE G 237 -53.33 43.48 -48.95
C PHE G 237 -54.56 44.33 -49.25
N LYS G 244 -53.59 42.54 -41.16
CA LYS G 244 -53.92 42.27 -39.76
C LYS G 244 -55.08 41.29 -39.65
N SER G 245 -56.12 41.53 -40.46
CA SER G 245 -57.31 40.68 -40.39
C SER G 245 -56.97 39.24 -40.71
N PHE G 246 -56.14 39.01 -41.73
CA PHE G 246 -55.69 37.65 -41.99
C PHE G 246 -54.76 37.17 -40.89
N TYR G 247 -54.00 38.07 -40.27
CA TYR G 247 -53.01 37.65 -39.30
C TYR G 247 -53.66 36.93 -38.12
N GLN G 248 -54.94 37.18 -37.86
CA GLN G 248 -55.62 36.59 -36.72
C GLN G 248 -56.28 35.25 -37.02
N LYS G 249 -56.34 34.84 -38.28
CA LYS G 249 -57.01 33.60 -38.63
C LYS G 249 -56.17 32.39 -38.24
N GLU G 250 -56.83 31.29 -37.90
CA GLU G 250 -56.15 30.08 -37.48
C GLU G 250 -55.53 29.43 -38.72
N ALA G 251 -54.39 29.98 -39.13
CA ALA G 251 -53.84 29.69 -40.45
C ALA G 251 -53.02 28.42 -40.50
N PHE G 252 -52.12 28.21 -39.56
CA PHE G 252 -51.15 27.13 -39.69
C PHE G 252 -51.08 26.36 -38.38
N LEU G 253 -50.28 25.29 -38.43
CA LEU G 253 -50.27 24.38 -37.27
C LEU G 253 -48.86 24.10 -36.75
N LEU G 254 -48.78 23.69 -35.51
CA LEU G 254 -47.55 23.21 -34.90
C LEU G 254 -47.67 21.72 -34.63
N LEU G 255 -46.62 20.98 -34.97
CA LEU G 255 -46.68 19.52 -34.99
C LEU G 255 -45.45 18.97 -34.29
N SER G 256 -45.65 17.94 -33.49
CA SER G 256 -44.59 17.44 -32.65
C SER G 256 -44.54 15.93 -32.69
N MET G 257 -43.33 15.41 -32.85
CA MET G 257 -43.03 13.98 -32.76
C MET G 257 -42.16 13.74 -31.55
N ASP G 258 -42.60 12.83 -30.69
CA ASP G 258 -41.78 12.40 -29.56
C ASP G 258 -41.75 10.89 -29.58
N MET G 259 -40.54 10.34 -29.52
CA MET G 259 -40.35 8.89 -29.50
C MET G 259 -39.91 8.48 -28.11
N SER G 260 -40.55 7.47 -27.56
CA SER G 260 -40.28 7.04 -26.20
C SER G 260 -39.27 5.91 -26.20
N GLY G 261 -38.86 5.52 -25.00
CA GLY G 261 -38.06 4.33 -24.81
C GLY G 261 -36.63 4.44 -25.24
N ILE G 262 -36.10 5.65 -25.43
CA ILE G 262 -34.72 5.79 -25.86
C ILE G 262 -33.77 5.27 -24.79
N GLN G 263 -34.03 5.63 -23.53
CA GLN G 263 -33.13 5.22 -22.45
C GLN G 263 -33.11 3.71 -22.28
N ASP G 264 -34.27 3.06 -22.38
CA ASP G 264 -34.30 1.62 -22.23
C ASP G 264 -33.59 0.91 -23.37
N PHE G 265 -33.76 1.40 -24.59
CA PHE G 265 -33.16 0.76 -25.75
C PHE G 265 -31.66 1.05 -25.85
N ILE G 266 -31.21 2.16 -25.32
CA ILE G 266 -29.80 2.53 -25.44
C ILE G 266 -28.95 1.75 -24.45
N TYR G 267 -29.54 1.24 -23.37
CA TYR G 267 -28.82 0.49 -22.35
C TYR G 267 -29.15 -1.00 -22.38
N ASN G 268 -29.63 -1.50 -23.52
CA ASN G 268 -29.90 -2.92 -23.69
C ASN G 268 -28.69 -3.67 -24.23
N ILE G 269 -27.49 -3.17 -23.99
CA ILE G 269 -26.28 -3.84 -24.42
C ILE G 269 -25.71 -4.61 -23.23
N SER G 270 -25.01 -5.70 -23.53
CA SER G 270 -24.40 -6.51 -22.49
C SER G 270 -23.15 -5.85 -21.92
N ALA G 274 -18.86 -2.54 -25.58
CA ALA G 274 -19.12 -2.65 -24.16
C ALA G 274 -19.36 -1.27 -23.58
N LEU G 275 -18.40 -0.37 -23.80
CA LEU G 275 -18.55 1.03 -23.44
C LEU G 275 -18.59 1.96 -24.65
N LYS G 276 -17.82 1.69 -25.70
CA LYS G 276 -17.90 2.45 -26.93
C LYS G 276 -18.93 1.89 -27.90
N SER G 277 -19.48 0.70 -27.62
CA SER G 277 -20.53 0.15 -28.46
C SER G 277 -21.84 0.90 -28.32
N LEU G 278 -22.06 1.60 -27.20
CA LEU G 278 -23.26 2.41 -27.04
C LEU G 278 -23.11 3.78 -27.69
N ARG G 279 -22.69 3.78 -28.95
CA ARG G 279 -22.80 4.96 -29.79
C ARG G 279 -23.40 4.56 -31.13
N SER G 280 -23.27 3.28 -31.48
CA SER G 280 -23.83 2.79 -32.72
C SER G 280 -25.36 2.82 -32.69
N ARG G 281 -25.95 2.36 -31.60
CA ARG G 281 -27.41 2.40 -31.50
C ARG G 281 -27.93 3.81 -31.19
N SER G 282 -27.12 4.64 -30.53
CA SER G 282 -27.44 6.07 -30.52
C SER G 282 -27.53 6.61 -31.94
N PHE G 283 -26.56 6.25 -32.78
CA PHE G 283 -26.59 6.67 -34.18
C PHE G 283 -27.82 6.15 -34.88
N TYR G 284 -28.21 4.90 -34.59
CA TYR G 284 -29.38 4.34 -35.23
C TYR G 284 -30.65 5.11 -34.88
N LEU G 285 -30.80 5.46 -33.61
CA LEU G 285 -31.97 6.23 -33.20
C LEU G 285 -31.99 7.59 -33.90
N GLU G 286 -30.84 8.27 -33.93
CA GLU G 286 -30.80 9.59 -34.55
C GLU G 286 -31.13 9.50 -36.04
N LEU G 287 -30.57 8.49 -36.70
CA LEU G 287 -30.80 8.35 -38.14
C LEU G 287 -32.26 8.03 -38.43
N MET G 288 -32.90 7.19 -37.61
CA MET G 288 -34.32 6.92 -37.85
C MET G 288 -35.14 8.18 -37.71
N LEU G 289 -34.87 8.98 -36.69
CA LEU G 289 -35.65 10.21 -36.53
C LEU G 289 -35.52 11.08 -37.77
N GLU G 290 -34.29 11.28 -38.25
CA GLU G 290 -34.08 12.14 -39.42
C GLU G 290 -34.74 11.57 -40.67
N VAL G 291 -34.68 10.25 -40.86
CA VAL G 291 -35.29 9.62 -42.02
C VAL G 291 -36.80 9.82 -42.02
N ILE G 292 -37.43 9.58 -40.87
CA ILE G 292 -38.88 9.68 -40.81
C ILE G 292 -39.32 11.13 -41.01
N VAL G 293 -38.58 12.09 -40.48
CA VAL G 293 -39.00 13.48 -40.67
C VAL G 293 -38.80 13.92 -42.13
N ASP G 294 -37.71 13.48 -42.77
CA ASP G 294 -37.51 13.85 -44.17
C ASP G 294 -38.60 13.24 -45.04
N GLN G 295 -38.92 11.97 -44.80
CA GLN G 295 -40.05 11.33 -45.45
C GLN G 295 -41.34 12.13 -45.28
N LEU G 296 -41.63 12.54 -44.04
CA LEU G 296 -42.84 13.30 -43.80
C LEU G 296 -42.88 14.55 -44.65
N LEU G 297 -41.78 15.29 -44.69
CA LEU G 297 -41.76 16.50 -45.51
C LEU G 297 -41.98 16.17 -46.98
N GLU G 298 -41.38 15.07 -47.48
CA GLU G 298 -41.60 14.71 -48.87
C GLU G 298 -43.06 14.41 -49.16
N ARG G 299 -43.75 13.74 -48.23
CA ARG G 299 -45.15 13.38 -48.47
C ARG G 299 -46.06 14.60 -48.57
N LEU G 300 -45.59 15.77 -48.14
CA LEU G 300 -46.46 16.94 -48.03
C LEU G 300 -46.08 18.05 -48.99
N GLU G 301 -45.24 17.76 -49.99
CA GLU G 301 -44.82 18.73 -51.02
C GLU G 301 -44.36 20.06 -50.43
N LEU G 302 -43.53 19.97 -49.38
CA LEU G 302 -42.68 21.06 -48.95
C LEU G 302 -41.26 20.51 -48.87
N ALA G 303 -40.34 21.21 -48.22
CA ALA G 303 -38.98 20.74 -48.10
C ALA G 303 -38.54 20.74 -46.64
N ARG G 304 -37.26 20.40 -46.42
CA ARG G 304 -36.68 20.40 -45.08
C ARG G 304 -36.52 21.79 -44.49
N ALA G 305 -37.05 22.82 -45.17
CA ALA G 305 -37.08 24.15 -44.57
C ALA G 305 -37.95 24.17 -43.33
N ASN G 306 -39.08 23.46 -43.36
CA ASN G 306 -40.14 23.53 -42.37
C ASN G 306 -39.89 22.68 -41.13
N LEU G 307 -38.64 22.36 -40.83
CA LEU G 307 -38.31 21.57 -39.66
C LEU G 307 -37.52 22.41 -38.67
N LEU G 308 -38.12 22.73 -37.53
CA LEU G 308 -37.44 23.60 -36.56
C LEU G 308 -36.37 22.84 -35.80
N TYR G 309 -36.76 21.86 -35.00
CA TYR G 309 -35.74 21.24 -34.16
C TYR G 309 -35.87 19.73 -34.17
N THR G 310 -34.73 19.06 -34.05
CA THR G 310 -34.68 17.61 -33.95
C THR G 310 -33.61 17.21 -32.95
N GLY G 311 -33.78 16.04 -32.38
CA GLY G 311 -32.80 15.47 -31.48
C GLY G 311 -33.38 15.21 -30.12
N GLY G 312 -32.56 14.56 -29.29
CA GLY G 312 -33.12 14.00 -28.08
C GLY G 312 -34.02 12.86 -28.51
N GLY G 313 -35.32 13.09 -28.46
CA GLY G 313 -36.26 12.19 -29.09
C GLY G 313 -37.33 12.98 -29.78
N HIS G 314 -37.07 14.26 -29.99
CA HIS G 314 -38.08 15.23 -30.38
C HIS G 314 -37.87 15.70 -31.81
N ALA G 315 -38.98 16.12 -32.40
CA ALA G 315 -39.00 16.81 -33.69
C ALA G 315 -40.14 17.81 -33.66
N TYR G 316 -39.79 19.09 -33.67
CA TYR G 316 -40.75 20.19 -33.71
C TYR G 316 -40.78 20.75 -35.11
N LEU G 317 -41.97 20.77 -35.71
CA LEU G 317 -42.24 21.03 -37.11
C LEU G 317 -43.43 21.95 -37.25
N LEU G 318 -43.55 22.55 -38.43
CA LEU G 318 -44.59 23.52 -38.73
C LEU G 318 -45.22 23.18 -40.07
N VAL G 319 -46.55 23.10 -40.10
CA VAL G 319 -47.30 22.75 -41.30
C VAL G 319 -48.50 23.70 -41.42
N SER G 320 -49.35 23.44 -42.40
CA SER G 320 -50.52 24.28 -42.65
C SER G 320 -51.78 23.68 -42.05
N ASN G 321 -52.78 24.54 -41.85
CA ASN G 321 -54.07 24.16 -41.27
C ASN G 321 -55.10 24.01 -42.38
N THR G 322 -55.04 22.87 -43.06
CA THR G 322 -56.07 22.53 -44.03
C THR G 322 -56.48 21.07 -43.87
N ASP G 323 -57.61 20.73 -44.48
CA ASP G 323 -58.16 19.39 -44.33
C ASP G 323 -57.27 18.34 -44.98
N LYS G 324 -56.69 18.65 -46.13
CA LYS G 324 -55.92 17.66 -46.87
C LYS G 324 -54.69 17.23 -46.10
N VAL G 325 -53.95 18.20 -45.54
CA VAL G 325 -52.76 17.84 -44.78
C VAL G 325 -53.16 17.08 -43.53
N LYS G 326 -54.30 17.42 -42.94
CA LYS G 326 -54.74 16.70 -41.75
C LYS G 326 -55.01 15.23 -42.08
N LYS G 327 -55.69 14.97 -43.20
CA LYS G 327 -55.94 13.60 -43.60
C LYS G 327 -54.64 12.85 -43.86
N LYS G 328 -53.69 13.51 -44.54
CA LYS G 328 -52.43 12.83 -44.83
C LYS G 328 -51.63 12.57 -43.56
N ILE G 329 -51.66 13.50 -42.62
CA ILE G 329 -50.99 13.28 -41.34
C ILE G 329 -51.59 12.09 -40.61
N THR G 330 -52.91 11.98 -40.64
CA THR G 330 -53.55 10.82 -40.02
C THR G 330 -53.11 9.52 -40.70
N GLN G 331 -53.06 9.51 -42.03
CA GLN G 331 -52.63 8.30 -42.73
C GLN G 331 -51.19 7.94 -42.39
N PHE G 332 -50.30 8.93 -42.38
CA PHE G 332 -48.91 8.68 -42.05
C PHE G 332 -48.78 8.16 -40.63
N ASN G 333 -49.57 8.71 -39.71
CA ASN G 333 -49.55 8.23 -38.34
C ASN G 333 -49.94 6.77 -38.26
N ASN G 334 -50.99 6.38 -38.98
CA ASN G 334 -51.39 4.98 -38.95
C ASN G 334 -50.29 4.09 -39.49
N GLU G 335 -49.67 4.48 -40.60
CA GLU G 335 -48.59 3.67 -41.16
C GLU G 335 -47.42 3.56 -40.20
N LEU G 336 -47.02 4.67 -39.58
CA LEU G 336 -45.90 4.63 -38.64
C LEU G 336 -46.21 3.76 -37.44
N LYS G 337 -47.42 3.89 -36.88
CA LYS G 337 -47.78 3.07 -35.74
C LYS G 337 -47.71 1.60 -36.11
N LYS G 338 -48.25 1.25 -37.27
CA LYS G 338 -48.21 -0.15 -37.72
C LYS G 338 -46.77 -0.63 -37.86
N TRP G 339 -45.92 0.19 -38.47
CA TRP G 339 -44.56 -0.27 -38.74
C TRP G 339 -43.74 -0.37 -37.46
N PHE G 340 -43.86 0.60 -36.55
CA PHE G 340 -43.15 0.52 -35.28
C PHE G 340 -43.58 -0.69 -34.49
N MET G 341 -44.88 -0.99 -34.48
CA MET G 341 -45.32 -2.20 -33.81
C MET G 341 -44.77 -3.44 -34.51
N SER G 342 -44.68 -3.41 -35.84
CA SER G 342 -44.19 -4.58 -36.55
C SER G 342 -42.73 -4.83 -36.25
N GLU G 343 -41.88 -3.81 -36.40
CA GLU G 343 -40.45 -3.96 -36.19
C GLU G 343 -40.14 -4.26 -34.73
N PHE G 344 -40.78 -3.54 -33.80
CA PHE G 344 -40.54 -3.68 -32.37
C PHE G 344 -41.88 -3.81 -31.66
N THR G 345 -41.95 -4.67 -30.64
CA THR G 345 -43.24 -4.91 -30.01
C THR G 345 -43.82 -3.66 -29.36
N THR G 346 -43.22 -3.20 -28.27
CA THR G 346 -43.62 -1.95 -27.61
C THR G 346 -42.46 -1.13 -27.08
N ASP G 347 -41.22 -1.60 -27.17
CA ASP G 347 -40.11 -0.92 -26.53
C ASP G 347 -39.78 0.40 -27.19
N LEU G 348 -40.34 0.68 -28.36
CA LEU G 348 -40.05 1.91 -29.07
C LEU G 348 -41.34 2.36 -29.74
N SER G 349 -41.79 3.57 -29.43
CA SER G 349 -43.02 4.10 -29.98
C SER G 349 -42.75 5.41 -30.69
N LEU G 350 -43.82 6.00 -31.21
CA LEU G 350 -43.75 7.31 -31.84
C LEU G 350 -45.10 7.98 -31.64
N SER G 351 -45.09 9.23 -31.18
CA SER G 351 -46.32 9.95 -30.89
C SER G 351 -46.30 11.29 -31.59
N MET G 352 -47.44 11.66 -32.15
CA MET G 352 -47.56 12.87 -32.95
C MET G 352 -48.76 13.69 -32.47
N ALA G 353 -48.53 14.95 -32.17
CA ALA G 353 -49.61 15.83 -31.69
C ALA G 353 -49.50 17.18 -32.37
N PHE G 354 -50.65 17.73 -32.74
CA PHE G 354 -50.66 18.99 -33.46
C PHE G 354 -51.69 19.95 -32.87
N GLU G 355 -51.27 21.19 -32.65
CA GLU G 355 -52.14 22.25 -32.17
C GLU G 355 -52.12 23.41 -33.16
N LYS G 356 -53.31 23.90 -33.48
CA LYS G 356 -53.44 24.97 -34.46
C LYS G 356 -52.94 26.29 -33.88
N CYS G 357 -52.38 27.13 -34.75
CA CYS G 357 -51.88 28.44 -34.37
C CYS G 357 -52.20 29.42 -35.49
N SER G 358 -52.35 30.67 -35.09
CA SER G 358 -52.59 31.77 -36.01
C SER G 358 -51.29 32.49 -36.28
N GLY G 359 -51.36 33.46 -37.20
CA GLY G 359 -50.21 34.32 -37.42
C GLY G 359 -49.85 35.13 -36.18
N ASP G 360 -50.83 35.35 -35.31
CA ASP G 360 -50.58 36.08 -34.07
C ASP G 360 -49.88 35.23 -33.03
N ASP G 361 -50.15 33.92 -32.99
CA ASP G 361 -49.62 33.09 -31.92
C ASP G 361 -48.11 33.00 -31.95
N LEU G 362 -47.52 32.71 -33.12
CA LEU G 362 -46.07 32.65 -33.19
C LEU G 362 -45.46 34.02 -32.96
N MET G 363 -46.07 35.07 -33.49
CA MET G 363 -45.66 36.41 -33.12
C MET G 363 -45.90 36.65 -31.63
N ASN G 364 -45.18 37.63 -31.08
CA ASN G 364 -45.32 37.96 -29.67
C ASN G 364 -46.39 39.03 -29.50
N THR G 365 -47.62 38.60 -29.20
CA THR G 365 -48.72 39.53 -29.00
C THR G 365 -49.19 39.55 -27.55
N SER G 366 -49.59 38.41 -27.00
CA SER G 366 -50.06 38.34 -25.62
C SER G 366 -49.44 37.14 -24.91
N GLY G 367 -48.17 36.88 -25.21
CA GLY G 367 -47.46 35.78 -24.56
C GLY G 367 -48.10 34.44 -24.76
N ASN G 368 -48.78 34.24 -25.89
CA ASN G 368 -49.50 33.00 -26.12
C ASN G 368 -48.60 31.87 -26.59
N TYR G 369 -47.34 32.14 -26.95
CA TYR G 369 -46.47 31.08 -27.44
C TYR G 369 -46.20 30.04 -26.36
N ARG G 370 -45.97 30.51 -25.13
CA ARG G 370 -45.85 29.60 -24.00
C ARG G 370 -47.09 28.70 -23.89
N THR G 371 -48.26 29.31 -24.05
CA THR G 371 -49.52 28.57 -23.96
C THR G 371 -49.58 27.49 -25.03
N ILE G 372 -49.21 27.84 -26.26
CA ILE G 372 -49.22 26.88 -27.36
C ILE G 372 -48.31 25.72 -27.04
N TRP G 373 -47.11 26.01 -26.55
CA TRP G 373 -46.15 24.96 -26.31
C TRP G 373 -46.63 24.04 -25.19
N ARG G 374 -47.18 24.62 -24.13
CA ARG G 374 -47.72 23.83 -23.03
C ARG G 374 -48.86 22.95 -23.49
N ASN G 375 -49.75 23.47 -24.35
CA ASN G 375 -50.86 22.66 -24.82
C ASN G 375 -50.38 21.48 -25.66
N VAL G 376 -49.38 21.71 -26.52
CA VAL G 376 -48.84 20.60 -27.32
C VAL G 376 -48.26 19.54 -26.40
N SER G 377 -47.49 19.97 -25.39
CA SER G 377 -46.95 19.01 -24.43
C SER G 377 -48.06 18.27 -23.70
N SER G 378 -49.16 18.96 -23.39
CA SER G 378 -50.26 18.32 -22.68
C SER G 378 -50.90 17.22 -23.51
N LYS G 379 -51.25 17.52 -24.76
CA LYS G 379 -51.84 16.48 -25.59
C LYS G 379 -50.86 15.37 -25.87
N LEU G 380 -49.55 15.69 -25.89
CA LEU G 380 -48.55 14.64 -26.03
C LEU G 380 -48.57 13.70 -24.84
N SER G 381 -48.65 14.26 -23.63
CA SER G 381 -48.73 13.43 -22.44
C SER G 381 -49.98 12.56 -22.46
N ASP G 382 -51.11 13.13 -22.88
CA ASP G 382 -52.34 12.35 -22.95
C ASP G 382 -52.21 11.21 -23.95
N ILE G 383 -51.66 11.47 -25.14
CA ILE G 383 -51.48 10.42 -26.13
C ILE G 383 -50.54 9.35 -25.59
N LYS G 384 -49.56 9.75 -24.79
CA LYS G 384 -48.70 8.78 -24.15
C LYS G 384 -49.47 7.92 -23.16
N ALA G 385 -50.48 8.50 -22.52
CA ALA G 385 -51.22 7.76 -21.51
C ALA G 385 -52.13 6.70 -22.11
N HIS G 386 -52.58 6.89 -23.34
CA HIS G 386 -53.53 5.96 -23.96
C HIS G 386 -53.01 5.49 -25.32
N LYS G 387 -51.79 4.97 -25.36
CA LYS G 387 -51.15 4.78 -26.64
C LYS G 387 -51.60 3.53 -27.40
N TYR G 388 -52.58 2.80 -26.91
CA TYR G 388 -53.06 1.63 -27.64
C TYR G 388 -54.57 1.52 -27.56
N SER G 389 -55.12 0.61 -28.35
CA SER G 389 -56.54 0.30 -28.38
C SER G 389 -56.75 -1.17 -28.08
N ALA G 390 -58.02 -1.55 -27.93
CA ALA G 390 -58.35 -2.90 -27.48
C ALA G 390 -57.90 -3.96 -28.48
N GLU G 391 -58.09 -3.70 -29.77
CA GLU G 391 -57.69 -4.67 -30.78
C GLU G 391 -56.20 -4.94 -30.72
N ASP G 392 -55.41 -3.87 -30.58
CA ASP G 392 -53.96 -4.03 -30.49
C ASP G 392 -53.57 -4.86 -29.29
N ILE G 393 -54.20 -4.62 -28.14
CA ILE G 393 -53.78 -5.28 -26.92
C ILE G 393 -54.21 -6.74 -26.94
N LEU G 394 -55.29 -7.07 -27.66
CA LEU G 394 -55.67 -8.46 -27.79
C LEU G 394 -54.79 -9.19 -28.79
N LYS G 395 -54.41 -8.52 -29.88
CA LYS G 395 -53.48 -9.14 -30.82
C LYS G 395 -52.11 -9.33 -30.19
N LEU G 396 -51.72 -8.45 -29.27
CA LEU G 396 -50.44 -8.59 -28.60
C LEU G 396 -50.39 -9.81 -27.71
N ASN G 397 -51.50 -10.11 -27.04
CA ASN G 397 -51.57 -11.25 -26.14
C ASN G 397 -51.96 -12.54 -26.86
N HIS G 398 -51.67 -12.64 -28.14
CA HIS G 398 -51.93 -13.84 -28.93
C HIS G 398 -50.65 -14.67 -29.02
N PHE G 399 -50.80 -15.99 -28.89
CA PHE G 399 -49.65 -16.86 -28.72
C PHE G 399 -48.79 -16.90 -29.98
N HIS G 400 -47.51 -17.21 -29.77
CA HIS G 400 -46.52 -17.26 -30.85
C HIS G 400 -45.48 -18.28 -30.47
N SER G 401 -44.74 -18.75 -31.48
CA SER G 401 -43.72 -19.77 -31.27
C SER G 401 -42.57 -19.24 -30.42
N TYR G 402 -42.09 -20.10 -29.51
CA TYR G 402 -40.96 -19.77 -28.66
C TYR G 402 -40.11 -21.02 -28.46
N GLY G 403 -39.18 -20.92 -27.51
CA GLY G 403 -38.23 -21.99 -27.24
C GLY G 403 -36.92 -21.84 -27.96
N ASP G 404 -36.92 -21.19 -29.12
CA ASP G 404 -35.69 -20.88 -29.83
C ASP G 404 -34.91 -19.86 -29.02
N ARG G 405 -33.60 -19.78 -29.30
CA ARG G 405 -32.75 -18.86 -28.58
C ARG G 405 -33.14 -17.41 -28.89
N GLU G 406 -32.77 -16.54 -27.97
CA GLU G 406 -32.98 -15.11 -28.09
C GLU G 406 -31.69 -14.41 -28.50
N CYS G 407 -31.82 -13.15 -28.89
CA CYS G 407 -30.67 -12.37 -29.31
C CYS G 407 -29.68 -12.23 -28.16
N LYS G 408 -28.42 -12.55 -28.43
CA LYS G 408 -27.42 -12.57 -27.36
C LYS G 408 -27.18 -11.20 -26.78
N GLU G 409 -27.43 -10.15 -27.55
CA GLU G 409 -27.25 -8.79 -27.06
C GLU G 409 -28.55 -8.07 -26.81
N CYS G 410 -29.64 -8.50 -27.46
CA CYS G 410 -30.88 -7.75 -27.46
C CYS G 410 -32.04 -8.49 -26.81
N LEU G 411 -31.93 -9.81 -26.61
CA LEU G 411 -32.75 -10.56 -25.65
C LEU G 411 -34.23 -10.54 -26.03
N ARG G 412 -34.51 -10.87 -27.28
CA ARG G 412 -35.89 -10.83 -27.78
C ARG G 412 -36.09 -12.01 -28.71
N SER G 413 -37.15 -12.78 -28.45
CA SER G 413 -37.31 -14.10 -29.06
C SER G 413 -38.50 -14.18 -30.01
N ASP G 414 -38.82 -13.09 -30.70
CA ASP G 414 -39.90 -13.10 -31.67
C ASP G 414 -39.41 -13.05 -33.12
N ILE G 415 -38.09 -13.06 -33.34
CA ILE G 415 -37.51 -12.82 -34.65
C ILE G 415 -36.58 -13.97 -34.98
N ASP G 416 -36.59 -14.39 -36.25
CA ASP G 416 -35.65 -15.40 -36.69
C ASP G 416 -34.22 -14.91 -36.51
N ILE G 417 -33.34 -15.83 -36.13
CA ILE G 417 -31.97 -15.49 -35.78
C ILE G 417 -31.02 -16.20 -36.74
N ASN G 418 -29.83 -15.63 -36.86
CA ASN G 418 -28.82 -16.17 -37.76
C ASN G 418 -27.89 -17.12 -37.01
N ASP G 419 -26.85 -17.60 -37.69
CA ASP G 419 -25.95 -18.57 -37.08
C ASP G 419 -25.11 -17.94 -35.98
N ASP G 420 -24.66 -16.70 -36.17
CA ASP G 420 -23.75 -16.07 -35.22
C ASP G 420 -24.39 -15.82 -33.87
N GLY G 421 -25.72 -15.79 -33.78
CA GLY G 421 -26.39 -15.54 -32.52
C GLY G 421 -26.92 -14.13 -32.32
N LEU G 422 -27.02 -13.35 -33.38
CA LEU G 422 -27.58 -12.00 -33.31
C LEU G 422 -28.71 -11.87 -34.32
N CYS G 423 -29.74 -11.12 -33.97
CA CYS G 423 -30.85 -10.93 -34.87
C CYS G 423 -30.45 -10.02 -36.02
N SER G 424 -31.42 -9.67 -36.87
CA SER G 424 -31.11 -8.88 -38.04
C SER G 424 -30.64 -7.48 -37.67
N ILE G 425 -31.40 -6.80 -36.80
CA ILE G 425 -31.13 -5.40 -36.54
C ILE G 425 -29.84 -5.22 -35.75
N CYS G 426 -29.61 -6.04 -34.73
CA CYS G 426 -28.42 -5.87 -33.91
C CYS G 426 -27.15 -6.22 -34.69
N GLU G 427 -27.21 -7.27 -35.51
CA GLU G 427 -26.09 -7.59 -36.40
C GLU G 427 -25.84 -6.47 -37.40
N GLY G 428 -26.92 -5.91 -37.96
CA GLY G 428 -26.75 -4.77 -38.85
C GLY G 428 -26.07 -3.61 -38.17
N ILE G 429 -26.45 -3.32 -36.93
CA ILE G 429 -25.84 -2.22 -36.21
C ILE G 429 -24.35 -2.46 -35.96
N ILE G 430 -23.98 -3.68 -35.56
CA ILE G 430 -22.57 -3.92 -35.29
C ILE G 430 -21.75 -3.82 -36.58
N ASN G 431 -22.28 -4.35 -37.69
CA ASN G 431 -21.57 -4.24 -38.96
C ASN G 431 -21.47 -2.79 -39.41
N ILE G 432 -22.55 -2.00 -39.25
CA ILE G 432 -22.53 -0.63 -39.70
C ILE G 432 -21.61 0.21 -38.83
N SER G 433 -21.45 -0.14 -37.55
CA SER G 433 -20.46 0.56 -36.74
C SER G 433 -19.05 0.22 -37.17
N ASN G 434 -18.80 -1.05 -37.49
CA ASN G 434 -17.49 -1.44 -38.00
C ASN G 434 -17.16 -0.72 -39.29
N ASP G 435 -18.15 -0.56 -40.17
CA ASP G 435 -17.93 0.18 -41.41
C ASP G 435 -17.81 1.69 -41.17
N LEU G 436 -18.60 2.23 -40.25
CA LEU G 436 -18.57 3.65 -39.94
C LEU G 436 -17.22 4.07 -39.39
N ARG G 437 -16.57 3.17 -38.66
CA ARG G 437 -15.23 3.49 -38.18
C ARG G 437 -14.26 3.77 -39.32
N ASP G 438 -14.54 3.27 -40.52
CA ASP G 438 -13.72 3.50 -41.70
C ASP G 438 -14.43 4.30 -42.78
N LYS G 439 -15.59 3.83 -43.23
CA LYS G 439 -16.37 4.52 -44.25
C LYS G 439 -17.31 5.54 -43.61
N SER G 440 -17.71 6.54 -44.38
CA SER G 440 -18.52 7.61 -43.82
C SER G 440 -19.60 8.16 -44.75
N PHE G 441 -20.25 7.35 -45.57
CA PHE G 441 -21.46 7.79 -46.25
C PHE G 441 -22.53 6.73 -46.12
N PHE G 442 -23.78 7.17 -45.90
CA PHE G 442 -24.90 6.27 -45.78
C PHE G 442 -25.90 6.57 -46.88
N VAL G 443 -26.46 5.51 -47.47
CA VAL G 443 -27.32 5.64 -48.63
C VAL G 443 -28.63 4.92 -48.37
N LEU G 444 -29.73 5.58 -48.73
CA LEU G 444 -31.09 5.09 -48.50
C LEU G 444 -31.57 4.43 -49.79
N SER G 445 -31.69 3.12 -49.78
CA SER G 445 -32.02 2.35 -50.98
C SER G 445 -33.22 1.45 -50.71
N GLU G 446 -33.64 0.73 -51.76
CA GLU G 446 -34.72 -0.23 -51.63
C GLU G 446 -34.28 -1.49 -50.90
N THR G 447 -33.09 -2.01 -51.22
CA THR G 447 -32.54 -3.18 -50.56
C THR G 447 -31.12 -2.87 -50.12
N GLY G 448 -30.70 -3.50 -49.03
CA GLY G 448 -29.42 -3.19 -48.44
C GLY G 448 -29.16 -3.87 -47.11
N LYS G 449 -28.76 -3.08 -46.10
CA LYS G 449 -28.24 -3.64 -44.86
C LYS G 449 -29.16 -3.42 -43.66
N LEU G 450 -29.47 -2.17 -43.29
CA LEU G 450 -30.20 -1.93 -42.04
C LEU G 450 -31.59 -1.37 -42.30
N LYS G 451 -32.56 -1.87 -41.53
CA LYS G 451 -33.97 -1.64 -41.77
C LYS G 451 -34.39 -0.20 -41.49
N MET G 452 -35.36 0.29 -42.26
CA MET G 452 -35.86 1.66 -42.18
C MET G 452 -37.36 1.60 -42.45
N PRO G 453 -38.12 2.69 -42.30
CA PRO G 453 -39.57 2.59 -42.55
C PRO G 453 -39.89 2.46 -44.03
N PHE G 454 -41.03 1.82 -44.28
CA PHE G 454 -41.58 1.64 -45.62
C PHE G 454 -40.64 0.84 -46.53
N ASN G 455 -40.17 -0.29 -46.02
CA ASN G 455 -39.41 -1.28 -46.79
C ASN G 455 -38.19 -0.65 -47.46
N LYS G 456 -37.51 0.21 -46.71
CA LYS G 456 -36.29 0.85 -47.18
C LYS G 456 -35.13 0.40 -46.30
N PHE G 457 -33.92 0.57 -46.83
CA PHE G 457 -32.73 0.10 -46.15
C PHE G 457 -31.66 1.17 -46.25
N ILE G 458 -30.72 1.13 -45.31
CA ILE G 458 -29.53 1.97 -45.37
C ILE G 458 -28.32 1.07 -45.59
N SER G 459 -27.41 1.53 -46.44
CA SER G 459 -26.17 0.84 -46.77
C SER G 459 -25.01 1.82 -46.66
N VAL G 460 -23.80 1.28 -46.61
CA VAL G 460 -22.58 2.05 -46.34
C VAL G 460 -21.79 2.16 -47.63
N ILE G 461 -21.26 3.36 -47.89
CA ILE G 461 -20.49 3.65 -49.08
C ILE G 461 -19.44 4.71 -48.75
N ASP G 462 -18.47 4.84 -49.64
CA ASP G 462 -17.36 5.77 -49.47
C ASP G 462 -17.48 6.94 -50.44
N TYR G 463 -16.54 7.88 -50.31
CA TYR G 463 -16.70 9.23 -50.86
C TYR G 463 -16.90 9.19 -52.37
N GLU G 464 -15.86 8.78 -53.10
CA GLU G 464 -15.97 8.71 -54.56
C GLU G 464 -17.17 7.88 -54.97
N GLU G 465 -17.44 6.79 -54.25
CA GLU G 465 -18.66 6.03 -54.49
C GLU G 465 -19.88 6.92 -54.35
N ALA G 466 -19.85 7.85 -53.39
CA ALA G 466 -20.98 8.75 -53.22
C ALA G 466 -21.16 9.66 -54.42
N GLU G 467 -20.07 10.23 -54.95
CA GLU G 467 -20.28 11.08 -56.13
C GLU G 467 -20.71 10.26 -57.35
N MET G 468 -20.19 9.04 -57.54
CA MET G 468 -20.69 8.24 -58.66
C MET G 468 -22.17 7.91 -58.48
N LEU G 469 -22.60 7.61 -57.26
CA LEU G 469 -24.02 7.35 -57.04
C LEU G 469 -24.85 8.60 -57.29
N VAL G 470 -24.32 9.77 -56.93
CA VAL G 470 -25.03 11.02 -57.19
C VAL G 470 -25.15 11.27 -58.69
N GLN G 471 -24.10 10.93 -59.45
CA GLN G 471 -24.15 11.12 -60.89
C GLN G 471 -25.29 10.32 -61.51
N ASN G 472 -25.46 9.08 -61.08
CA ASN G 472 -26.53 8.23 -61.59
C ASN G 472 -27.87 8.61 -60.97
N ARG G 477 -31.15 9.23 -51.06
CA ARG G 477 -30.64 10.35 -50.27
C ARG G 477 -29.45 9.92 -49.44
N ILE G 478 -28.51 10.83 -49.22
CA ILE G 478 -27.22 10.51 -48.62
C ILE G 478 -27.15 11.16 -47.24
N TYR G 479 -26.61 10.43 -46.28
CA TYR G 479 -26.47 10.91 -44.92
C TYR G 479 -25.01 10.83 -44.50
N SER G 480 -24.53 11.91 -43.89
CA SER G 480 -23.14 12.11 -43.54
C SER G 480 -23.03 12.36 -42.03
N LYS G 481 -21.84 12.78 -41.61
CA LYS G 481 -21.57 13.07 -40.20
C LYS G 481 -20.83 14.41 -40.12
N ASN G 482 -21.58 15.50 -39.96
CA ASN G 482 -21.02 16.84 -39.72
C ASN G 482 -20.02 17.23 -40.80
N LYS G 483 -20.35 16.94 -42.06
CA LYS G 483 -19.52 17.31 -43.19
C LYS G 483 -20.33 18.20 -44.13
N PRO G 484 -20.01 19.49 -44.22
CA PRO G 484 -20.80 20.42 -45.06
C PRO G 484 -20.40 20.38 -46.53
N TYR G 485 -20.57 19.22 -47.16
CA TYR G 485 -20.34 19.07 -48.58
C TYR G 485 -21.57 19.56 -49.34
N ILE G 486 -21.34 20.42 -50.34
CA ILE G 486 -22.41 21.09 -51.05
C ILE G 486 -22.32 20.77 -52.54
N GLY G 487 -23.49 20.78 -53.19
CA GLY G 487 -23.58 20.61 -54.62
C GLY G 487 -23.60 19.19 -55.11
N ILE G 488 -23.44 18.20 -54.23
CA ILE G 488 -23.42 16.79 -54.65
C ILE G 488 -24.86 16.29 -54.54
N GLY G 489 -25.64 16.58 -55.58
CA GLY G 489 -27.01 16.13 -55.63
C GLY G 489 -27.82 16.63 -54.46
N ILE G 490 -28.60 15.73 -53.86
CA ILE G 490 -29.40 16.02 -52.68
C ILE G 490 -28.80 15.25 -51.51
N SER G 491 -28.39 15.99 -50.48
CA SER G 491 -27.79 15.38 -49.30
C SER G 491 -28.30 16.08 -48.05
N THR G 492 -28.31 15.35 -46.95
CA THR G 492 -28.73 15.88 -45.66
C THR G 492 -27.60 15.65 -44.65
N ASN G 493 -26.95 16.72 -44.23
CA ASN G 493 -25.82 16.62 -43.32
C ASN G 493 -26.34 16.40 -41.91
N LEU G 494 -26.05 15.23 -41.34
CA LEU G 494 -26.42 14.98 -39.95
C LEU G 494 -25.20 15.06 -39.05
N ASP G 534 -30.00 21.10 -17.71
CA ASP G 534 -30.86 21.12 -16.52
C ASP G 534 -32.09 21.97 -16.76
N ASN G 535 -31.90 23.28 -16.91
CA ASN G 535 -33.00 24.19 -17.16
C ASN G 535 -33.37 24.22 -18.63
N LEU G 536 -33.63 23.04 -19.21
CA LEU G 536 -33.99 22.96 -20.62
C LEU G 536 -35.41 23.43 -20.87
N GLY G 537 -36.34 23.14 -19.96
CA GLY G 537 -37.73 23.50 -20.19
C GLY G 537 -37.94 25.00 -20.34
N ALA G 538 -37.27 25.78 -19.48
CA ALA G 538 -37.40 27.23 -19.55
C ALA G 538 -36.88 27.76 -20.88
N THR G 539 -35.73 27.24 -21.34
CA THR G 539 -35.18 27.68 -22.61
C THR G 539 -36.08 27.30 -23.78
N PHE G 540 -36.62 26.08 -23.76
CA PHE G 540 -37.40 25.61 -24.90
C PHE G 540 -38.78 26.23 -24.96
N ILE G 541 -39.40 26.53 -23.82
CA ILE G 541 -40.76 27.06 -23.79
C ILE G 541 -40.76 28.57 -23.79
N SER G 542 -39.88 29.20 -23.00
CA SER G 542 -39.87 30.65 -22.93
C SER G 542 -38.97 31.28 -23.99
N GLY G 543 -37.69 30.94 -23.99
CA GLY G 543 -36.76 31.64 -24.85
C GLY G 543 -36.59 33.07 -24.37
N ILE G 544 -37.05 34.02 -25.18
CA ILE G 544 -37.09 35.42 -24.78
C ILE G 544 -38.54 35.82 -24.58
N PRO G 545 -38.98 36.06 -23.34
CA PRO G 545 -40.42 36.27 -23.08
C PRO G 545 -41.03 37.47 -23.78
N GLU G 546 -40.28 38.57 -23.92
CA GLU G 546 -40.85 39.83 -24.42
C GLU G 546 -39.99 40.38 -25.55
N LYS G 547 -40.66 40.92 -26.57
CA LYS G 547 -40.04 41.68 -27.66
C LYS G 547 -39.23 40.80 -28.61
N TYR G 548 -39.07 39.51 -28.27
CA TYR G 548 -38.38 38.59 -29.16
C TYR G 548 -39.02 37.20 -29.15
N ASN G 549 -40.29 37.09 -28.80
CA ASN G 549 -40.94 35.79 -28.67
C ASN G 549 -41.56 35.39 -30.01
N SER G 550 -40.71 34.80 -30.85
CA SER G 550 -41.12 34.33 -32.17
C SER G 550 -40.57 32.93 -32.42
N ILE G 551 -41.02 32.33 -33.52
CA ILE G 551 -40.54 31.01 -33.92
C ILE G 551 -39.07 31.09 -34.33
N SER G 552 -38.64 32.25 -34.83
CA SER G 552 -37.24 32.40 -35.24
C SER G 552 -36.30 32.27 -34.05
N ARG G 553 -36.69 32.79 -32.89
CA ARG G 553 -35.82 32.72 -31.73
C ARG G 553 -35.63 31.29 -31.25
N THR G 554 -36.71 30.50 -31.24
CA THR G 554 -36.51 29.09 -30.90
C THR G 554 -35.73 28.37 -31.98
N ALA G 555 -35.85 28.80 -33.25
CA ALA G 555 -35.04 28.22 -34.30
C ALA G 555 -33.55 28.42 -34.02
N THR G 556 -33.15 29.68 -33.79
CA THR G 556 -31.74 29.96 -33.57
C THR G 556 -31.24 29.35 -32.28
N LEU G 557 -32.08 29.35 -31.24
CA LEU G 557 -31.67 28.73 -29.98
C LEU G 557 -31.43 27.23 -30.18
N SER G 558 -32.31 26.57 -30.93
CA SER G 558 -32.11 25.16 -31.20
C SER G 558 -30.85 24.92 -31.99
N ARG G 559 -30.58 25.77 -32.99
CA ARG G 559 -29.38 25.59 -33.80
C ARG G 559 -28.12 25.75 -32.95
N GLN G 560 -28.08 26.77 -32.10
CA GLN G 560 -26.90 26.98 -31.27
C GLN G 560 -26.72 25.85 -30.27
N LEU G 561 -27.81 25.39 -29.64
CA LEU G 561 -27.71 24.28 -28.73
C LEU G 561 -27.25 23.02 -29.44
N SER G 562 -27.72 22.80 -30.66
CA SER G 562 -27.29 21.62 -31.41
C SER G 562 -25.83 21.69 -31.77
N LEU G 563 -25.35 22.89 -32.12
CA LEU G 563 -23.93 23.06 -32.39
C LEU G 563 -23.09 22.76 -31.15
N PHE G 564 -23.57 23.22 -29.99
CA PHE G 564 -22.86 22.91 -28.75
C PHE G 564 -22.87 21.42 -28.44
N PHE G 565 -24.02 20.76 -28.63
CA PHE G 565 -24.17 19.38 -28.19
C PHE G 565 -23.47 18.40 -29.12
N LYS G 566 -23.60 18.59 -30.43
CA LYS G 566 -23.13 17.60 -31.38
C LYS G 566 -21.72 17.85 -31.89
N TYR G 567 -21.33 19.12 -32.04
CA TYR G 567 -20.03 19.46 -32.60
C TYR G 567 -19.02 19.92 -31.56
N GLU G 568 -19.43 20.77 -30.62
CA GLU G 568 -18.50 21.26 -29.61
C GLU G 568 -18.15 20.18 -28.59
N LEU G 569 -19.10 19.29 -28.28
CA LEU G 569 -18.81 18.20 -27.35
C LEU G 569 -17.74 17.28 -27.93
N ASN G 570 -17.82 16.98 -29.23
CA ASN G 570 -16.80 16.15 -29.86
C ASN G 570 -15.43 16.82 -29.82
N HIS G 571 -15.39 18.14 -30.06
CA HIS G 571 -14.13 18.87 -29.97
C HIS G 571 -13.58 18.82 -28.55
N LEU G 572 -14.44 18.96 -27.55
CA LEU G 572 -13.98 18.90 -26.16
C LEU G 572 -13.45 17.51 -25.82
N LEU G 573 -14.12 16.46 -26.28
CA LEU G 573 -13.75 15.09 -25.97
C LEU G 573 -12.61 14.57 -26.86
N GLU G 574 -12.22 15.32 -27.89
CA GLU G 574 -11.09 14.91 -28.72
C GLU G 574 -9.83 14.69 -27.90
N ASN G 575 -9.64 15.47 -26.84
CA ASN G 575 -8.49 15.33 -25.97
C ASN G 575 -8.72 14.34 -24.83
N TYR G 576 -9.90 13.70 -24.79
CA TYR G 576 -10.22 12.74 -23.74
C TYR G 576 -10.59 11.39 -24.32
N TRP G 594 -12.79 7.79 -13.60
CA TRP G 594 -13.53 8.34 -12.47
C TRP G 594 -13.22 9.82 -12.28
N ASP G 595 -11.93 10.14 -12.18
CA ASP G 595 -11.52 11.54 -12.05
C ASP G 595 -11.90 12.34 -13.30
N ASP G 596 -11.75 11.73 -14.48
CA ASP G 596 -12.10 12.41 -15.72
C ASP G 596 -13.60 12.74 -15.75
N ILE G 597 -14.44 11.86 -15.21
CA ILE G 597 -15.88 12.12 -15.19
C ILE G 597 -16.17 13.35 -14.33
N ILE G 598 -15.55 13.44 -13.16
CA ILE G 598 -15.77 14.58 -12.27
C ILE G 598 -15.26 15.86 -12.92
N GLU G 599 -14.08 15.80 -13.54
CA GLU G 599 -13.53 16.97 -14.21
C GLU G 599 -14.43 17.44 -15.34
N ALA G 600 -14.95 16.50 -16.13
CA ALA G 600 -15.87 16.85 -17.21
C ALA G 600 -17.15 17.44 -16.66
N SER G 601 -17.66 16.91 -15.55
CA SER G 601 -18.88 17.45 -14.95
C SER G 601 -18.66 18.90 -14.50
N ILE G 602 -17.54 19.16 -13.84
CA ILE G 602 -17.24 20.52 -13.39
C ILE G 602 -17.08 21.45 -14.59
N TYR G 603 -16.39 20.99 -15.63
CA TYR G 603 -16.20 21.80 -16.83
C TYR G 603 -17.52 22.11 -17.50
N ILE G 604 -18.41 21.12 -17.59
CA ILE G 604 -19.71 21.32 -18.21
C ILE G 604 -20.55 22.29 -17.40
N ASN G 605 -20.52 22.17 -16.07
CA ASN G 605 -21.27 23.08 -15.23
C ASN G 605 -20.77 24.52 -15.38
N ASP G 606 -19.45 24.70 -15.42
CA ASP G 606 -18.89 26.03 -15.60
C ASP G 606 -19.25 26.60 -16.96
N LYS G 607 -19.15 25.78 -18.01
CA LYS G 607 -19.49 26.25 -19.35
C LYS G 607 -20.97 26.61 -19.46
N PHE G 608 -21.85 25.84 -18.81
CA PHE G 608 -23.27 26.17 -18.82
C PHE G 608 -23.55 27.44 -18.04
N LYS G 609 -22.84 27.65 -16.93
CA LYS G 609 -22.97 28.90 -16.19
C LYS G 609 -22.57 30.08 -17.06
N GLU G 610 -21.47 29.94 -17.81
CA GLU G 610 -21.08 30.97 -18.76
C GLU G 610 -22.11 31.11 -19.87
N PHE G 611 -22.81 30.02 -20.20
CA PHE G 611 -23.78 30.05 -21.29
C PHE G 611 -24.93 30.99 -20.98
N THR G 612 -25.42 30.98 -19.75
CA THR G 612 -26.49 31.87 -19.34
C THR G 612 -26.08 32.74 -18.17
#